data_7CQ1
#
_entry.id   7CQ1
#
_entity_poly.entity_id   1
_entity_poly.type   'polypeptide(L)'
_entity_poly.pdbx_seq_one_letter_code
;MDTYYDHQLVGLMVQTATGEGVGVVTEVVHTAAGELLAVKRDSDEVLVPFVRAIVTSVSLDDGIVEIDPPHGLLNLELEH
HHHHH
;
_entity_poly.pdbx_strand_id   A
#
# COMPACT_ATOMS: atom_id res chain seq x y z
N MET A 1 4.66 13.53 -9.56
CA MET A 1 3.32 13.10 -10.07
C MET A 1 3.43 11.81 -10.88
N ASP A 2 4.18 10.85 -10.34
CA ASP A 2 4.37 9.57 -11.02
C ASP A 2 3.73 8.43 -10.23
N THR A 3 2.78 7.74 -10.86
CA THR A 3 2.08 6.63 -10.24
C THR A 3 2.31 5.33 -11.01
N TYR A 4 3.01 4.39 -10.39
CA TYR A 4 3.30 3.11 -11.04
C TYR A 4 2.10 2.16 -10.99
N TYR A 5 2.21 1.06 -11.71
CA TYR A 5 1.14 0.07 -11.76
C TYR A 5 0.98 -0.63 -10.42
N ASP A 6 -0.24 -1.01 -10.10
CA ASP A 6 -0.55 -1.68 -8.84
C ASP A 6 -0.15 -3.15 -8.92
N HIS A 7 -0.57 -3.81 -10.00
CA HIS A 7 -0.26 -5.22 -10.20
C HIS A 7 1.24 -5.45 -10.13
N GLN A 8 1.99 -4.37 -10.24
CA GLN A 8 3.45 -4.44 -10.19
C GLN A 8 3.96 -4.18 -8.78
N LEU A 9 3.24 -3.33 -8.04
CA LEU A 9 3.61 -2.98 -6.68
C LEU A 9 3.29 -4.11 -5.72
N VAL A 10 2.36 -4.99 -6.07
CA VAL A 10 2.02 -6.10 -5.22
C VAL A 10 3.24 -6.99 -5.01
N GLY A 11 3.53 -7.28 -3.75
CA GLY A 11 4.69 -8.09 -3.39
C GLY A 11 5.84 -7.26 -2.85
N LEU A 12 5.58 -5.98 -2.61
CA LEU A 12 6.59 -5.06 -2.08
C LEU A 12 6.33 -4.79 -0.61
N MET A 13 7.34 -4.28 0.09
CA MET A 13 7.20 -3.97 1.51
C MET A 13 6.57 -2.59 1.66
N VAL A 14 5.29 -2.55 1.98
CA VAL A 14 4.59 -1.27 2.12
C VAL A 14 4.52 -0.84 3.57
N GLN A 15 4.62 0.46 3.80
CA GLN A 15 4.55 1.00 5.15
C GLN A 15 3.91 2.38 5.14
N THR A 16 3.73 2.97 6.31
CA THR A 16 3.14 4.29 6.42
C THR A 16 4.22 5.35 6.40
N ALA A 17 3.82 6.60 6.15
CA ALA A 17 4.77 7.70 6.11
C ALA A 17 5.48 7.86 7.44
N THR A 18 4.75 7.62 8.53
CA THR A 18 5.32 7.74 9.87
C THR A 18 6.39 6.67 10.10
N GLY A 19 6.35 5.62 9.29
CA GLY A 19 7.32 4.55 9.41
C GLY A 19 6.74 3.27 9.97
N GLU A 20 5.43 3.10 9.85
CA GLU A 20 4.77 1.90 10.36
C GLU A 20 4.83 0.78 9.33
N GLY A 21 5.54 -0.29 9.66
CA GLY A 21 5.66 -1.41 8.75
C GLY A 21 4.43 -2.28 8.73
N VAL A 22 3.48 -1.95 7.87
CA VAL A 22 2.25 -2.72 7.76
C VAL A 22 2.54 -4.14 7.27
N GLY A 23 3.54 -4.26 6.40
CA GLY A 23 3.92 -5.57 5.89
C GLY A 23 4.22 -5.55 4.41
N VAL A 24 4.15 -6.73 3.79
CA VAL A 24 4.40 -6.84 2.35
C VAL A 24 3.08 -7.00 1.62
N VAL A 25 2.82 -6.11 0.68
CA VAL A 25 1.59 -6.19 -0.07
C VAL A 25 1.59 -7.43 -0.93
N THR A 26 0.44 -8.06 -1.10
CA THR A 26 0.34 -9.27 -1.90
C THR A 26 -0.62 -9.10 -3.06
N GLU A 27 -1.39 -8.03 -3.06
CA GLU A 27 -2.34 -7.78 -4.12
C GLU A 27 -3.09 -6.46 -3.92
N VAL A 28 -3.64 -5.93 -5.01
CA VAL A 28 -4.42 -4.70 -4.95
C VAL A 28 -5.87 -4.99 -5.36
N VAL A 29 -6.83 -4.28 -4.75
CA VAL A 29 -8.23 -4.49 -5.08
C VAL A 29 -8.77 -3.39 -5.97
N HIS A 30 -9.20 -3.74 -7.17
CA HIS A 30 -9.73 -2.76 -8.11
C HIS A 30 -11.06 -2.22 -7.59
N THR A 31 -11.03 -1.04 -7.00
CA THR A 31 -12.23 -0.42 -6.45
C THR A 31 -12.90 0.46 -7.49
N ALA A 32 -13.97 1.14 -7.09
CA ALA A 32 -14.71 2.00 -8.00
C ALA A 32 -13.89 3.25 -8.35
N ALA A 33 -13.22 3.81 -7.34
CA ALA A 33 -12.42 5.01 -7.55
C ALA A 33 -11.03 4.67 -8.08
N GLY A 34 -10.51 3.52 -7.66
CA GLY A 34 -9.20 3.09 -8.10
C GLY A 34 -8.84 1.69 -7.67
N GLU A 35 -7.89 1.58 -6.74
CA GLU A 35 -7.45 0.28 -6.23
C GLU A 35 -7.16 0.34 -4.73
N LEU A 36 -7.03 -0.84 -4.13
CA LEU A 36 -6.73 -0.96 -2.70
C LEU A 36 -5.38 -1.63 -2.50
N LEU A 37 -4.91 -1.65 -1.26
CA LEU A 37 -3.63 -2.28 -0.94
C LEU A 37 -3.80 -3.42 0.05
N ALA A 38 -3.77 -4.64 -0.46
CA ALA A 38 -3.89 -5.81 0.40
C ALA A 38 -2.51 -6.21 0.91
N VAL A 39 -2.21 -5.81 2.15
CA VAL A 39 -0.91 -6.10 2.73
C VAL A 39 -1.00 -7.19 3.80
N LYS A 40 -0.03 -8.10 3.80
CA LYS A 40 0.01 -9.20 4.76
C LYS A 40 0.55 -8.75 6.10
N ARG A 41 -0.35 -8.50 7.05
CA ARG A 41 0.05 -8.07 8.38
C ARG A 41 0.86 -9.15 9.08
N ASP A 42 1.35 -8.83 10.27
CA ASP A 42 2.15 -9.78 11.05
C ASP A 42 1.37 -11.06 11.35
N SER A 43 0.14 -10.90 11.81
CA SER A 43 -0.69 -12.05 12.17
C SER A 43 -1.95 -12.13 11.31
N ASP A 44 -2.29 -11.05 10.63
CA ASP A 44 -3.48 -11.01 9.78
C ASP A 44 -3.20 -10.32 8.46
N GLU A 45 -4.20 -9.63 7.94
CA GLU A 45 -4.07 -8.92 6.67
C GLU A 45 -5.03 -7.74 6.60
N VAL A 46 -4.54 -6.60 6.13
CA VAL A 46 -5.37 -5.39 6.04
C VAL A 46 -5.35 -4.81 4.63
N LEU A 47 -6.30 -3.92 4.36
CA LEU A 47 -6.42 -3.28 3.06
C LEU A 47 -6.44 -1.76 3.18
N VAL A 48 -5.73 -1.07 2.28
CA VAL A 48 -5.69 0.39 2.31
C VAL A 48 -5.71 0.97 0.88
N PRO A 49 -6.57 1.98 0.63
CA PRO A 49 -6.70 2.61 -0.70
C PRO A 49 -5.38 3.16 -1.23
N PHE A 50 -5.04 2.75 -2.46
CA PHE A 50 -3.82 3.21 -3.11
C PHE A 50 -4.13 4.39 -4.01
N VAL A 51 -3.58 5.53 -3.66
CA VAL A 51 -3.79 6.76 -4.42
C VAL A 51 -2.51 7.56 -4.49
N ARG A 52 -2.23 8.12 -5.67
CA ARG A 52 -1.03 8.92 -5.87
C ARG A 52 -0.96 10.07 -4.86
N ALA A 53 -2.07 10.32 -4.17
CA ALA A 53 -2.13 11.40 -3.18
C ALA A 53 -1.68 10.91 -1.81
N ILE A 54 -2.20 9.76 -1.43
CA ILE A 54 -1.87 9.16 -0.14
C ILE A 54 -0.43 8.60 -0.14
N VAL A 55 -0.07 7.94 -1.23
CA VAL A 55 1.25 7.36 -1.37
C VAL A 55 2.33 8.44 -1.25
N THR A 56 3.31 8.18 -0.38
CA THR A 56 4.40 9.13 -0.16
C THR A 56 5.62 8.80 -1.02
N SER A 57 6.04 7.55 -0.95
CA SER A 57 7.20 7.11 -1.70
C SER A 57 6.96 5.75 -2.33
N VAL A 58 7.76 5.41 -3.34
CA VAL A 58 7.63 4.14 -4.03
C VAL A 58 8.97 3.62 -4.53
N SER A 59 9.46 2.57 -3.88
CA SER A 59 10.74 1.95 -4.26
C SER A 59 10.49 0.85 -5.27
N LEU A 60 10.95 1.04 -6.49
CA LEU A 60 10.76 0.07 -7.55
C LEU A 60 11.87 -0.98 -7.56
N ASP A 61 13.10 -0.50 -7.61
CA ASP A 61 14.27 -1.36 -7.64
C ASP A 61 14.55 -2.00 -6.30
N ASP A 62 14.30 -1.27 -5.21
CA ASP A 62 14.55 -1.78 -3.87
C ASP A 62 13.46 -2.77 -3.44
N GLY A 63 12.35 -2.76 -4.16
CA GLY A 63 11.26 -3.66 -3.84
C GLY A 63 10.54 -3.27 -2.55
N ILE A 64 10.18 -1.99 -2.45
CA ILE A 64 9.51 -1.48 -1.24
C ILE A 64 8.51 -0.38 -1.60
N VAL A 65 7.54 -0.15 -0.71
CA VAL A 65 6.51 0.88 -0.93
C VAL A 65 6.26 1.70 0.35
N GLU A 66 5.86 2.95 0.14
CA GLU A 66 5.56 3.89 1.21
C GLU A 66 4.20 4.52 0.96
N ILE A 67 3.37 4.59 2.01
CA ILE A 67 2.04 5.17 1.87
C ILE A 67 1.65 5.96 3.12
N ASP A 68 0.50 6.61 3.06
CA ASP A 68 0.00 7.39 4.19
C ASP A 68 -1.49 7.14 4.37
N PRO A 69 -1.84 6.04 5.07
CA PRO A 69 -3.24 5.67 5.33
C PRO A 69 -3.97 6.72 6.17
N PRO A 70 -5.21 7.08 5.78
CA PRO A 70 -6.00 8.06 6.53
C PRO A 70 -6.37 7.53 7.90
N HIS A 71 -6.10 8.32 8.94
CA HIS A 71 -6.38 7.91 10.32
C HIS A 71 -6.05 6.43 10.56
N GLY A 72 -7.06 5.62 10.89
CA GLY A 72 -6.83 4.20 11.15
C GLY A 72 -7.21 3.31 9.99
N LEU A 73 -7.26 3.88 8.79
CA LEU A 73 -7.62 3.13 7.58
C LEU A 73 -6.57 2.08 7.22
N LEU A 74 -5.40 2.16 7.86
CA LEU A 74 -4.33 1.20 7.59
C LEU A 74 -4.77 -0.22 7.95
N ASN A 75 -6.05 -0.37 8.31
CA ASN A 75 -6.59 -1.67 8.66
C ASN A 75 -7.91 -1.93 7.94
N LEU A 76 -7.90 -2.89 7.02
CA LEU A 76 -9.10 -3.24 6.24
C LEU A 76 -9.56 -2.07 5.38
N GLU A 77 -10.28 -2.38 4.31
CA GLU A 77 -10.78 -1.35 3.40
C GLU A 77 -11.94 -0.59 4.03
N MET A 1 7.13 10.26 -6.35
CA MET A 1 6.05 11.21 -6.72
C MET A 1 5.39 10.80 -8.04
N ASP A 2 5.29 9.50 -8.25
CA ASP A 2 4.69 8.97 -9.47
C ASP A 2 3.77 7.79 -9.15
N THR A 3 2.60 7.79 -9.77
CA THR A 3 1.62 6.74 -9.57
C THR A 3 1.94 5.52 -10.43
N TYR A 4 2.78 4.63 -9.90
CA TYR A 4 3.18 3.43 -10.62
C TYR A 4 2.05 2.41 -10.69
N TYR A 5 2.26 1.36 -11.48
CA TYR A 5 1.28 0.30 -11.65
C TYR A 5 1.07 -0.47 -10.34
N ASP A 6 -0.14 -0.96 -10.14
CA ASP A 6 -0.50 -1.70 -8.93
C ASP A 6 0.02 -3.13 -8.98
N HIS A 7 -0.29 -3.84 -10.06
CA HIS A 7 0.15 -5.23 -10.22
C HIS A 7 1.66 -5.34 -10.11
N GLN A 8 2.33 -4.19 -10.18
CA GLN A 8 3.78 -4.14 -10.08
C GLN A 8 4.21 -3.89 -8.64
N LEU A 9 3.40 -3.11 -7.94
CA LEU A 9 3.66 -2.79 -6.54
C LEU A 9 3.41 -4.00 -5.65
N VAL A 10 2.58 -4.93 -6.13
CA VAL A 10 2.28 -6.13 -5.37
C VAL A 10 3.57 -6.90 -5.05
N GLY A 11 3.67 -7.36 -3.82
CA GLY A 11 4.85 -8.11 -3.38
C GLY A 11 5.93 -7.23 -2.79
N LEU A 12 5.67 -5.93 -2.69
CA LEU A 12 6.64 -5.00 -2.11
C LEU A 12 6.36 -4.76 -0.64
N MET A 13 7.35 -4.23 0.07
CA MET A 13 7.19 -3.96 1.49
C MET A 13 6.51 -2.62 1.70
N VAL A 14 5.23 -2.66 2.03
CA VAL A 14 4.46 -1.45 2.23
C VAL A 14 4.58 -0.92 3.65
N GLN A 15 4.60 0.40 3.78
CA GLN A 15 4.70 1.03 5.10
C GLN A 15 4.11 2.43 5.06
N THR A 16 3.86 3.00 6.23
CA THR A 16 3.32 4.34 6.29
C THR A 16 4.43 5.38 6.32
N ALA A 17 4.09 6.61 5.99
CA ALA A 17 5.07 7.69 5.98
C ALA A 17 5.73 7.84 7.35
N THR A 18 4.95 7.58 8.41
CA THR A 18 5.46 7.68 9.77
C THR A 18 6.49 6.59 10.04
N GLY A 19 6.46 5.54 9.24
CA GLY A 19 7.41 4.45 9.41
C GLY A 19 6.79 3.18 9.95
N GLU A 20 5.49 3.02 9.76
CA GLU A 20 4.79 1.83 10.26
C GLU A 20 4.89 0.69 9.26
N GLY A 21 5.58 -0.39 9.66
CA GLY A 21 5.74 -1.53 8.79
C GLY A 21 4.49 -2.39 8.74
N VAL A 22 3.56 -2.03 7.86
CA VAL A 22 2.32 -2.78 7.72
C VAL A 22 2.59 -4.20 7.23
N GLY A 23 3.61 -4.35 6.39
CA GLY A 23 3.96 -5.67 5.88
C GLY A 23 4.29 -5.64 4.40
N VAL A 24 4.15 -6.79 3.74
CA VAL A 24 4.41 -6.89 2.31
C VAL A 24 3.11 -7.05 1.56
N VAL A 25 2.88 -6.16 0.60
CA VAL A 25 1.65 -6.21 -0.18
C VAL A 25 1.63 -7.49 -1.02
N THR A 26 0.44 -8.06 -1.20
CA THR A 26 0.31 -9.27 -1.99
C THR A 26 -0.67 -9.10 -3.13
N GLU A 27 -1.48 -8.04 -3.08
CA GLU A 27 -2.46 -7.80 -4.13
C GLU A 27 -3.18 -6.48 -3.95
N VAL A 28 -3.67 -5.93 -5.06
CA VAL A 28 -4.43 -4.69 -5.05
C VAL A 28 -5.88 -4.97 -5.47
N VAL A 29 -6.85 -4.28 -4.87
CA VAL A 29 -8.26 -4.51 -5.22
C VAL A 29 -8.80 -3.39 -6.10
N HIS A 30 -9.18 -3.73 -7.32
CA HIS A 30 -9.72 -2.75 -8.25
C HIS A 30 -11.09 -2.27 -7.77
N THR A 31 -11.09 -1.10 -7.14
CA THR A 31 -12.33 -0.53 -6.61
C THR A 31 -12.99 0.36 -7.66
N ALA A 32 -14.10 0.99 -7.28
CA ALA A 32 -14.81 1.87 -8.19
C ALA A 32 -14.03 3.15 -8.44
N ALA A 33 -13.47 3.72 -7.38
CA ALA A 33 -12.70 4.93 -7.47
C ALA A 33 -11.30 4.67 -7.99
N GLY A 34 -10.76 3.50 -7.66
CA GLY A 34 -9.42 3.15 -8.10
C GLY A 34 -9.03 1.73 -7.69
N GLU A 35 -8.08 1.63 -6.76
CA GLU A 35 -7.60 0.33 -6.27
C GLU A 35 -7.34 0.36 -4.77
N LEU A 36 -7.17 -0.82 -4.19
CA LEU A 36 -6.88 -0.95 -2.76
C LEU A 36 -5.51 -1.60 -2.56
N LEU A 37 -5.04 -1.61 -1.31
CA LEU A 37 -3.75 -2.21 -1.02
C LEU A 37 -3.88 -3.34 -0.01
N ALA A 38 -3.83 -4.57 -0.49
CA ALA A 38 -3.91 -5.74 0.39
C ALA A 38 -2.51 -6.12 0.86
N VAL A 39 -2.17 -5.72 2.07
CA VAL A 39 -0.85 -6.00 2.62
C VAL A 39 -0.90 -7.05 3.72
N LYS A 40 0.05 -7.98 3.67
CA LYS A 40 0.13 -9.05 4.66
C LYS A 40 0.61 -8.54 6.00
N ARG A 41 -0.34 -8.33 6.91
CA ARG A 41 -0.03 -7.83 8.25
C ARG A 41 0.66 -8.91 9.08
N ASP A 42 1.33 -8.49 10.15
CA ASP A 42 2.03 -9.42 11.04
C ASP A 42 1.07 -10.41 11.68
N SER A 43 -0.11 -9.92 12.07
CA SER A 43 -1.09 -10.78 12.72
C SER A 43 -2.12 -11.33 11.74
N ASP A 44 -2.24 -10.68 10.58
CA ASP A 44 -3.20 -11.14 9.56
C ASP A 44 -3.00 -10.37 8.25
N GLU A 45 -4.03 -9.62 7.84
CA GLU A 45 -3.96 -8.84 6.61
C GLU A 45 -4.88 -7.63 6.67
N VAL A 46 -4.52 -6.58 5.96
CA VAL A 46 -5.32 -5.35 5.93
C VAL A 46 -5.35 -4.73 4.54
N LEU A 47 -6.30 -3.82 4.33
CA LEU A 47 -6.45 -3.16 3.05
C LEU A 47 -6.44 -1.64 3.18
N VAL A 48 -5.77 -0.95 2.25
CA VAL A 48 -5.72 0.51 2.27
C VAL A 48 -5.86 1.06 0.84
N PRO A 49 -6.71 2.08 0.63
CA PRO A 49 -6.93 2.66 -0.70
C PRO A 49 -5.67 3.19 -1.36
N PHE A 50 -5.34 2.63 -2.51
CA PHE A 50 -4.16 3.05 -3.27
C PHE A 50 -4.51 4.28 -4.10
N VAL A 51 -3.92 5.40 -3.73
CA VAL A 51 -4.18 6.65 -4.42
C VAL A 51 -2.90 7.49 -4.50
N ARG A 52 -2.74 8.22 -5.59
CA ARG A 52 -1.57 9.07 -5.77
C ARG A 52 -1.41 10.03 -4.59
N ALA A 53 -2.48 10.18 -3.82
CA ALA A 53 -2.48 11.08 -2.67
C ALA A 53 -2.03 10.32 -1.42
N ILE A 54 -2.40 9.05 -1.35
CA ILE A 54 -2.05 8.19 -0.24
C ILE A 54 -0.59 7.77 -0.30
N VAL A 55 -0.19 7.21 -1.43
CA VAL A 55 1.20 6.77 -1.62
C VAL A 55 2.17 7.92 -1.41
N THR A 56 3.12 7.73 -0.50
CA THR A 56 4.11 8.75 -0.18
C THR A 56 5.45 8.46 -0.88
N SER A 57 5.79 7.18 -0.97
CA SER A 57 7.04 6.77 -1.59
C SER A 57 6.88 5.47 -2.36
N VAL A 58 7.85 5.18 -3.22
CA VAL A 58 7.83 3.96 -4.00
C VAL A 58 9.23 3.45 -4.26
N SER A 59 9.41 2.14 -4.17
CA SER A 59 10.71 1.51 -4.39
C SER A 59 10.58 0.39 -5.41
N LEU A 60 10.83 0.72 -6.67
CA LEU A 60 10.74 -0.26 -7.75
C LEU A 60 11.93 -1.22 -7.75
N ASP A 61 13.12 -0.67 -7.62
CA ASP A 61 14.34 -1.46 -7.63
C ASP A 61 14.64 -2.05 -6.24
N ASP A 62 14.34 -1.29 -5.20
CA ASP A 62 14.59 -1.72 -3.84
C ASP A 62 13.55 -2.74 -3.37
N GLY A 63 12.37 -2.68 -3.98
CA GLY A 63 11.31 -3.61 -3.61
C GLY A 63 10.57 -3.19 -2.36
N ILE A 64 10.13 -1.92 -2.32
CA ILE A 64 9.41 -1.41 -1.15
C ILE A 64 8.35 -0.38 -1.55
N VAL A 65 7.40 -0.12 -0.65
CA VAL A 65 6.34 0.84 -0.89
C VAL A 65 6.02 1.64 0.38
N GLU A 66 5.65 2.90 0.18
CA GLU A 66 5.29 3.79 1.28
C GLU A 66 3.93 4.43 1.01
N ILE A 67 3.16 4.67 2.07
CA ILE A 67 1.84 5.25 1.94
C ILE A 67 1.50 6.09 3.16
N ASP A 68 0.36 6.77 3.10
CA ASP A 68 -0.10 7.60 4.20
C ASP A 68 -1.58 7.34 4.44
N PRO A 69 -1.90 6.21 5.08
CA PRO A 69 -3.28 5.84 5.38
C PRO A 69 -3.97 6.87 6.26
N PRO A 70 -5.20 7.29 5.91
CA PRO A 70 -5.93 8.29 6.69
C PRO A 70 -6.35 7.70 8.04
N HIS A 71 -6.02 8.41 9.12
CA HIS A 71 -6.36 7.94 10.46
C HIS A 71 -5.90 6.49 10.65
N GLY A 72 -6.83 5.61 11.00
CA GLY A 72 -6.49 4.21 11.21
C GLY A 72 -6.87 3.33 10.02
N LEU A 73 -7.04 3.95 8.85
CA LEU A 73 -7.43 3.23 7.64
C LEU A 73 -6.39 2.19 7.22
N LEU A 74 -5.20 2.23 7.83
CA LEU A 74 -4.16 1.27 7.50
C LEU A 74 -4.61 -0.16 7.82
N ASN A 75 -5.88 -0.31 8.20
CA ASN A 75 -6.43 -1.60 8.53
C ASN A 75 -7.77 -1.83 7.83
N LEU A 76 -7.80 -2.76 6.89
CA LEU A 76 -9.02 -3.07 6.14
C LEU A 76 -9.49 -1.88 5.31
N GLU A 77 -10.22 -2.15 4.23
CA GLU A 77 -10.72 -1.11 3.36
C GLU A 77 -11.84 -0.32 4.02
N MET A 1 0.36 13.75 -9.80
CA MET A 1 0.36 13.58 -11.27
C MET A 1 0.78 12.17 -11.65
N ASP A 2 2.08 11.88 -11.51
CA ASP A 2 2.60 10.56 -11.85
C ASP A 2 2.10 9.52 -10.86
N THR A 3 2.05 8.27 -11.32
CA THR A 3 1.59 7.17 -10.49
C THR A 3 2.42 5.92 -10.75
N TYR A 4 2.16 4.88 -9.97
CA TYR A 4 2.89 3.63 -10.10
C TYR A 4 1.94 2.46 -10.34
N TYR A 5 2.39 1.49 -11.14
CA TYR A 5 1.59 0.31 -11.46
C TYR A 5 1.28 -0.48 -10.19
N ASP A 6 0.03 -0.91 -10.06
CA ASP A 6 -0.39 -1.68 -8.90
C ASP A 6 0.09 -3.13 -9.00
N HIS A 7 -0.21 -3.77 -10.12
CA HIS A 7 0.19 -5.15 -10.34
C HIS A 7 1.69 -5.32 -10.17
N GLN A 8 2.41 -4.20 -10.18
CA GLN A 8 3.84 -4.21 -10.02
C GLN A 8 4.24 -3.98 -8.57
N LEU A 9 3.46 -3.17 -7.87
CA LEU A 9 3.72 -2.86 -6.48
C LEU A 9 3.38 -4.03 -5.56
N VAL A 10 2.48 -4.90 -6.01
CA VAL A 10 2.11 -6.06 -5.21
C VAL A 10 3.33 -6.96 -5.00
N GLY A 11 3.57 -7.31 -3.74
CA GLY A 11 4.70 -8.14 -3.39
C GLY A 11 5.85 -7.32 -2.82
N LEU A 12 5.62 -6.03 -2.63
CA LEU A 12 6.64 -5.13 -2.08
C LEU A 12 6.35 -4.86 -0.60
N MET A 13 7.35 -4.34 0.11
CA MET A 13 7.18 -4.03 1.52
C MET A 13 6.51 -2.68 1.70
N VAL A 14 5.23 -2.70 2.04
CA VAL A 14 4.47 -1.48 2.23
C VAL A 14 4.61 -0.94 3.65
N GLN A 15 4.64 0.38 3.78
CA GLN A 15 4.76 1.01 5.08
C GLN A 15 4.12 2.39 5.06
N THR A 16 3.93 2.98 6.23
CA THR A 16 3.35 4.31 6.32
C THR A 16 4.43 5.38 6.36
N ALA A 17 4.05 6.61 6.05
CA ALA A 17 4.99 7.72 6.05
C ALA A 17 5.68 7.86 7.40
N THR A 18 4.93 7.60 8.48
CA THR A 18 5.47 7.69 9.83
C THR A 18 6.53 6.61 10.07
N GLY A 19 6.49 5.56 9.26
CA GLY A 19 7.46 4.49 9.38
C GLY A 19 6.86 3.21 9.93
N GLU A 20 5.54 3.05 9.78
CA GLU A 20 4.86 1.87 10.26
C GLU A 20 4.94 0.73 9.25
N GLY A 21 5.62 -0.34 9.64
CA GLY A 21 5.75 -1.48 8.74
C GLY A 21 4.48 -2.32 8.70
N VAL A 22 3.56 -1.94 7.83
CA VAL A 22 2.30 -2.68 7.71
C VAL A 22 2.55 -4.11 7.24
N GLY A 23 3.56 -4.28 6.39
CA GLY A 23 3.88 -5.61 5.88
C GLY A 23 4.20 -5.60 4.41
N VAL A 24 4.08 -6.76 3.78
CA VAL A 24 4.34 -6.88 2.34
C VAL A 24 3.01 -7.03 1.61
N VAL A 25 2.79 -6.16 0.63
CA VAL A 25 1.55 -6.22 -0.12
C VAL A 25 1.52 -7.47 -0.98
N THR A 26 0.36 -8.06 -1.14
CA THR A 26 0.24 -9.28 -1.94
C THR A 26 -0.70 -9.08 -3.12
N GLU A 27 -1.46 -7.99 -3.12
CA GLU A 27 -2.39 -7.74 -4.20
C GLU A 27 -3.14 -6.41 -4.02
N VAL A 28 -3.60 -5.85 -5.14
CA VAL A 28 -4.37 -4.62 -5.12
C VAL A 28 -5.81 -4.92 -5.57
N VAL A 29 -6.79 -4.21 -4.99
CA VAL A 29 -8.18 -4.44 -5.37
C VAL A 29 -8.74 -3.28 -6.18
N HIS A 30 -9.09 -3.56 -7.43
CA HIS A 30 -9.64 -2.53 -8.31
C HIS A 30 -11.02 -2.11 -7.82
N THR A 31 -11.07 -0.97 -7.13
CA THR A 31 -12.33 -0.47 -6.60
C THR A 31 -13.01 0.45 -7.62
N ALA A 32 -14.13 1.03 -7.22
CA ALA A 32 -14.88 1.92 -8.09
C ALA A 32 -14.13 3.22 -8.33
N ALA A 33 -13.52 3.75 -7.27
CA ALA A 33 -12.77 5.00 -7.37
C ALA A 33 -11.36 4.77 -7.88
N GLY A 34 -10.79 3.61 -7.53
CA GLY A 34 -9.44 3.30 -7.96
C GLY A 34 -9.03 1.87 -7.61
N GLU A 35 -8.08 1.74 -6.69
CA GLU A 35 -7.58 0.44 -6.27
C GLU A 35 -7.34 0.42 -4.76
N LEU A 36 -7.14 -0.79 -4.22
CA LEU A 36 -6.88 -0.97 -2.79
C LEU A 36 -5.50 -1.59 -2.59
N LEU A 37 -5.05 -1.64 -1.34
CA LEU A 37 -3.76 -2.23 -1.03
C LEU A 37 -3.89 -3.36 -0.02
N ALA A 38 -3.85 -4.60 -0.50
CA ALA A 38 -3.95 -5.75 0.38
C ALA A 38 -2.57 -6.13 0.87
N VAL A 39 -2.26 -5.72 2.10
CA VAL A 39 -0.95 -5.99 2.69
C VAL A 39 -1.05 -7.06 3.77
N LYS A 40 -0.08 -7.96 3.77
CA LYS A 40 -0.04 -9.05 4.74
C LYS A 40 0.55 -8.60 6.07
N ARG A 41 -0.32 -8.30 7.03
CA ARG A 41 0.11 -7.86 8.35
C ARG A 41 0.94 -8.95 9.03
N ASP A 42 1.47 -8.63 10.21
CA ASP A 42 2.28 -9.59 10.96
C ASP A 42 1.53 -10.89 11.20
N SER A 43 0.30 -10.79 11.66
CA SER A 43 -0.50 -11.97 11.94
C SER A 43 -1.80 -11.99 11.13
N ASP A 44 -2.19 -10.84 10.61
CA ASP A 44 -3.41 -10.74 9.81
C ASP A 44 -3.13 -10.09 8.46
N GLU A 45 -4.16 -9.51 7.85
CA GLU A 45 -4.02 -8.85 6.56
C GLU A 45 -5.01 -7.70 6.44
N VAL A 46 -4.49 -6.50 6.24
CA VAL A 46 -5.31 -5.30 6.12
C VAL A 46 -5.29 -4.73 4.71
N LEU A 47 -6.25 -3.86 4.43
CA LEU A 47 -6.36 -3.23 3.13
C LEU A 47 -6.41 -1.70 3.24
N VAL A 48 -5.76 -1.01 2.29
CA VAL A 48 -5.75 0.44 2.29
C VAL A 48 -5.89 0.98 0.85
N PRO A 49 -6.78 1.97 0.63
CA PRO A 49 -7.01 2.52 -0.71
C PRO A 49 -5.76 3.07 -1.37
N PHE A 50 -5.41 2.50 -2.52
CA PHE A 50 -4.25 2.94 -3.28
C PHE A 50 -4.60 4.17 -4.10
N VAL A 51 -3.97 5.28 -3.78
CA VAL A 51 -4.21 6.53 -4.46
C VAL A 51 -2.93 7.32 -4.62
N ARG A 52 -2.82 8.07 -5.70
CA ARG A 52 -1.64 8.89 -5.95
C ARG A 52 -1.39 9.84 -4.79
N ALA A 53 -2.41 10.01 -3.95
CA ALA A 53 -2.32 10.90 -2.80
C ALA A 53 -1.82 10.12 -1.58
N ILE A 54 -2.46 8.99 -1.34
CA ILE A 54 -2.12 8.12 -0.21
C ILE A 54 -0.65 7.70 -0.27
N VAL A 55 -0.24 7.12 -1.39
CA VAL A 55 1.13 6.67 -1.58
C VAL A 55 2.10 7.85 -1.53
N THR A 56 3.06 7.78 -0.63
CA THR A 56 4.05 8.86 -0.48
C THR A 56 5.36 8.51 -1.16
N SER A 57 5.88 7.33 -0.86
CA SER A 57 7.14 6.89 -1.45
C SER A 57 7.02 5.53 -2.11
N VAL A 58 7.97 5.23 -2.98
CA VAL A 58 7.98 3.98 -3.70
C VAL A 58 9.41 3.56 -4.04
N SER A 59 9.67 2.26 -3.99
CA SER A 59 10.99 1.73 -4.30
C SER A 59 10.89 0.59 -5.31
N LEU A 60 11.06 0.92 -6.58
CA LEU A 60 10.95 -0.07 -7.64
C LEU A 60 12.19 -0.97 -7.70
N ASP A 61 13.34 -0.43 -7.30
CA ASP A 61 14.59 -1.17 -7.34
C ASP A 61 14.84 -1.92 -6.02
N ASP A 62 14.47 -1.30 -4.90
CA ASP A 62 14.69 -1.90 -3.60
C ASP A 62 13.57 -2.89 -3.23
N GLY A 63 12.50 -2.87 -4.00
CA GLY A 63 11.39 -3.77 -3.73
C GLY A 63 10.63 -3.38 -2.48
N ILE A 64 10.26 -2.09 -2.39
CA ILE A 64 9.55 -1.59 -1.22
C ILE A 64 8.52 -0.53 -1.62
N VAL A 65 7.55 -0.29 -0.73
CA VAL A 65 6.48 0.69 -0.97
C VAL A 65 6.11 1.45 0.30
N GLU A 66 5.67 2.69 0.12
CA GLU A 66 5.25 3.53 1.23
C GLU A 66 3.89 4.15 0.94
N ILE A 67 3.21 4.53 2.01
CA ILE A 67 1.89 5.13 1.90
C ILE A 67 1.58 5.99 3.13
N ASP A 68 0.43 6.65 3.09
CA ASP A 68 -0.01 7.48 4.20
C ASP A 68 -1.49 7.24 4.45
N PRO A 69 -1.81 6.14 5.16
CA PRO A 69 -3.19 5.80 5.46
C PRO A 69 -3.88 6.88 6.30
N PRO A 70 -5.10 7.28 5.92
CA PRO A 70 -5.84 8.31 6.68
C PRO A 70 -6.32 7.76 8.01
N HIS A 71 -6.00 8.47 9.09
CA HIS A 71 -6.39 8.03 10.43
C HIS A 71 -5.97 6.57 10.65
N GLY A 72 -6.94 5.71 10.96
CA GLY A 72 -6.65 4.31 11.20
C GLY A 72 -7.02 3.42 10.02
N LEU A 73 -7.11 4.02 8.84
CA LEU A 73 -7.47 3.28 7.62
C LEU A 73 -6.43 2.24 7.24
N LEU A 74 -5.26 2.30 7.87
CA LEU A 74 -4.20 1.34 7.58
C LEU A 74 -4.67 -0.09 7.91
N ASN A 75 -5.93 -0.21 8.30
CA ASN A 75 -6.51 -1.51 8.64
C ASN A 75 -7.84 -1.72 7.93
N LEU A 76 -7.88 -2.73 7.05
CA LEU A 76 -9.09 -3.05 6.30
C LEU A 76 -9.53 -1.90 5.41
N GLU A 77 -10.39 -2.19 4.45
CA GLU A 77 -10.89 -1.18 3.53
C GLU A 77 -12.04 -0.38 4.14
N MET A 1 3.18 14.54 -10.79
CA MET A 1 2.40 13.61 -11.65
C MET A 1 3.26 12.43 -12.09
N ASP A 2 2.83 11.23 -11.72
CA ASP A 2 3.56 10.02 -12.07
C ASP A 2 2.74 8.77 -11.77
N THR A 3 2.54 8.49 -10.48
CA THR A 3 1.78 7.33 -10.06
C THR A 3 2.50 6.03 -10.44
N TYR A 4 2.29 4.99 -9.66
CA TYR A 4 2.94 3.71 -9.91
C TYR A 4 1.92 2.60 -10.17
N TYR A 5 2.29 1.65 -11.02
CA TYR A 5 1.42 0.54 -11.37
C TYR A 5 1.09 -0.29 -10.14
N ASP A 6 -0.15 -0.80 -10.09
CA ASP A 6 -0.59 -1.61 -8.96
C ASP A 6 -0.03 -3.02 -9.04
N HIS A 7 -0.30 -3.70 -10.16
CA HIS A 7 0.18 -5.05 -10.37
C HIS A 7 1.69 -5.16 -10.18
N GLN A 8 2.35 -4.00 -10.17
CA GLN A 8 3.79 -3.94 -9.99
C GLN A 8 4.16 -3.71 -8.53
N LEU A 9 3.32 -2.95 -7.83
CA LEU A 9 3.56 -2.63 -6.43
C LEU A 9 3.26 -3.83 -5.54
N VAL A 10 2.41 -4.73 -6.01
CA VAL A 10 2.08 -5.92 -5.24
C VAL A 10 3.32 -6.78 -5.04
N GLY A 11 3.58 -7.15 -3.78
CA GLY A 11 4.74 -7.95 -3.44
C GLY A 11 5.86 -7.12 -2.85
N LEU A 12 5.59 -5.84 -2.62
CA LEU A 12 6.58 -4.94 -2.03
C LEU A 12 6.26 -4.70 -0.56
N MET A 13 7.26 -4.25 0.19
CA MET A 13 7.06 -3.98 1.62
C MET A 13 6.45 -2.61 1.81
N VAL A 14 5.15 -2.57 2.09
CA VAL A 14 4.45 -1.30 2.27
C VAL A 14 4.56 -0.81 3.71
N GLN A 15 4.66 0.51 3.86
CA GLN A 15 4.74 1.11 5.19
C GLN A 15 4.18 2.52 5.16
N THR A 16 3.89 3.06 6.33
CA THR A 16 3.37 4.41 6.42
C THR A 16 4.50 5.43 6.36
N ALA A 17 4.14 6.68 6.08
CA ALA A 17 5.13 7.75 6.01
C ALA A 17 5.90 7.85 7.32
N THR A 18 5.21 7.60 8.43
CA THR A 18 5.83 7.66 9.74
C THR A 18 6.84 6.52 9.92
N GLY A 19 6.70 5.48 9.11
CA GLY A 19 7.60 4.35 9.18
C GLY A 19 6.97 3.10 9.75
N GLU A 20 5.64 2.99 9.69
CA GLU A 20 4.96 1.81 10.21
C GLU A 20 4.98 0.68 9.20
N GLY A 21 5.67 -0.41 9.55
CA GLY A 21 5.75 -1.55 8.66
C GLY A 21 4.49 -2.38 8.66
N VAL A 22 3.54 -2.02 7.81
CA VAL A 22 2.29 -2.74 7.72
C VAL A 22 2.52 -4.17 7.23
N GLY A 23 3.55 -4.35 6.40
CA GLY A 23 3.87 -5.66 5.87
C GLY A 23 4.21 -5.61 4.40
N VAL A 24 4.05 -6.75 3.73
CA VAL A 24 4.32 -6.84 2.30
C VAL A 24 3.01 -7.00 1.55
N VAL A 25 2.76 -6.09 0.62
CA VAL A 25 1.53 -6.15 -0.15
C VAL A 25 1.55 -7.38 -1.03
N THR A 26 0.40 -8.01 -1.22
CA THR A 26 0.32 -9.20 -2.05
C THR A 26 -0.62 -9.00 -3.23
N GLU A 27 -1.40 -7.92 -3.20
CA GLU A 27 -2.34 -7.65 -4.29
C GLU A 27 -3.10 -6.35 -4.08
N VAL A 28 -3.61 -5.80 -5.18
CA VAL A 28 -4.42 -4.60 -5.13
C VAL A 28 -5.87 -4.93 -5.50
N VAL A 29 -6.84 -4.28 -4.87
CA VAL A 29 -8.25 -4.56 -5.17
C VAL A 29 -8.84 -3.50 -6.08
N HIS A 30 -9.27 -3.91 -7.26
CA HIS A 30 -9.86 -2.98 -8.22
C HIS A 30 -11.20 -2.48 -7.70
N THR A 31 -11.20 -1.28 -7.13
CA THR A 31 -12.42 -0.70 -6.60
C THR A 31 -13.15 0.12 -7.65
N ALA A 32 -14.24 0.76 -7.24
CA ALA A 32 -15.03 1.58 -8.16
C ALA A 32 -14.30 2.88 -8.48
N ALA A 33 -13.69 3.47 -7.46
CA ALA A 33 -12.97 4.72 -7.63
C ALA A 33 -11.54 4.49 -8.14
N GLY A 34 -10.96 3.37 -7.73
CA GLY A 34 -9.61 3.04 -8.14
C GLY A 34 -9.18 1.64 -7.72
N GLU A 35 -8.25 1.56 -6.77
CA GLU A 35 -7.74 0.29 -6.28
C GLU A 35 -7.46 0.34 -4.78
N LEU A 36 -7.25 -0.82 -4.19
CA LEU A 36 -6.94 -0.94 -2.76
C LEU A 36 -5.57 -1.58 -2.56
N LEU A 37 -5.08 -1.59 -1.33
CA LEU A 37 -3.79 -2.18 -1.03
C LEU A 37 -3.92 -3.34 -0.05
N ALA A 38 -3.86 -4.56 -0.58
CA ALA A 38 -3.95 -5.75 0.27
C ALA A 38 -2.56 -6.11 0.78
N VAL A 39 -2.27 -5.72 2.02
CA VAL A 39 -0.97 -5.99 2.61
C VAL A 39 -1.06 -7.06 3.69
N LYS A 40 -0.11 -7.99 3.65
CA LYS A 40 -0.07 -9.09 4.62
C LYS A 40 0.50 -8.63 5.95
N ARG A 41 -0.37 -8.46 6.94
CA ARG A 41 0.04 -8.02 8.26
C ARG A 41 0.88 -9.10 8.95
N ASP A 42 1.38 -8.79 10.13
CA ASP A 42 2.20 -9.72 10.89
C ASP A 42 1.42 -11.00 11.23
N SER A 43 0.20 -10.83 11.72
CA SER A 43 -0.61 -11.98 12.12
C SER A 43 -1.86 -12.11 11.25
N ASP A 44 -2.25 -11.03 10.57
CA ASP A 44 -3.44 -11.05 9.72
C ASP A 44 -3.18 -10.32 8.41
N GLU A 45 -4.18 -9.58 7.93
CA GLU A 45 -4.07 -8.84 6.69
C GLU A 45 -5.00 -7.63 6.70
N VAL A 46 -4.56 -6.54 6.08
CA VAL A 46 -5.36 -5.32 6.03
C VAL A 46 -5.37 -4.71 4.63
N LEU A 47 -6.32 -3.83 4.39
CA LEU A 47 -6.46 -3.17 3.09
C LEU A 47 -6.49 -1.65 3.23
N VAL A 48 -5.84 -0.96 2.30
CA VAL A 48 -5.83 0.51 2.32
C VAL A 48 -5.96 1.07 0.90
N PRO A 49 -6.82 2.09 0.69
CA PRO A 49 -7.04 2.68 -0.63
C PRO A 49 -5.77 3.19 -1.30
N PHE A 50 -5.48 2.63 -2.48
CA PHE A 50 -4.30 3.03 -3.24
C PHE A 50 -4.63 4.25 -4.10
N VAL A 51 -3.99 5.37 -3.79
CA VAL A 51 -4.22 6.60 -4.52
C VAL A 51 -2.92 7.38 -4.66
N ARG A 52 -2.80 8.14 -5.74
CA ARG A 52 -1.61 8.95 -5.99
C ARG A 52 -1.34 9.87 -4.81
N ALA A 53 -2.37 10.06 -3.97
CA ALA A 53 -2.25 10.93 -2.80
C ALA A 53 -1.77 10.14 -1.60
N ILE A 54 -2.41 9.00 -1.37
CA ILE A 54 -2.07 8.12 -0.26
C ILE A 54 -0.60 7.72 -0.30
N VAL A 55 -0.18 7.18 -1.44
CA VAL A 55 1.21 6.77 -1.61
C VAL A 55 2.17 7.95 -1.52
N THR A 56 3.19 7.81 -0.68
CA THR A 56 4.17 8.87 -0.49
C THR A 56 5.44 8.60 -1.29
N SER A 57 5.97 7.40 -1.16
CA SER A 57 7.19 7.01 -1.86
C SER A 57 7.09 5.60 -2.42
N VAL A 58 8.09 5.22 -3.20
CA VAL A 58 8.12 3.90 -3.82
C VAL A 58 9.55 3.42 -4.01
N SER A 59 9.74 2.11 -3.95
CA SER A 59 11.06 1.50 -4.13
C SER A 59 10.98 0.38 -5.15
N LEU A 60 11.09 0.73 -6.42
CA LEU A 60 11.01 -0.24 -7.50
C LEU A 60 12.24 -1.15 -7.54
N ASP A 61 13.38 -0.62 -7.12
CA ASP A 61 14.63 -1.38 -7.12
C ASP A 61 14.84 -2.15 -5.82
N ASP A 62 14.51 -1.52 -4.70
CA ASP A 62 14.68 -2.15 -3.40
C ASP A 62 13.54 -3.09 -3.06
N GLY A 63 12.40 -2.91 -3.73
CA GLY A 63 11.24 -3.74 -3.47
C GLY A 63 10.50 -3.32 -2.23
N ILE A 64 10.18 -2.03 -2.14
CA ILE A 64 9.48 -1.49 -0.98
C ILE A 64 8.46 -0.42 -1.39
N VAL A 65 7.49 -0.17 -0.51
CA VAL A 65 6.46 0.83 -0.78
C VAL A 65 6.18 1.69 0.46
N GLU A 66 5.85 2.95 0.21
CA GLU A 66 5.53 3.92 1.24
C GLU A 66 4.13 4.47 1.01
N ILE A 67 3.38 4.65 2.09
CA ILE A 67 2.01 5.17 1.98
C ILE A 67 1.68 6.06 3.17
N ASP A 68 0.50 6.67 3.12
CA ASP A 68 0.05 7.52 4.19
C ASP A 68 -1.44 7.28 4.45
N PRO A 69 -1.76 6.14 5.07
CA PRO A 69 -3.15 5.77 5.36
C PRO A 69 -3.83 6.82 6.24
N PRO A 70 -5.06 7.23 5.89
CA PRO A 70 -5.80 8.23 6.67
C PRO A 70 -6.22 7.69 8.02
N HIS A 71 -5.90 8.42 9.08
CA HIS A 71 -6.24 7.98 10.44
C HIS A 71 -5.87 6.51 10.66
N GLY A 72 -6.85 5.69 11.01
CA GLY A 72 -6.58 4.27 11.24
C GLY A 72 -7.00 3.39 10.08
N LEU A 73 -7.11 4.00 8.89
CA LEU A 73 -7.51 3.27 7.70
C LEU A 73 -6.49 2.21 7.28
N LEU A 74 -5.31 2.24 7.88
CA LEU A 74 -4.27 1.27 7.56
C LEU A 74 -4.73 -0.16 7.88
N ASN A 75 -6.01 -0.29 8.27
CA ASN A 75 -6.57 -1.59 8.59
C ASN A 75 -7.89 -1.82 7.87
N LEU A 76 -7.90 -2.81 6.96
CA LEU A 76 -9.10 -3.15 6.19
C LEU A 76 -9.53 -1.99 5.30
N GLU A 77 -10.22 -2.31 4.22
CA GLU A 77 -10.70 -1.30 3.28
C GLU A 77 -11.77 -0.41 3.92
N MET A 1 6.65 9.40 -5.00
CA MET A 1 6.35 10.58 -5.87
C MET A 1 5.77 10.13 -7.20
N ASP A 2 6.07 8.88 -7.58
CA ASP A 2 5.57 8.33 -8.83
C ASP A 2 4.38 7.43 -8.59
N THR A 3 3.70 7.04 -9.67
CA THR A 3 2.53 6.18 -9.57
C THR A 3 2.65 4.98 -10.52
N TYR A 4 3.43 3.98 -10.12
CA TYR A 4 3.62 2.80 -10.93
C TYR A 4 2.39 1.91 -10.94
N TYR A 5 2.41 0.91 -11.80
CA TYR A 5 1.29 -0.03 -11.91
C TYR A 5 1.05 -0.74 -10.59
N ASP A 6 -0.19 -1.13 -10.34
CA ASP A 6 -0.56 -1.81 -9.11
C ASP A 6 -0.11 -3.26 -9.14
N HIS A 7 -0.44 -3.96 -10.23
CA HIS A 7 -0.07 -5.36 -10.39
C HIS A 7 1.44 -5.53 -10.25
N GLN A 8 2.15 -4.41 -10.31
CA GLN A 8 3.60 -4.40 -10.18
C GLN A 8 4.02 -4.13 -8.74
N LEU A 9 3.24 -3.28 -8.07
CA LEU A 9 3.53 -2.91 -6.70
C LEU A 9 3.22 -4.04 -5.73
N VAL A 10 2.34 -4.96 -6.13
CA VAL A 10 2.01 -6.10 -5.28
C VAL A 10 3.25 -6.95 -5.06
N GLY A 11 3.52 -7.26 -3.79
CA GLY A 11 4.69 -8.04 -3.43
C GLY A 11 5.80 -7.20 -2.84
N LEU A 12 5.56 -5.89 -2.73
CA LEU A 12 6.54 -4.97 -2.16
C LEU A 12 6.24 -4.74 -0.69
N MET A 13 7.23 -4.22 0.04
CA MET A 13 7.05 -3.96 1.46
C MET A 13 6.42 -2.59 1.66
N VAL A 14 5.13 -2.58 1.97
CA VAL A 14 4.40 -1.33 2.15
C VAL A 14 4.53 -0.83 3.58
N GLN A 15 4.60 0.49 3.73
CA GLN A 15 4.69 1.10 5.05
C GLN A 15 4.11 2.50 5.02
N THR A 16 3.86 3.07 6.20
CA THR A 16 3.33 4.42 6.29
C THR A 16 4.45 5.44 6.29
N ALA A 17 4.11 6.68 5.96
CA ALA A 17 5.09 7.76 5.93
C ALA A 17 5.73 7.93 7.30
N THR A 18 4.96 7.66 8.35
CA THR A 18 5.45 7.78 9.72
C THR A 18 6.48 6.70 10.02
N GLY A 19 6.47 5.64 9.23
CA GLY A 19 7.41 4.55 9.42
C GLY A 19 6.77 3.29 9.97
N GLU A 20 5.47 3.14 9.77
CA GLU A 20 4.78 1.95 10.25
C GLU A 20 4.84 0.83 9.22
N GLY A 21 5.50 -0.27 9.57
CA GLY A 21 5.62 -1.39 8.67
C GLY A 21 4.37 -2.24 8.65
N VAL A 22 3.45 -1.92 7.74
CA VAL A 22 2.21 -2.65 7.62
C VAL A 22 2.47 -4.09 7.17
N GLY A 23 3.49 -4.26 6.33
CA GLY A 23 3.84 -5.58 5.83
C GLY A 23 4.16 -5.57 4.35
N VAL A 24 4.04 -6.73 3.72
CA VAL A 24 4.30 -6.85 2.29
C VAL A 24 2.99 -7.01 1.54
N VAL A 25 2.74 -6.14 0.58
CA VAL A 25 1.50 -6.22 -0.18
C VAL A 25 1.52 -7.46 -1.05
N THR A 26 0.35 -8.08 -1.22
CA THR A 26 0.25 -9.28 -2.03
C THR A 26 -0.69 -9.08 -3.21
N GLU A 27 -1.44 -8.00 -3.19
CA GLU A 27 -2.38 -7.71 -4.26
C GLU A 27 -3.13 -6.40 -4.04
N VAL A 28 -3.64 -5.84 -5.13
CA VAL A 28 -4.42 -4.61 -5.06
C VAL A 28 -5.88 -4.92 -5.45
N VAL A 29 -6.84 -4.26 -4.81
CA VAL A 29 -8.24 -4.51 -5.12
C VAL A 29 -8.82 -3.42 -6.01
N HIS A 30 -9.25 -3.80 -7.21
CA HIS A 30 -9.83 -2.84 -8.15
C HIS A 30 -11.17 -2.34 -7.63
N THR A 31 -11.16 -1.15 -7.02
CA THR A 31 -12.38 -0.56 -6.48
C THR A 31 -13.05 0.32 -7.51
N ALA A 32 -14.18 0.91 -7.14
CA ALA A 32 -14.92 1.79 -8.03
C ALA A 32 -14.18 3.09 -8.25
N ALA A 33 -13.56 3.59 -7.19
CA ALA A 33 -12.81 4.84 -7.25
C ALA A 33 -11.41 4.62 -7.80
N GLY A 34 -10.85 3.45 -7.50
CA GLY A 34 -9.51 3.12 -7.97
C GLY A 34 -9.09 1.72 -7.58
N GLU A 35 -8.15 1.63 -6.63
CA GLU A 35 -7.65 0.34 -6.16
C GLU A 35 -7.36 0.37 -4.65
N LEU A 36 -7.16 -0.81 -4.08
CA LEU A 36 -6.86 -0.94 -2.65
C LEU A 36 -5.51 -1.61 -2.47
N LEU A 37 -5.02 -1.64 -1.23
CA LEU A 37 -3.74 -2.26 -0.94
C LEU A 37 -3.89 -3.44 0.01
N ALA A 38 -3.86 -4.65 -0.54
CA ALA A 38 -3.97 -5.84 0.29
C ALA A 38 -2.59 -6.22 0.81
N VAL A 39 -2.31 -5.84 2.05
CA VAL A 39 -1.02 -6.12 2.65
C VAL A 39 -1.11 -7.22 3.70
N LYS A 40 -0.13 -8.11 3.69
CA LYS A 40 -0.09 -9.23 4.62
C LYS A 40 0.47 -8.81 5.97
N ARG A 41 -0.42 -8.59 6.93
CA ARG A 41 -0.01 -8.19 8.28
C ARG A 41 0.82 -9.30 8.93
N ASP A 42 1.36 -9.01 10.11
CA ASP A 42 2.18 -9.99 10.82
C ASP A 42 1.44 -11.31 11.03
N SER A 43 0.20 -11.21 11.52
CA SER A 43 -0.60 -12.40 11.78
C SER A 43 -1.89 -12.42 10.96
N ASP A 44 -2.30 -11.25 10.48
CA ASP A 44 -3.52 -11.14 9.68
C ASP A 44 -3.26 -10.44 8.35
N GLU A 45 -4.26 -9.72 7.88
CA GLU A 45 -4.14 -9.00 6.60
C GLU A 45 -5.09 -7.80 6.58
N VAL A 46 -4.56 -6.65 6.17
CA VAL A 46 -5.38 -5.43 6.10
C VAL A 46 -5.32 -4.81 4.72
N LEU A 47 -6.28 -3.93 4.45
CA LEU A 47 -6.36 -3.26 3.15
C LEU A 47 -6.39 -1.74 3.31
N VAL A 48 -5.76 -1.04 2.36
CA VAL A 48 -5.73 0.42 2.39
C VAL A 48 -5.82 1.00 0.97
N PRO A 49 -6.69 2.02 0.76
CA PRO A 49 -6.88 2.64 -0.56
C PRO A 49 -5.59 3.16 -1.17
N PHE A 50 -5.28 2.66 -2.36
CA PHE A 50 -4.07 3.08 -3.08
C PHE A 50 -4.41 4.25 -3.99
N VAL A 51 -3.81 5.40 -3.70
CA VAL A 51 -4.03 6.59 -4.49
C VAL A 51 -2.73 7.37 -4.64
N ARG A 52 -2.49 7.87 -5.84
CA ARG A 52 -1.28 8.62 -6.13
C ARG A 52 -1.14 9.81 -5.19
N ALA A 53 -2.22 10.12 -4.48
CA ALA A 53 -2.23 11.23 -3.54
C ALA A 53 -1.78 10.79 -2.15
N ILE A 54 -2.14 9.55 -1.80
CA ILE A 54 -1.79 8.99 -0.50
C ILE A 54 -0.39 8.42 -0.50
N VAL A 55 0.07 7.99 -1.69
CA VAL A 55 1.41 7.43 -1.82
C VAL A 55 2.47 8.50 -1.62
N THR A 56 3.41 8.25 -0.72
CA THR A 56 4.47 9.20 -0.42
C THR A 56 5.75 8.86 -1.18
N SER A 57 6.12 7.59 -1.14
CA SER A 57 7.34 7.13 -1.79
C SER A 57 7.17 5.74 -2.37
N VAL A 58 7.94 5.46 -3.42
CA VAL A 58 7.88 4.16 -4.09
C VAL A 58 9.25 3.73 -4.59
N SER A 59 9.88 2.81 -3.87
CA SER A 59 11.19 2.31 -4.26
C SER A 59 11.04 1.05 -5.11
N LEU A 60 11.30 1.19 -6.40
CA LEU A 60 11.17 0.08 -7.34
C LEU A 60 12.32 -0.90 -7.21
N ASP A 61 13.52 -0.36 -7.19
CA ASP A 61 14.73 -1.17 -7.08
C ASP A 61 14.84 -1.85 -5.72
N ASP A 62 14.40 -1.15 -4.68
CA ASP A 62 14.47 -1.70 -3.32
C ASP A 62 13.31 -2.65 -3.05
N GLY A 63 12.31 -2.66 -3.93
CA GLY A 63 11.17 -3.52 -3.74
C GLY A 63 10.40 -3.17 -2.49
N ILE A 64 10.09 -1.87 -2.35
CA ILE A 64 9.37 -1.38 -1.17
C ILE A 64 8.38 -0.28 -1.55
N VAL A 65 7.36 -0.09 -0.70
CA VAL A 65 6.35 0.94 -0.94
C VAL A 65 6.07 1.76 0.31
N GLU A 66 5.70 3.02 0.10
CA GLU A 66 5.38 3.96 1.16
C GLU A 66 4.00 4.55 0.91
N ILE A 67 3.24 4.73 1.99
CA ILE A 67 1.90 5.30 1.89
C ILE A 67 1.56 6.12 3.13
N ASP A 68 0.40 6.76 3.10
CA ASP A 68 -0.05 7.57 4.22
C ASP A 68 -1.52 7.32 4.48
N PRO A 69 -1.85 6.17 5.10
CA PRO A 69 -3.23 5.80 5.41
C PRO A 69 -3.91 6.83 6.31
N PRO A 70 -5.14 7.23 5.98
CA PRO A 70 -5.88 8.23 6.77
C PRO A 70 -6.28 7.65 8.13
N HIS A 71 -5.95 8.37 9.19
CA HIS A 71 -6.27 7.94 10.55
C HIS A 71 -5.88 6.47 10.76
N GLY A 72 -6.85 5.62 11.10
CA GLY A 72 -6.57 4.22 11.33
C GLY A 72 -6.97 3.34 10.16
N LEU A 73 -7.09 3.93 8.98
CA LEU A 73 -7.48 3.20 7.77
C LEU A 73 -6.45 2.15 7.38
N LEU A 74 -5.27 2.20 7.99
CA LEU A 74 -4.22 1.24 7.69
C LEU A 74 -4.66 -0.19 8.01
N ASN A 75 -5.94 -0.35 8.37
CA ASN A 75 -6.49 -1.65 8.71
C ASN A 75 -7.82 -1.88 7.99
N LEU A 76 -7.84 -2.84 7.07
CA LEU A 76 -9.04 -3.17 6.30
C LEU A 76 -9.50 -1.98 5.45
N GLU A 77 -10.27 -2.27 4.40
CA GLU A 77 -10.77 -1.23 3.52
C GLU A 77 -11.92 -0.46 4.17
N MET A 1 4.14 14.01 -10.28
CA MET A 1 2.96 13.24 -10.75
C MET A 1 3.38 11.98 -11.49
N ASP A 2 3.54 10.88 -10.75
CA ASP A 2 3.95 9.61 -11.33
C ASP A 2 3.41 8.44 -10.52
N THR A 3 2.56 7.63 -11.15
CA THR A 3 1.98 6.47 -10.49
C THR A 3 2.37 5.18 -11.21
N TYR A 4 3.16 4.35 -10.54
CA TYR A 4 3.61 3.10 -11.12
C TYR A 4 2.50 2.05 -11.14
N TYR A 5 2.76 0.95 -11.83
CA TYR A 5 1.81 -0.14 -11.95
C TYR A 5 1.47 -0.74 -10.58
N ASP A 6 0.20 -1.10 -10.41
CA ASP A 6 -0.23 -1.69 -9.15
C ASP A 6 0.18 -3.16 -9.11
N HIS A 7 -0.06 -3.86 -10.20
CA HIS A 7 0.30 -5.27 -10.32
C HIS A 7 1.79 -5.45 -10.12
N GLN A 8 2.51 -4.33 -10.21
CA GLN A 8 3.96 -4.35 -10.03
C GLN A 8 4.33 -4.01 -8.59
N LEU A 9 3.48 -3.19 -7.96
CA LEU A 9 3.71 -2.78 -6.58
C LEU A 9 3.37 -3.92 -5.62
N VAL A 10 2.54 -4.85 -6.05
CA VAL A 10 2.18 -5.98 -5.21
C VAL A 10 3.42 -6.86 -4.99
N GLY A 11 3.64 -7.23 -3.74
CA GLY A 11 4.79 -8.04 -3.38
C GLY A 11 5.91 -7.20 -2.78
N LEU A 12 5.67 -5.90 -2.64
CA LEU A 12 6.65 -4.99 -2.06
C LEU A 12 6.34 -4.75 -0.58
N MET A 13 7.33 -4.25 0.16
CA MET A 13 7.13 -3.97 1.57
C MET A 13 6.50 -2.59 1.75
N VAL A 14 5.21 -2.58 2.03
CA VAL A 14 4.48 -1.33 2.20
C VAL A 14 4.56 -0.84 3.64
N GLN A 15 4.63 0.48 3.80
CA GLN A 15 4.68 1.08 5.13
C GLN A 15 4.11 2.48 5.09
N THR A 16 3.83 3.05 6.25
CA THR A 16 3.29 4.39 6.32
C THR A 16 4.40 5.43 6.33
N ALA A 17 4.05 6.67 6.04
CA ALA A 17 5.03 7.75 6.01
C ALA A 17 5.71 7.89 7.36
N THR A 18 4.94 7.68 8.43
CA THR A 18 5.47 7.78 9.79
C THR A 18 6.50 6.70 10.07
N GLY A 19 6.46 5.63 9.27
CA GLY A 19 7.41 4.55 9.44
C GLY A 19 6.79 3.28 9.99
N GLU A 20 5.48 3.14 9.79
CA GLU A 20 4.77 1.95 10.27
C GLU A 20 4.82 0.84 9.23
N GLY A 21 5.49 -0.26 9.57
CA GLY A 21 5.60 -1.36 8.65
C GLY A 21 4.35 -2.23 8.61
N VAL A 22 3.42 -1.89 7.72
CA VAL A 22 2.18 -2.65 7.60
C VAL A 22 2.47 -4.08 7.15
N GLY A 23 3.49 -4.24 6.32
CA GLY A 23 3.87 -5.57 5.85
C GLY A 23 4.21 -5.58 4.37
N VAL A 24 4.07 -6.74 3.74
CA VAL A 24 4.34 -6.86 2.32
C VAL A 24 3.03 -7.02 1.56
N VAL A 25 2.80 -6.14 0.60
CA VAL A 25 1.58 -6.19 -0.17
C VAL A 25 1.56 -7.43 -1.05
N THR A 26 0.38 -8.02 -1.23
CA THR A 26 0.26 -9.21 -2.05
C THR A 26 -0.65 -8.98 -3.24
N GLU A 27 -1.40 -7.87 -3.21
CA GLU A 27 -2.31 -7.54 -4.29
C GLU A 27 -3.03 -6.23 -4.07
N VAL A 28 -3.48 -5.62 -5.17
CA VAL A 28 -4.24 -4.37 -5.10
C VAL A 28 -5.70 -4.68 -5.48
N VAL A 29 -6.65 -4.09 -4.78
CA VAL A 29 -8.07 -4.34 -5.08
C VAL A 29 -8.69 -3.23 -5.89
N HIS A 30 -9.03 -3.54 -7.14
CA HIS A 30 -9.65 -2.56 -8.02
C HIS A 30 -11.05 -2.23 -7.53
N THR A 31 -11.19 -1.11 -6.84
CA THR A 31 -12.48 -0.71 -6.30
C THR A 31 -13.24 0.16 -7.30
N ALA A 32 -14.40 0.64 -6.89
CA ALA A 32 -15.23 1.48 -7.75
C ALA A 32 -14.61 2.86 -7.94
N ALA A 33 -14.00 3.38 -6.87
CA ALA A 33 -13.39 4.70 -6.93
C ALA A 33 -11.95 4.63 -7.41
N GLY A 34 -11.27 3.53 -7.06
CA GLY A 34 -9.88 3.36 -7.47
C GLY A 34 -9.35 1.96 -7.19
N GLU A 35 -8.44 1.86 -6.23
CA GLU A 35 -7.85 0.57 -5.86
C GLU A 35 -7.50 0.53 -4.36
N LEU A 36 -7.23 -0.67 -3.87
CA LEU A 36 -6.88 -0.87 -2.46
C LEU A 36 -5.51 -1.53 -2.32
N LEU A 37 -5.03 -1.59 -1.09
CA LEU A 37 -3.74 -2.20 -0.82
C LEU A 37 -3.87 -3.39 0.11
N ALA A 38 -3.83 -4.59 -0.45
CA ALA A 38 -3.92 -5.80 0.34
C ALA A 38 -2.53 -6.18 0.84
N VAL A 39 -2.26 -5.84 2.09
CA VAL A 39 -0.95 -6.13 2.68
C VAL A 39 -1.05 -7.22 3.73
N LYS A 40 -0.11 -8.15 3.69
CA LYS A 40 -0.09 -9.27 4.62
C LYS A 40 0.50 -8.87 5.97
N ARG A 41 -0.38 -8.59 6.93
CA ARG A 41 0.05 -8.21 8.28
C ARG A 41 0.81 -9.36 8.93
N ASP A 42 1.34 -9.13 10.13
CA ASP A 42 2.09 -10.14 10.84
C ASP A 42 1.31 -11.45 10.94
N SER A 43 0.05 -11.37 11.33
CA SER A 43 -0.78 -12.56 11.47
C SER A 43 -2.03 -12.49 10.60
N ASP A 44 -2.40 -11.28 10.18
CA ASP A 44 -3.59 -11.09 9.35
C ASP A 44 -3.25 -10.33 8.06
N GLU A 45 -4.26 -9.68 7.50
CA GLU A 45 -4.08 -8.90 6.26
C GLU A 45 -5.06 -7.73 6.23
N VAL A 46 -4.54 -6.53 6.05
CA VAL A 46 -5.38 -5.33 6.01
C VAL A 46 -5.42 -4.72 4.60
N LEU A 47 -6.38 -3.82 4.40
CA LEU A 47 -6.55 -3.17 3.11
C LEU A 47 -6.55 -1.64 3.25
N VAL A 48 -5.85 -0.96 2.35
CA VAL A 48 -5.81 0.50 2.37
C VAL A 48 -5.87 1.07 0.95
N PRO A 49 -6.76 2.06 0.71
CA PRO A 49 -6.92 2.68 -0.62
C PRO A 49 -5.62 3.22 -1.20
N PHE A 50 -5.24 2.70 -2.35
CA PHE A 50 -4.03 3.14 -3.04
C PHE A 50 -4.35 4.27 -3.99
N VAL A 51 -3.73 5.41 -3.76
CA VAL A 51 -3.95 6.59 -4.60
C VAL A 51 -2.65 7.38 -4.74
N ARG A 52 -2.40 7.87 -5.94
CA ARG A 52 -1.20 8.65 -6.21
C ARG A 52 -1.07 9.82 -5.23
N ALA A 53 -2.17 10.13 -4.54
CA ALA A 53 -2.17 11.23 -3.58
C ALA A 53 -1.78 10.76 -2.19
N ILE A 54 -2.12 9.52 -1.87
CA ILE A 54 -1.81 8.94 -0.56
C ILE A 54 -0.41 8.35 -0.52
N VAL A 55 0.09 7.91 -1.67
CA VAL A 55 1.43 7.32 -1.74
C VAL A 55 2.50 8.40 -1.55
N THR A 56 3.44 8.14 -0.66
CA THR A 56 4.52 9.08 -0.37
C THR A 56 5.78 8.72 -1.14
N SER A 57 6.18 7.46 -1.04
CA SER A 57 7.38 6.98 -1.70
C SER A 57 7.16 5.62 -2.34
N VAL A 58 8.00 5.28 -3.31
CA VAL A 58 7.90 4.01 -4.00
C VAL A 58 9.28 3.53 -4.48
N SER A 59 9.71 2.38 -3.95
CA SER A 59 10.99 1.81 -4.33
C SER A 59 10.79 0.61 -5.26
N LEU A 60 11.04 0.82 -6.55
CA LEU A 60 10.87 -0.24 -7.53
C LEU A 60 12.05 -1.20 -7.54
N ASP A 61 13.24 -0.69 -7.24
CA ASP A 61 14.44 -1.51 -7.24
C ASP A 61 14.69 -2.16 -5.88
N ASP A 62 14.40 -1.44 -4.80
CA ASP A 62 14.61 -1.95 -3.45
C ASP A 62 13.48 -2.89 -3.04
N GLY A 63 12.42 -2.91 -3.83
CA GLY A 63 11.29 -3.77 -3.53
C GLY A 63 10.55 -3.31 -2.28
N ILE A 64 10.20 -2.03 -2.24
CA ILE A 64 9.50 -1.47 -1.08
C ILE A 64 8.48 -0.41 -1.49
N VAL A 65 7.51 -0.14 -0.62
CA VAL A 65 6.47 0.86 -0.87
C VAL A 65 6.17 1.68 0.38
N GLU A 66 5.78 2.94 0.17
CA GLU A 66 5.43 3.86 1.23
C GLU A 66 4.05 4.47 0.97
N ILE A 67 3.29 4.69 2.04
CA ILE A 67 1.95 5.24 1.91
C ILE A 67 1.57 6.08 3.12
N ASP A 68 0.41 6.72 3.05
CA ASP A 68 -0.08 7.54 4.14
C ASP A 68 -1.56 7.27 4.39
N PRO A 69 -1.86 6.15 5.06
CA PRO A 69 -3.24 5.75 5.35
C PRO A 69 -3.97 6.80 6.19
N PRO A 70 -5.21 7.17 5.83
CA PRO A 70 -5.98 8.17 6.57
C PRO A 70 -6.41 7.63 7.93
N HIS A 71 -6.12 8.39 8.98
CA HIS A 71 -6.48 7.98 10.34
C HIS A 71 -6.08 6.53 10.61
N GLY A 72 -7.05 5.68 10.96
CA GLY A 72 -6.76 4.29 11.24
C GLY A 72 -7.14 3.38 10.08
N LEU A 73 -7.23 3.96 8.88
CA LEU A 73 -7.61 3.21 7.69
C LEU A 73 -6.55 2.17 7.31
N LEU A 74 -5.38 2.24 7.94
CA LEU A 74 -4.31 1.28 7.65
C LEU A 74 -4.74 -0.13 8.02
N ASN A 75 -6.00 -0.31 8.38
CA ASN A 75 -6.52 -1.62 8.75
C ASN A 75 -7.84 -1.92 8.06
N LEU A 76 -7.82 -2.93 7.20
CA LEU A 76 -9.02 -3.36 6.46
C LEU A 76 -9.57 -2.25 5.57
N GLU A 77 -10.38 -2.64 4.59
CA GLU A 77 -10.98 -1.70 3.67
C GLU A 77 -12.20 -1.02 4.29
N MET A 1 6.18 12.25 -7.61
CA MET A 1 5.36 12.29 -8.84
C MET A 1 5.73 11.12 -9.77
N ASP A 2 5.24 9.93 -9.44
CA ASP A 2 5.53 8.75 -10.24
C ASP A 2 4.27 7.92 -10.44
N THR A 3 3.77 7.33 -9.35
CA THR A 3 2.56 6.51 -9.41
C THR A 3 2.72 5.36 -10.40
N TYR A 4 3.32 4.26 -9.92
CA TYR A 4 3.53 3.09 -10.77
C TYR A 4 2.33 2.17 -10.75
N TYR A 5 2.34 1.17 -11.63
CA TYR A 5 1.25 0.20 -11.72
C TYR A 5 1.07 -0.55 -10.40
N ASP A 6 -0.16 -0.93 -10.11
CA ASP A 6 -0.47 -1.64 -8.88
C ASP A 6 -0.06 -3.11 -8.97
N HIS A 7 -0.45 -3.76 -10.06
CA HIS A 7 -0.12 -5.17 -10.27
C HIS A 7 1.39 -5.39 -10.16
N GLN A 8 2.13 -4.29 -10.23
CA GLN A 8 3.59 -4.34 -10.15
C GLN A 8 4.04 -4.09 -8.72
N LEU A 9 3.31 -3.22 -8.01
CA LEU A 9 3.64 -2.88 -6.63
C LEU A 9 3.33 -4.01 -5.67
N VAL A 10 2.42 -4.90 -6.06
CA VAL A 10 2.08 -6.03 -5.22
C VAL A 10 3.31 -6.90 -5.00
N GLY A 11 3.56 -7.23 -3.74
CA GLY A 11 4.72 -8.03 -3.38
C GLY A 11 5.84 -7.19 -2.78
N LEU A 12 5.61 -5.89 -2.65
CA LEU A 12 6.58 -4.98 -2.08
C LEU A 12 6.28 -4.71 -0.61
N MET A 13 7.25 -4.22 0.14
CA MET A 13 7.07 -3.95 1.55
C MET A 13 6.43 -2.58 1.74
N VAL A 14 5.14 -2.56 2.05
CA VAL A 14 4.41 -1.32 2.22
C VAL A 14 4.51 -0.82 3.65
N GLN A 15 4.59 0.50 3.81
CA GLN A 15 4.67 1.11 5.15
C GLN A 15 4.18 2.53 5.11
N THR A 16 3.85 3.09 6.26
CA THR A 16 3.39 4.47 6.34
C THR A 16 4.55 5.44 6.30
N ALA A 17 4.26 6.68 5.93
CA ALA A 17 5.27 7.71 5.86
C ALA A 17 5.97 7.87 7.21
N THR A 18 5.20 7.69 8.29
CA THR A 18 5.74 7.81 9.63
C THR A 18 6.71 6.68 9.94
N GLY A 19 6.63 5.61 9.17
CA GLY A 19 7.52 4.48 9.37
C GLY A 19 6.84 3.25 9.95
N GLU A 20 5.52 3.15 9.77
CA GLU A 20 4.79 1.99 10.29
C GLU A 20 4.83 0.84 9.30
N GLY A 21 5.46 -0.26 9.70
CA GLY A 21 5.57 -1.41 8.83
C GLY A 21 4.31 -2.25 8.81
N VAL A 22 3.43 -1.97 7.84
CA VAL A 22 2.18 -2.71 7.72
C VAL A 22 2.44 -4.13 7.24
N GLY A 23 3.46 -4.29 6.41
CA GLY A 23 3.81 -5.60 5.88
C GLY A 23 4.14 -5.57 4.41
N VAL A 24 4.08 -6.72 3.76
CA VAL A 24 4.35 -6.82 2.34
C VAL A 24 3.04 -6.98 1.59
N VAL A 25 2.79 -6.11 0.64
CA VAL A 25 1.56 -6.18 -0.12
C VAL A 25 1.57 -7.43 -0.99
N THR A 26 0.42 -8.06 -1.16
CA THR A 26 0.35 -9.26 -1.98
C THR A 26 -0.60 -9.09 -3.14
N GLU A 27 -1.38 -8.01 -3.13
CA GLU A 27 -2.33 -7.75 -4.19
C GLU A 27 -3.08 -6.44 -3.98
N VAL A 28 -3.60 -5.89 -5.07
CA VAL A 28 -4.39 -4.66 -5.01
C VAL A 28 -5.83 -4.96 -5.43
N VAL A 29 -6.80 -4.27 -4.84
CA VAL A 29 -8.21 -4.50 -5.19
C VAL A 29 -8.75 -3.38 -6.05
N HIS A 30 -9.14 -3.70 -7.28
CA HIS A 30 -9.69 -2.72 -8.19
C HIS A 30 -11.05 -2.24 -7.70
N THR A 31 -11.06 -1.07 -7.05
CA THR A 31 -12.30 -0.52 -6.52
C THR A 31 -12.99 0.38 -7.55
N ALA A 32 -14.09 0.99 -7.15
CA ALA A 32 -14.83 1.88 -8.03
C ALA A 32 -14.07 3.17 -8.29
N ALA A 33 -13.44 3.69 -7.25
CA ALA A 33 -12.68 4.93 -7.36
C ALA A 33 -11.27 4.68 -7.87
N GLY A 34 -10.70 3.54 -7.49
CA GLY A 34 -9.37 3.20 -7.91
C GLY A 34 -8.97 1.78 -7.54
N GLU A 35 -8.03 1.66 -6.61
CA GLU A 35 -7.55 0.36 -6.16
C GLU A 35 -7.29 0.35 -4.66
N LEU A 36 -7.12 -0.83 -4.09
CA LEU A 36 -6.84 -1.00 -2.66
C LEU A 36 -5.49 -1.65 -2.46
N LEU A 37 -5.03 -1.70 -1.21
CA LEU A 37 -3.74 -2.30 -0.90
C LEU A 37 -3.90 -3.48 0.05
N ALA A 38 -3.84 -4.69 -0.49
CA ALA A 38 -3.94 -5.88 0.34
C ALA A 38 -2.56 -6.24 0.86
N VAL A 39 -2.28 -5.86 2.10
CA VAL A 39 -0.99 -6.12 2.70
C VAL A 39 -1.07 -7.21 3.76
N LYS A 40 -0.08 -8.09 3.75
CA LYS A 40 -0.03 -9.20 4.70
C LYS A 40 0.49 -8.76 6.05
N ARG A 41 -0.42 -8.52 6.99
CA ARG A 41 -0.04 -8.09 8.34
C ARG A 41 0.80 -9.18 9.01
N ASP A 42 1.35 -8.86 10.17
CA ASP A 42 2.18 -9.81 10.91
C ASP A 42 1.47 -11.14 11.12
N SER A 43 0.22 -11.08 11.57
CA SER A 43 -0.54 -12.30 11.83
C SER A 43 -1.82 -12.35 11.00
N ASP A 44 -2.26 -11.19 10.51
CA ASP A 44 -3.47 -11.11 9.71
C ASP A 44 -3.21 -10.39 8.39
N GLU A 45 -4.25 -9.76 7.84
CA GLU A 45 -4.13 -9.04 6.59
C GLU A 45 -5.09 -7.85 6.56
N VAL A 46 -4.59 -6.69 6.11
CA VAL A 46 -5.42 -5.50 6.03
C VAL A 46 -5.40 -4.87 4.65
N LEU A 47 -6.35 -3.98 4.40
CA LEU A 47 -6.47 -3.32 3.10
C LEU A 47 -6.49 -1.80 3.26
N VAL A 48 -5.83 -1.09 2.34
CA VAL A 48 -5.81 0.37 2.37
C VAL A 48 -5.91 0.95 0.95
N PRO A 49 -6.76 1.96 0.73
CA PRO A 49 -6.94 2.58 -0.60
C PRO A 49 -5.66 3.19 -1.15
N PHE A 50 -5.24 2.70 -2.32
CA PHE A 50 -4.04 3.21 -2.97
C PHE A 50 -4.41 4.34 -3.91
N VAL A 51 -3.86 5.51 -3.64
CA VAL A 51 -4.14 6.68 -4.45
C VAL A 51 -2.86 7.49 -4.65
N ARG A 52 -2.66 7.97 -5.88
CA ARG A 52 -1.47 8.76 -6.19
C ARG A 52 -1.35 9.95 -5.26
N ALA A 53 -2.43 10.24 -4.53
CA ALA A 53 -2.44 11.36 -3.60
C ALA A 53 -1.99 10.92 -2.22
N ILE A 54 -2.31 9.68 -1.86
CA ILE A 54 -1.94 9.14 -0.56
C ILE A 54 -0.53 8.54 -0.58
N VAL A 55 -0.05 8.18 -1.76
CA VAL A 55 1.28 7.61 -1.90
C VAL A 55 2.36 8.66 -1.62
N THR A 56 3.31 8.31 -0.77
CA THR A 56 4.39 9.20 -0.41
C THR A 56 5.66 8.88 -1.18
N SER A 57 6.01 7.59 -1.20
CA SER A 57 7.20 7.12 -1.87
C SER A 57 6.99 5.74 -2.48
N VAL A 58 7.86 5.38 -3.42
CA VAL A 58 7.77 4.09 -4.08
C VAL A 58 9.15 3.57 -4.49
N SER A 59 9.58 2.49 -3.85
CA SER A 59 10.87 1.87 -4.16
C SER A 59 10.69 0.81 -5.24
N LEU A 60 11.28 1.05 -6.40
CA LEU A 60 11.16 0.13 -7.52
C LEU A 60 12.22 -0.96 -7.50
N ASP A 61 13.47 -0.54 -7.40
CA ASP A 61 14.60 -1.47 -7.40
C ASP A 61 14.80 -2.14 -6.04
N ASP A 62 14.51 -1.41 -4.96
CA ASP A 62 14.68 -1.95 -3.62
C ASP A 62 13.54 -2.89 -3.25
N GLY A 63 12.43 -2.78 -3.96
CA GLY A 63 11.28 -3.63 -3.68
C GLY A 63 10.54 -3.22 -2.43
N ILE A 64 10.19 -1.94 -2.33
CA ILE A 64 9.48 -1.42 -1.17
C ILE A 64 8.43 -0.37 -1.56
N VAL A 65 7.46 -0.15 -0.68
CA VAL A 65 6.40 0.83 -0.92
C VAL A 65 6.10 1.65 0.33
N GLU A 66 5.73 2.91 0.11
CA GLU A 66 5.40 3.83 1.17
C GLU A 66 4.00 4.38 0.95
N ILE A 67 3.28 4.64 2.04
CA ILE A 67 1.92 5.16 1.95
C ILE A 67 1.60 6.06 3.13
N ASP A 68 0.42 6.67 3.08
CA ASP A 68 -0.03 7.55 4.15
C ASP A 68 -1.52 7.32 4.42
N PRO A 69 -1.84 6.18 5.04
CA PRO A 69 -3.22 5.80 5.36
C PRO A 69 -3.90 6.82 6.26
N PRO A 70 -5.15 7.21 5.97
CA PRO A 70 -5.89 8.18 6.78
C PRO A 70 -6.33 7.59 8.10
N HIS A 71 -6.01 8.28 9.20
CA HIS A 71 -6.38 7.82 10.54
C HIS A 71 -6.01 6.34 10.73
N GLY A 72 -7.00 5.50 11.06
CA GLY A 72 -6.75 4.09 11.27
C GLY A 72 -7.14 3.23 10.08
N LEU A 73 -7.24 3.85 8.91
CA LEU A 73 -7.63 3.13 7.69
C LEU A 73 -6.59 2.09 7.28
N LEU A 74 -5.41 2.14 7.89
CA LEU A 74 -4.35 1.19 7.57
C LEU A 74 -4.77 -0.24 7.93
N ASN A 75 -6.04 -0.40 8.31
CA ASN A 75 -6.56 -1.71 8.68
C ASN A 75 -7.89 -1.99 7.97
N LEU A 76 -7.87 -2.93 7.02
CA LEU A 76 -9.05 -3.32 6.27
C LEU A 76 -9.62 -2.14 5.49
N GLU A 77 -10.49 -2.44 4.53
CA GLU A 77 -11.11 -1.41 3.69
C GLU A 77 -12.23 -0.69 4.45
N MET A 1 6.37 10.43 -5.22
CA MET A 1 6.61 11.37 -6.34
C MET A 1 6.36 10.68 -7.68
N ASP A 2 5.60 9.60 -7.65
CA ASP A 2 5.28 8.85 -8.87
C ASP A 2 4.09 7.93 -8.64
N THR A 3 3.66 7.24 -9.70
CA THR A 3 2.53 6.33 -9.61
C THR A 3 2.71 5.15 -10.57
N TYR A 4 3.33 4.09 -10.09
CA TYR A 4 3.56 2.90 -10.92
C TYR A 4 2.36 1.96 -10.90
N TYR A 5 2.41 0.95 -11.77
CA TYR A 5 1.34 -0.03 -11.87
C TYR A 5 1.13 -0.74 -10.54
N ASP A 6 -0.12 -1.10 -10.26
CA ASP A 6 -0.46 -1.79 -9.01
C ASP A 6 -0.07 -3.25 -9.07
N HIS A 7 -0.47 -3.93 -10.15
CA HIS A 7 -0.15 -5.35 -10.32
C HIS A 7 1.35 -5.57 -10.21
N GLN A 8 2.10 -4.48 -10.30
CA GLN A 8 3.55 -4.53 -10.19
C GLN A 8 4.01 -4.24 -8.76
N LEU A 9 3.28 -3.37 -8.08
CA LEU A 9 3.59 -2.99 -6.72
C LEU A 9 3.27 -4.11 -5.72
N VAL A 10 2.36 -5.00 -6.10
CA VAL A 10 2.02 -6.12 -5.24
C VAL A 10 3.25 -6.99 -5.00
N GLY A 11 3.51 -7.29 -3.74
CA GLY A 11 4.68 -8.09 -3.37
C GLY A 11 5.79 -7.24 -2.78
N LEU A 12 5.55 -5.94 -2.67
CA LEU A 12 6.54 -5.02 -2.12
C LEU A 12 6.24 -4.76 -0.65
N MET A 13 7.23 -4.23 0.08
CA MET A 13 7.05 -3.96 1.49
C MET A 13 6.40 -2.59 1.68
N VAL A 14 5.12 -2.58 1.98
CA VAL A 14 4.40 -1.33 2.16
C VAL A 14 4.51 -0.83 3.59
N GLN A 15 4.58 0.48 3.75
CA GLN A 15 4.68 1.08 5.08
C GLN A 15 4.07 2.48 5.07
N THR A 16 3.90 3.05 6.25
CA THR A 16 3.34 4.38 6.35
C THR A 16 4.44 5.43 6.33
N ALA A 17 4.08 6.66 6.01
CA ALA A 17 5.04 7.76 5.98
C ALA A 17 5.71 7.93 7.33
N THR A 18 4.96 7.70 8.39
CA THR A 18 5.48 7.82 9.74
C THR A 18 6.55 6.77 10.03
N GLY A 19 6.54 5.71 9.24
CA GLY A 19 7.51 4.64 9.42
C GLY A 19 6.92 3.36 9.98
N GLU A 20 5.62 3.17 9.80
CA GLU A 20 4.96 1.97 10.29
C GLU A 20 4.97 0.87 9.24
N GLY A 21 5.66 -0.22 9.56
CA GLY A 21 5.74 -1.34 8.64
C GLY A 21 4.50 -2.21 8.64
N VAL A 22 3.55 -1.88 7.78
CA VAL A 22 2.30 -2.63 7.70
C VAL A 22 2.56 -4.06 7.22
N GLY A 23 3.56 -4.22 6.37
CA GLY A 23 3.89 -5.55 5.87
C GLY A 23 4.20 -5.54 4.39
N VAL A 24 4.07 -6.70 3.75
CA VAL A 24 4.31 -6.83 2.32
C VAL A 24 3.00 -6.99 1.59
N VAL A 25 2.74 -6.11 0.63
CA VAL A 25 1.51 -6.19 -0.13
C VAL A 25 1.50 -7.45 -0.98
N THR A 26 0.34 -8.06 -1.14
CA THR A 26 0.23 -9.27 -1.93
C THR A 26 -0.71 -9.08 -3.11
N GLU A 27 -1.46 -7.98 -3.10
CA GLU A 27 -2.39 -7.70 -4.17
C GLU A 27 -3.11 -6.37 -3.97
N VAL A 28 -3.63 -5.82 -5.06
CA VAL A 28 -4.39 -4.59 -5.02
C VAL A 28 -5.84 -4.86 -5.43
N VAL A 29 -6.80 -4.20 -4.78
CA VAL A 29 -8.20 -4.41 -5.12
C VAL A 29 -8.73 -3.30 -6.01
N HIS A 30 -9.04 -3.64 -7.26
CA HIS A 30 -9.55 -2.66 -8.20
C HIS A 30 -10.95 -2.20 -7.79
N THR A 31 -11.01 -1.04 -7.16
CA THR A 31 -12.28 -0.50 -6.71
C THR A 31 -12.91 0.37 -7.79
N ALA A 32 -14.04 0.98 -7.47
CA ALA A 32 -14.74 1.84 -8.41
C ALA A 32 -13.95 3.11 -8.67
N ALA A 33 -13.42 3.70 -7.60
CA ALA A 33 -12.64 4.92 -7.68
C ALA A 33 -11.22 4.65 -8.17
N GLY A 34 -10.68 3.49 -7.79
CA GLY A 34 -9.33 3.13 -8.20
C GLY A 34 -8.93 1.73 -7.76
N GLU A 35 -7.98 1.66 -6.83
CA GLU A 35 -7.48 0.38 -6.32
C GLU A 35 -7.24 0.44 -4.81
N LEU A 36 -7.06 -0.73 -4.21
CA LEU A 36 -6.80 -0.84 -2.78
C LEU A 36 -5.46 -1.52 -2.54
N LEU A 37 -4.98 -1.49 -1.30
CA LEU A 37 -3.71 -2.13 -0.97
C LEU A 37 -3.89 -3.28 0.00
N ALA A 38 -3.85 -4.51 -0.52
CA ALA A 38 -3.97 -5.69 0.33
C ALA A 38 -2.60 -6.07 0.85
N VAL A 39 -2.29 -5.69 2.07
CA VAL A 39 -0.99 -5.97 2.67
C VAL A 39 -1.08 -7.08 3.71
N LYS A 40 -0.10 -7.98 3.68
CA LYS A 40 -0.07 -9.11 4.61
C LYS A 40 0.50 -8.70 5.96
N ARG A 41 -0.37 -8.51 6.93
CA ARG A 41 0.04 -8.13 8.28
C ARG A 41 0.86 -9.25 8.93
N ASP A 42 1.35 -8.99 10.12
CA ASP A 42 2.16 -9.97 10.85
C ASP A 42 1.40 -11.27 11.06
N SER A 43 0.15 -11.17 11.52
CA SER A 43 -0.66 -12.35 11.77
C SER A 43 -1.92 -12.37 10.90
N ASP A 44 -2.29 -11.22 10.36
CA ASP A 44 -3.48 -11.12 9.51
C ASP A 44 -3.17 -10.40 8.21
N GLU A 45 -4.19 -9.73 7.66
CA GLU A 45 -4.04 -8.99 6.42
C GLU A 45 -5.01 -7.82 6.38
N VAL A 46 -4.48 -6.61 6.17
CA VAL A 46 -5.31 -5.42 6.12
C VAL A 46 -5.31 -4.79 4.73
N LEU A 47 -6.26 -3.89 4.50
CA LEU A 47 -6.39 -3.22 3.22
C LEU A 47 -6.40 -1.69 3.38
N VAL A 48 -5.79 -0.98 2.44
CA VAL A 48 -5.75 0.48 2.49
C VAL A 48 -5.86 1.07 1.09
N PRO A 49 -6.75 2.08 0.90
CA PRO A 49 -6.96 2.73 -0.40
C PRO A 49 -5.68 3.19 -1.07
N PHE A 50 -5.44 2.69 -2.28
CA PHE A 50 -4.26 3.06 -3.05
C PHE A 50 -4.59 4.23 -3.95
N VAL A 51 -3.94 5.35 -3.68
CA VAL A 51 -4.16 6.55 -4.46
C VAL A 51 -2.84 7.31 -4.63
N ARG A 52 -2.61 7.81 -5.84
CA ARG A 52 -1.39 8.55 -6.14
C ARG A 52 -1.21 9.72 -5.17
N ALA A 53 -2.27 10.05 -4.44
CA ALA A 53 -2.25 11.15 -3.49
C ALA A 53 -1.79 10.68 -2.12
N ILE A 54 -2.23 9.48 -1.75
CA ILE A 54 -1.89 8.91 -0.45
C ILE A 54 -0.48 8.31 -0.46
N VAL A 55 -0.04 7.85 -1.63
CA VAL A 55 1.29 7.27 -1.77
C VAL A 55 2.35 8.35 -1.64
N THR A 56 3.25 8.17 -0.67
CA THR A 56 4.32 9.13 -0.43
C THR A 56 5.56 8.81 -1.24
N SER A 57 6.00 7.56 -1.16
CA SER A 57 7.19 7.11 -1.87
C SER A 57 6.98 5.74 -2.49
N VAL A 58 7.71 5.48 -3.57
CA VAL A 58 7.61 4.20 -4.27
C VAL A 58 8.98 3.65 -4.62
N SER A 59 9.41 2.63 -3.88
CA SER A 59 10.71 2.01 -4.11
C SER A 59 10.57 0.88 -5.13
N LEU A 60 11.10 1.09 -6.31
CA LEU A 60 11.02 0.11 -7.38
C LEU A 60 12.16 -0.90 -7.31
N ASP A 61 13.38 -0.37 -7.26
CA ASP A 61 14.58 -1.19 -7.20
C ASP A 61 14.71 -1.91 -5.87
N ASP A 62 14.39 -1.22 -4.77
CA ASP A 62 14.50 -1.80 -3.44
C ASP A 62 13.34 -2.75 -3.15
N GLY A 63 12.32 -2.73 -4.00
CA GLY A 63 11.17 -3.58 -3.80
C GLY A 63 10.41 -3.22 -2.53
N ILE A 64 10.09 -1.93 -2.40
CA ILE A 64 9.39 -1.43 -1.22
C ILE A 64 8.36 -0.35 -1.60
N VAL A 65 7.40 -0.12 -0.71
CA VAL A 65 6.36 0.87 -0.93
C VAL A 65 6.10 1.73 0.32
N GLU A 66 5.69 2.97 0.09
CA GLU A 66 5.40 3.91 1.15
C GLU A 66 4.01 4.51 0.93
N ILE A 67 3.26 4.70 2.01
CA ILE A 67 1.91 5.25 1.93
C ILE A 67 1.57 6.07 3.17
N ASP A 68 0.41 6.70 3.15
CA ASP A 68 -0.05 7.50 4.26
C ASP A 68 -1.52 7.23 4.55
N PRO A 69 -1.82 6.10 5.22
CA PRO A 69 -3.20 5.71 5.54
C PRO A 69 -3.91 6.75 6.40
N PRO A 70 -5.15 7.13 6.05
CA PRO A 70 -5.91 8.12 6.80
C PRO A 70 -6.33 7.58 8.16
N HIS A 71 -6.03 8.31 9.23
CA HIS A 71 -6.38 7.87 10.58
C HIS A 71 -5.94 6.42 10.81
N GLY A 72 -6.87 5.56 11.20
CA GLY A 72 -6.55 4.16 11.44
C GLY A 72 -6.96 3.26 10.28
N LEU A 73 -7.11 3.87 9.11
CA LEU A 73 -7.51 3.14 7.90
C LEU A 73 -6.47 2.09 7.49
N LEU A 74 -5.29 2.15 8.09
CA LEU A 74 -4.23 1.20 7.76
C LEU A 74 -4.66 -0.23 8.09
N ASN A 75 -5.93 -0.40 8.47
CA ASN A 75 -6.47 -1.70 8.81
C ASN A 75 -7.81 -1.95 8.12
N LEU A 76 -7.83 -2.93 7.22
CA LEU A 76 -9.04 -3.27 6.48
C LEU A 76 -9.54 -2.10 5.64
N GLU A 77 -10.50 -2.37 4.77
CA GLU A 77 -11.07 -1.33 3.91
C GLU A 77 -12.10 -0.49 4.67
N MET A 1 3.67 12.32 -6.40
CA MET A 1 3.80 12.89 -7.76
C MET A 1 4.00 11.79 -8.80
N ASP A 2 4.44 10.63 -8.35
CA ASP A 2 4.67 9.49 -9.24
C ASP A 2 3.70 8.36 -8.95
N THR A 3 3.32 7.63 -9.99
CA THR A 3 2.39 6.51 -9.84
C THR A 3 2.75 5.37 -10.78
N TYR A 4 2.98 4.19 -10.22
CA TYR A 4 3.35 3.01 -11.01
C TYR A 4 2.23 1.99 -11.03
N TYR A 5 2.40 0.97 -11.88
CA TYR A 5 1.42 -0.10 -12.02
C TYR A 5 1.17 -0.77 -10.67
N ASP A 6 -0.09 -1.15 -10.44
CA ASP A 6 -0.46 -1.80 -9.18
C ASP A 6 -0.03 -3.26 -9.18
N HIS A 7 -0.34 -3.96 -10.27
CA HIS A 7 0.02 -5.37 -10.41
C HIS A 7 1.53 -5.56 -10.24
N GLN A 8 2.25 -4.44 -10.31
CA GLN A 8 3.69 -4.45 -10.16
C GLN A 8 4.09 -4.12 -8.73
N LEU A 9 3.30 -3.26 -8.10
CA LEU A 9 3.55 -2.84 -6.72
C LEU A 9 3.24 -3.95 -5.73
N VAL A 10 2.41 -4.89 -6.15
CA VAL A 10 2.07 -6.02 -5.29
C VAL A 10 3.32 -6.87 -5.05
N GLY A 11 3.60 -7.14 -3.77
CA GLY A 11 4.76 -7.93 -3.39
C GLY A 11 5.89 -7.06 -2.86
N LEU A 12 5.59 -5.79 -2.61
CA LEU A 12 6.57 -4.86 -2.07
C LEU A 12 6.29 -4.58 -0.60
N MET A 13 7.29 -4.08 0.11
CA MET A 13 7.13 -3.78 1.53
C MET A 13 6.45 -2.43 1.72
N VAL A 14 5.18 -2.46 2.07
CA VAL A 14 4.42 -1.23 2.26
C VAL A 14 4.55 -0.73 3.69
N GLN A 15 4.60 0.59 3.85
CA GLN A 15 4.72 1.21 5.16
C GLN A 15 4.07 2.59 5.15
N THR A 16 3.91 3.17 6.33
CA THR A 16 3.33 4.50 6.42
C THR A 16 4.42 5.57 6.47
N ALA A 17 4.05 6.81 6.18
CA ALA A 17 4.99 7.92 6.20
C ALA A 17 5.61 8.07 7.58
N THR A 18 4.83 7.76 8.62
CA THR A 18 5.31 7.86 9.98
C THR A 18 6.37 6.79 10.27
N GLY A 19 6.39 5.75 9.44
CA GLY A 19 7.36 4.69 9.61
C GLY A 19 6.75 3.39 10.12
N GLU A 20 5.45 3.21 9.91
CA GLU A 20 4.78 2.01 10.37
C GLU A 20 4.86 0.90 9.34
N GLY A 21 5.56 -0.19 9.69
CA GLY A 21 5.69 -1.30 8.77
C GLY A 21 4.44 -2.15 8.73
N VAL A 22 3.51 -1.78 7.85
CA VAL A 22 2.25 -2.51 7.72
C VAL A 22 2.50 -3.94 7.25
N GLY A 23 3.52 -4.11 6.41
CA GLY A 23 3.86 -5.43 5.90
C GLY A 23 4.18 -5.41 4.42
N VAL A 24 4.11 -6.57 3.78
CA VAL A 24 4.37 -6.67 2.36
C VAL A 24 3.07 -6.85 1.61
N VAL A 25 2.80 -5.99 0.65
CA VAL A 25 1.58 -6.09 -0.11
C VAL A 25 1.61 -7.33 -0.98
N THR A 26 0.47 -7.97 -1.15
CA THR A 26 0.39 -9.19 -1.95
C THR A 26 -0.55 -9.02 -3.13
N GLU A 27 -1.33 -7.94 -3.12
CA GLU A 27 -2.27 -7.68 -4.20
C GLU A 27 -3.02 -6.37 -4.01
N VAL A 28 -3.50 -5.81 -5.11
CA VAL A 28 -4.29 -4.58 -5.07
C VAL A 28 -5.74 -4.90 -5.44
N VAL A 29 -6.71 -4.21 -4.85
CA VAL A 29 -8.11 -4.47 -5.15
C VAL A 29 -8.71 -3.38 -6.02
N HIS A 30 -9.14 -3.75 -7.22
CA HIS A 30 -9.74 -2.78 -8.14
C HIS A 30 -11.07 -2.30 -7.60
N THR A 31 -11.06 -1.11 -6.99
CA THR A 31 -12.27 -0.55 -6.41
C THR A 31 -13.02 0.30 -7.43
N ALA A 32 -14.10 0.92 -7.00
CA ALA A 32 -14.91 1.75 -7.88
C ALA A 32 -14.17 3.04 -8.26
N ALA A 33 -13.51 3.64 -7.28
CA ALA A 33 -12.78 4.88 -7.51
C ALA A 33 -11.36 4.62 -8.01
N GLY A 34 -10.77 3.52 -7.53
CA GLY A 34 -9.42 3.17 -7.93
C GLY A 34 -9.02 1.77 -7.52
N GLU A 35 -8.07 1.66 -6.60
CA GLU A 35 -7.58 0.38 -6.12
C GLU A 35 -7.30 0.40 -4.61
N LEU A 36 -7.10 -0.79 -4.04
CA LEU A 36 -6.80 -0.93 -2.62
C LEU A 36 -5.44 -1.59 -2.43
N LEU A 37 -4.96 -1.62 -1.20
CA LEU A 37 -3.66 -2.24 -0.91
C LEU A 37 -3.80 -3.39 0.07
N ALA A 38 -3.77 -4.62 -0.45
CA ALA A 38 -3.85 -5.80 0.39
C ALA A 38 -2.47 -6.14 0.91
N VAL A 39 -2.19 -5.74 2.15
CA VAL A 39 -0.90 -5.98 2.75
C VAL A 39 -0.95 -7.08 3.80
N LYS A 40 0.01 -7.98 3.74
CA LYS A 40 0.07 -9.09 4.68
C LYS A 40 0.59 -8.66 6.05
N ARG A 41 -0.34 -8.45 6.97
CA ARG A 41 0.01 -8.03 8.33
C ARG A 41 0.81 -9.10 9.03
N ASP A 42 1.25 -8.81 10.25
CA ASP A 42 2.03 -9.76 11.05
C ASP A 42 1.32 -11.09 11.19
N SER A 43 0.04 -11.05 11.55
CA SER A 43 -0.73 -12.27 11.73
C SER A 43 -1.91 -12.37 10.76
N ASP A 44 -2.31 -11.22 10.20
CA ASP A 44 -3.42 -11.20 9.26
C ASP A 44 -3.09 -10.40 8.01
N GLU A 45 -4.10 -9.75 7.44
CA GLU A 45 -3.93 -8.94 6.24
C GLU A 45 -4.99 -7.85 6.19
N VAL A 46 -4.56 -6.62 5.89
CA VAL A 46 -5.47 -5.49 5.81
C VAL A 46 -5.48 -4.88 4.42
N LEU A 47 -6.46 -4.01 4.17
CA LEU A 47 -6.60 -3.35 2.87
C LEU A 47 -6.67 -1.84 3.02
N VAL A 48 -5.77 -1.13 2.35
CA VAL A 48 -5.74 0.32 2.41
C VAL A 48 -5.78 0.94 1.01
N PRO A 49 -6.67 1.93 0.79
CA PRO A 49 -6.82 2.59 -0.52
C PRO A 49 -5.52 3.10 -1.12
N PHE A 50 -5.24 2.65 -2.33
CA PHE A 50 -4.03 3.06 -3.06
C PHE A 50 -4.35 4.28 -3.92
N VAL A 51 -3.73 5.40 -3.58
CA VAL A 51 -3.95 6.63 -4.31
C VAL A 51 -2.63 7.36 -4.51
N ARG A 52 -2.44 7.91 -5.71
CA ARG A 52 -1.22 8.64 -6.04
C ARG A 52 -0.96 9.74 -5.01
N ALA A 53 -1.97 10.05 -4.21
CA ALA A 53 -1.85 11.10 -3.19
C ALA A 53 -1.37 10.52 -1.87
N ILE A 54 -2.01 9.43 -1.46
CA ILE A 54 -1.67 8.76 -0.20
C ILE A 54 -0.26 8.18 -0.25
N VAL A 55 0.11 7.64 -1.41
CA VAL A 55 1.44 7.05 -1.58
C VAL A 55 2.51 8.13 -1.50
N THR A 56 3.44 7.97 -0.56
CA THR A 56 4.50 8.94 -0.37
C THR A 56 5.81 8.48 -1.01
N SER A 57 6.22 7.25 -0.71
CA SER A 57 7.44 6.70 -1.27
C SER A 57 7.15 5.50 -2.14
N VAL A 58 8.03 5.24 -3.10
CA VAL A 58 7.88 4.11 -4.00
C VAL A 58 9.24 3.59 -4.47
N SER A 59 9.45 2.30 -4.31
CA SER A 59 10.70 1.67 -4.72
C SER A 59 10.42 0.43 -5.57
N LEU A 60 10.66 0.54 -6.88
CA LEU A 60 10.41 -0.56 -7.79
C LEU A 60 11.62 -1.49 -7.89
N ASP A 61 12.81 -0.94 -7.68
CA ASP A 61 14.03 -1.71 -7.75
C ASP A 61 14.40 -2.32 -6.40
N ASP A 62 14.19 -1.54 -5.33
CA ASP A 62 14.51 -2.00 -3.98
C ASP A 62 13.43 -2.94 -3.45
N GLY A 63 12.26 -2.89 -4.06
CA GLY A 63 11.16 -3.74 -3.64
C GLY A 63 10.49 -3.25 -2.38
N ILE A 64 10.13 -1.97 -2.36
CA ILE A 64 9.49 -1.35 -1.18
C ILE A 64 8.52 -0.24 -1.59
N VAL A 65 7.55 0.03 -0.71
CA VAL A 65 6.56 1.08 -0.95
C VAL A 65 6.12 1.73 0.37
N GLU A 66 5.76 3.01 0.30
CA GLU A 66 5.29 3.75 1.46
C GLU A 66 3.98 4.44 1.15
N ILE A 67 3.25 4.77 2.19
CA ILE A 67 1.94 5.42 2.05
C ILE A 67 1.60 6.24 3.28
N ASP A 68 0.48 6.95 3.21
CA ASP A 68 0.01 7.75 4.32
C ASP A 68 -1.48 7.49 4.52
N PRO A 69 -1.81 6.33 5.12
CA PRO A 69 -3.20 5.93 5.36
C PRO A 69 -3.95 6.96 6.21
N PRO A 70 -5.22 7.23 5.87
CA PRO A 70 -6.03 8.20 6.60
C PRO A 70 -6.44 7.67 7.97
N HIS A 71 -6.17 8.45 9.02
CA HIS A 71 -6.50 8.05 10.38
C HIS A 71 -6.08 6.60 10.66
N GLY A 72 -7.05 5.75 11.03
CA GLY A 72 -6.74 4.36 11.33
C GLY A 72 -7.09 3.41 10.18
N LEU A 73 -7.18 3.95 8.99
CA LEU A 73 -7.52 3.18 7.79
C LEU A 73 -6.48 2.11 7.48
N LEU A 74 -5.33 2.14 8.15
CA LEU A 74 -4.27 1.16 7.92
C LEU A 74 -4.81 -0.27 8.03
N ASN A 75 -6.09 -0.41 8.36
CA ASN A 75 -6.71 -1.73 8.50
C ASN A 75 -7.54 -2.06 7.25
N LEU A 76 -8.37 -3.10 7.36
CA LEU A 76 -9.23 -3.52 6.24
C LEU A 76 -9.89 -2.34 5.55
N GLU A 77 -10.32 -2.55 4.31
CA GLU A 77 -10.96 -1.51 3.53
C GLU A 77 -12.16 -0.91 4.27
N MET A 1 5.16 12.11 -5.82
CA MET A 1 4.03 12.33 -6.75
C MET A 1 4.02 11.26 -7.85
N ASP A 2 4.89 10.28 -7.72
CA ASP A 2 4.99 9.20 -8.69
C ASP A 2 3.79 8.25 -8.58
N THR A 3 3.55 7.49 -9.63
CA THR A 3 2.44 6.54 -9.65
C THR A 3 2.74 5.38 -10.59
N TYR A 4 3.08 4.24 -10.03
CA TYR A 4 3.40 3.05 -10.83
C TYR A 4 2.25 2.05 -10.84
N TYR A 5 2.36 1.04 -11.69
CA TYR A 5 1.35 0.00 -11.81
C TYR A 5 1.13 -0.71 -10.48
N ASP A 6 -0.12 -1.07 -10.21
CA ASP A 6 -0.47 -1.75 -8.97
C ASP A 6 -0.08 -3.22 -9.03
N HIS A 7 -0.46 -3.88 -10.13
CA HIS A 7 -0.16 -5.29 -10.32
C HIS A 7 1.35 -5.53 -10.21
N GLN A 8 2.10 -4.44 -10.28
CA GLN A 8 3.56 -4.52 -10.18
C GLN A 8 4.00 -4.25 -8.74
N LEU A 9 3.28 -3.37 -8.06
CA LEU A 9 3.60 -3.00 -6.69
C LEU A 9 3.26 -4.13 -5.73
N VAL A 10 2.34 -5.01 -6.13
CA VAL A 10 1.99 -6.15 -5.28
C VAL A 10 3.21 -7.03 -5.06
N GLY A 11 3.49 -7.32 -3.79
CA GLY A 11 4.65 -8.12 -3.44
C GLY A 11 5.78 -7.28 -2.88
N LEU A 12 5.52 -6.00 -2.69
CA LEU A 12 6.51 -5.08 -2.15
C LEU A 12 6.22 -4.79 -0.67
N MET A 13 7.21 -4.25 0.04
CA MET A 13 7.04 -3.95 1.45
C MET A 13 6.35 -2.61 1.63
N VAL A 14 5.07 -2.65 1.99
CA VAL A 14 4.30 -1.42 2.16
C VAL A 14 4.46 -0.88 3.57
N GLN A 15 4.49 0.45 3.69
CA GLN A 15 4.63 1.09 4.99
C GLN A 15 3.99 2.46 4.98
N THR A 16 3.81 3.05 6.16
CA THR A 16 3.22 4.37 6.25
C THR A 16 4.31 5.44 6.28
N ALA A 17 3.92 6.67 5.98
CA ALA A 17 4.86 7.79 5.97
C ALA A 17 5.51 7.96 7.34
N THR A 18 4.77 7.64 8.39
CA THR A 18 5.30 7.75 9.75
C THR A 18 6.37 6.70 10.01
N GLY A 19 6.37 5.65 9.19
CA GLY A 19 7.36 4.60 9.34
C GLY A 19 6.78 3.31 9.88
N GLU A 20 5.47 3.12 9.70
CA GLU A 20 4.81 1.91 10.18
C GLU A 20 4.90 0.79 9.16
N GLY A 21 5.61 -0.27 9.50
CA GLY A 21 5.75 -1.40 8.59
C GLY A 21 4.51 -2.28 8.59
N VAL A 22 3.56 -1.95 7.73
CA VAL A 22 2.33 -2.72 7.64
C VAL A 22 2.59 -4.15 7.17
N GLY A 23 3.60 -4.31 6.32
CA GLY A 23 3.95 -5.63 5.83
C GLY A 23 4.25 -5.62 4.35
N VAL A 24 4.11 -6.78 3.70
CA VAL A 24 4.35 -6.88 2.27
C VAL A 24 3.03 -7.07 1.54
N VAL A 25 2.75 -6.19 0.60
CA VAL A 25 1.51 -6.26 -0.15
C VAL A 25 1.50 -7.50 -1.01
N THR A 26 0.33 -8.13 -1.15
CA THR A 26 0.22 -9.33 -1.96
C THR A 26 -0.73 -9.14 -3.13
N GLU A 27 -1.48 -8.05 -3.12
CA GLU A 27 -2.43 -7.78 -4.19
C GLU A 27 -3.17 -6.47 -3.99
N VAL A 28 -3.65 -5.90 -5.09
CA VAL A 28 -4.41 -4.66 -5.05
C VAL A 28 -5.87 -4.94 -5.47
N VAL A 29 -6.82 -4.20 -4.91
CA VAL A 29 -8.23 -4.40 -5.27
C VAL A 29 -8.76 -3.27 -6.12
N HIS A 30 -9.18 -3.58 -7.34
CA HIS A 30 -9.72 -2.58 -8.24
C HIS A 30 -11.04 -2.05 -7.73
N THR A 31 -11.01 -0.89 -7.08
CA THR A 31 -12.21 -0.28 -6.54
C THR A 31 -12.87 0.63 -7.57
N ALA A 32 -13.95 1.29 -7.15
CA ALA A 32 -14.65 2.20 -8.04
C ALA A 32 -13.84 3.46 -8.30
N ALA A 33 -13.24 4.00 -7.26
CA ALA A 33 -12.43 5.21 -7.37
C ALA A 33 -11.03 4.90 -7.88
N GLY A 34 -10.51 3.73 -7.51
CA GLY A 34 -9.18 3.34 -7.93
C GLY A 34 -8.85 1.91 -7.55
N GLU A 35 -7.91 1.75 -6.63
CA GLU A 35 -7.47 0.43 -6.18
C GLU A 35 -7.21 0.42 -4.66
N LEU A 36 -7.08 -0.78 -4.11
CA LEU A 36 -6.80 -0.95 -2.67
C LEU A 36 -5.45 -1.64 -2.48
N LEU A 37 -4.99 -1.69 -1.23
CA LEU A 37 -3.72 -2.32 -0.93
C LEU A 37 -3.89 -3.47 0.06
N ALA A 38 -3.85 -4.69 -0.45
CA ALA A 38 -3.96 -5.86 0.42
C ALA A 38 -2.57 -6.23 0.89
N VAL A 39 -2.24 -5.83 2.12
CA VAL A 39 -0.91 -6.11 2.67
C VAL A 39 -0.99 -7.14 3.79
N LYS A 40 -0.03 -8.06 3.78
CA LYS A 40 0.03 -9.11 4.78
C LYS A 40 0.58 -8.60 6.11
N ARG A 41 -0.33 -8.33 7.04
CA ARG A 41 0.05 -7.83 8.36
C ARG A 41 0.92 -8.86 9.09
N ASP A 42 1.39 -8.50 10.27
CA ASP A 42 2.24 -9.38 11.07
C ASP A 42 1.56 -10.72 11.34
N SER A 43 0.31 -10.67 11.77
CA SER A 43 -0.44 -11.89 12.08
C SER A 43 -1.68 -12.03 11.23
N ASP A 44 -2.13 -10.92 10.64
CA ASP A 44 -3.33 -10.94 9.80
C ASP A 44 -3.08 -10.21 8.48
N GLU A 45 -4.13 -9.65 7.90
CA GLU A 45 -4.01 -8.92 6.64
C GLU A 45 -4.95 -7.73 6.62
N VAL A 46 -4.49 -6.61 6.07
CA VAL A 46 -5.30 -5.40 6.02
C VAL A 46 -5.36 -4.82 4.61
N LEU A 47 -6.31 -3.91 4.41
CA LEU A 47 -6.50 -3.27 3.11
C LEU A 47 -6.48 -1.75 3.23
N VAL A 48 -5.75 -1.08 2.33
CA VAL A 48 -5.69 0.38 2.35
C VAL A 48 -5.76 0.95 0.93
N PRO A 49 -6.64 1.95 0.70
CA PRO A 49 -6.82 2.56 -0.63
C PRO A 49 -5.54 3.13 -1.22
N PHE A 50 -5.18 2.62 -2.39
CA PHE A 50 -3.99 3.07 -3.10
C PHE A 50 -4.35 4.23 -4.01
N VAL A 51 -3.81 5.40 -3.69
CA VAL A 51 -4.07 6.60 -4.46
C VAL A 51 -2.79 7.40 -4.67
N ARG A 52 -2.62 7.91 -5.87
CA ARG A 52 -1.44 8.70 -6.21
C ARG A 52 -1.26 9.86 -5.24
N ALA A 53 -2.31 10.14 -4.47
CA ALA A 53 -2.29 11.23 -3.50
C ALA A 53 -1.77 10.75 -2.14
N ILE A 54 -2.15 9.53 -1.78
CA ILE A 54 -1.76 8.97 -0.49
C ILE A 54 -0.33 8.40 -0.54
N VAL A 55 0.06 7.87 -1.68
CA VAL A 55 1.40 7.31 -1.83
C VAL A 55 2.46 8.38 -1.65
N THR A 56 3.35 8.17 -0.69
CA THR A 56 4.41 9.13 -0.40
C THR A 56 5.73 8.71 -1.02
N SER A 57 6.13 7.46 -0.78
CA SER A 57 7.37 6.94 -1.32
C SER A 57 7.14 5.63 -2.06
N VAL A 58 7.97 5.39 -3.07
CA VAL A 58 7.87 4.19 -3.88
C VAL A 58 9.23 3.79 -4.45
N SER A 59 9.77 2.70 -3.94
CA SER A 59 11.06 2.19 -4.40
C SER A 59 10.86 0.95 -5.25
N LEU A 60 11.14 1.08 -6.55
CA LEU A 60 10.97 -0.03 -7.48
C LEU A 60 12.18 -0.96 -7.50
N ASP A 61 13.35 -0.39 -7.24
CA ASP A 61 14.59 -1.17 -7.22
C ASP A 61 14.82 -1.83 -5.87
N ASP A 62 14.29 -1.21 -4.81
CA ASP A 62 14.45 -1.74 -3.46
C ASP A 62 13.34 -2.74 -3.12
N GLY A 63 12.32 -2.81 -3.97
CA GLY A 63 11.22 -3.70 -3.72
C GLY A 63 10.43 -3.31 -2.49
N ILE A 64 10.08 -2.03 -2.41
CA ILE A 64 9.35 -1.49 -1.27
C ILE A 64 8.33 -0.42 -1.68
N VAL A 65 7.34 -0.21 -0.84
CA VAL A 65 6.29 0.78 -1.09
C VAL A 65 5.91 1.53 0.20
N GLU A 66 5.50 2.78 0.04
CA GLU A 66 5.10 3.62 1.17
C GLU A 66 3.76 4.28 0.89
N ILE A 67 3.09 4.64 1.96
CA ILE A 67 1.77 5.27 1.88
C ILE A 67 1.47 6.10 3.12
N ASP A 68 0.33 6.77 3.09
CA ASP A 68 -0.10 7.57 4.22
C ASP A 68 -1.58 7.32 4.49
N PRO A 69 -1.89 6.18 5.12
CA PRO A 69 -3.28 5.80 5.42
C PRO A 69 -3.99 6.83 6.30
N PRO A 70 -5.24 7.20 5.94
CA PRO A 70 -6.01 8.18 6.72
C PRO A 70 -6.45 7.60 8.06
N HIS A 71 -6.16 8.30 9.14
CA HIS A 71 -6.53 7.84 10.48
C HIS A 71 -6.07 6.39 10.69
N GLY A 72 -7.01 5.51 11.03
CA GLY A 72 -6.67 4.10 11.25
C GLY A 72 -7.02 3.22 10.07
N LEU A 73 -7.16 3.82 8.89
CA LEU A 73 -7.52 3.09 7.68
C LEU A 73 -6.47 2.06 7.29
N LEU A 74 -5.28 2.15 7.88
CA LEU A 74 -4.21 1.20 7.58
C LEU A 74 -4.61 -0.22 7.98
N ASN A 75 -5.86 -0.39 8.39
CA ASN A 75 -6.36 -1.70 8.79
C ASN A 75 -7.70 -2.01 8.12
N LEU A 76 -7.68 -3.04 7.26
CA LEU A 76 -8.89 -3.47 6.55
C LEU A 76 -9.46 -2.35 5.69
N GLU A 77 -10.34 -2.73 4.76
CA GLU A 77 -10.98 -1.78 3.87
C GLU A 77 -12.22 -1.17 4.51
N MET A 1 0.94 13.37 -12.24
CA MET A 1 -0.06 12.39 -12.77
C MET A 1 0.62 11.14 -13.30
N ASP A 2 1.76 10.80 -12.69
CA ASP A 2 2.51 9.62 -13.10
C ASP A 2 1.95 8.35 -12.48
N THR A 3 2.07 8.25 -11.15
CA THR A 3 1.55 7.10 -10.43
C THR A 3 2.33 5.84 -10.79
N TYR A 4 2.21 4.83 -9.94
CA TYR A 4 2.90 3.56 -10.14
C TYR A 4 1.91 2.43 -10.37
N TYR A 5 2.33 1.44 -11.15
CA TYR A 5 1.49 0.29 -11.46
C TYR A 5 1.25 -0.55 -10.21
N ASP A 6 -0.02 -0.81 -9.93
CA ASP A 6 -0.40 -1.58 -8.75
C ASP A 6 0.04 -3.03 -8.88
N HIS A 7 -0.28 -3.64 -10.01
CA HIS A 7 0.09 -5.04 -10.27
C HIS A 7 1.59 -5.22 -10.11
N GLN A 8 2.31 -4.10 -10.13
CA GLN A 8 3.74 -4.10 -9.98
C GLN A 8 4.15 -3.88 -8.53
N LEU A 9 3.37 -3.07 -7.82
CA LEU A 9 3.64 -2.75 -6.44
C LEU A 9 3.32 -3.93 -5.52
N VAL A 10 2.44 -4.82 -5.97
CA VAL A 10 2.10 -5.99 -5.17
C VAL A 10 3.34 -6.86 -4.98
N GLY A 11 3.57 -7.28 -3.73
CA GLY A 11 4.72 -8.09 -3.39
C GLY A 11 5.88 -7.25 -2.86
N LEU A 12 5.60 -5.97 -2.62
CA LEU A 12 6.62 -5.06 -2.09
C LEU A 12 6.34 -4.77 -0.62
N MET A 13 7.34 -4.23 0.07
CA MET A 13 7.18 -3.90 1.49
C MET A 13 6.49 -2.56 1.66
N VAL A 14 5.21 -2.58 2.01
CA VAL A 14 4.45 -1.35 2.19
C VAL A 14 4.59 -0.84 3.61
N GLN A 15 4.63 0.49 3.76
CA GLN A 15 4.74 1.10 5.07
C GLN A 15 4.12 2.50 5.07
N THR A 16 3.92 3.05 6.27
CA THR A 16 3.34 4.38 6.39
C THR A 16 4.44 5.43 6.41
N ALA A 17 4.07 6.67 6.14
CA ALA A 17 5.02 7.78 6.14
C ALA A 17 5.70 7.92 7.49
N THR A 18 4.97 7.60 8.56
CA THR A 18 5.51 7.69 9.91
C THR A 18 6.55 6.61 10.15
N GLY A 19 6.53 5.56 9.32
CA GLY A 19 7.47 4.48 9.46
C GLY A 19 6.86 3.21 10.01
N GLU A 20 5.55 3.07 9.87
CA GLU A 20 4.86 1.88 10.35
C GLU A 20 4.90 0.76 9.31
N GLY A 21 5.55 -0.34 9.65
CA GLY A 21 5.65 -1.46 8.72
C GLY A 21 4.37 -2.27 8.67
N VAL A 22 3.47 -1.91 7.76
CA VAL A 22 2.20 -2.62 7.63
C VAL A 22 2.44 -4.06 7.18
N GLY A 23 3.47 -4.25 6.36
CA GLY A 23 3.81 -5.58 5.87
C GLY A 23 4.15 -5.57 4.40
N VAL A 24 4.06 -6.74 3.77
CA VAL A 24 4.34 -6.85 2.35
C VAL A 24 3.03 -7.00 1.59
N VAL A 25 2.80 -6.13 0.64
CA VAL A 25 1.58 -6.19 -0.13
C VAL A 25 1.57 -7.44 -0.98
N THR A 26 0.41 -8.05 -1.17
CA THR A 26 0.32 -9.26 -1.97
C THR A 26 -0.63 -9.10 -3.14
N GLU A 27 -1.42 -8.03 -3.12
CA GLU A 27 -2.37 -7.79 -4.20
C GLU A 27 -3.13 -6.49 -4.00
N VAL A 28 -3.62 -5.93 -5.12
CA VAL A 28 -4.40 -4.71 -5.08
C VAL A 28 -5.85 -5.01 -5.52
N VAL A 29 -6.82 -4.31 -4.95
CA VAL A 29 -8.22 -4.54 -5.30
C VAL A 29 -8.77 -3.41 -6.16
N HIS A 30 -9.13 -3.74 -7.40
CA HIS A 30 -9.66 -2.74 -8.32
C HIS A 30 -11.04 -2.28 -7.84
N THR A 31 -11.08 -1.11 -7.21
CA THR A 31 -12.32 -0.56 -6.70
C THR A 31 -13.00 0.31 -7.75
N ALA A 32 -14.11 0.92 -7.37
CA ALA A 32 -14.86 1.79 -8.27
C ALA A 32 -14.10 3.07 -8.56
N ALA A 33 -13.44 3.61 -7.53
CA ALA A 33 -12.69 4.85 -7.68
C ALA A 33 -11.26 4.59 -8.17
N GLY A 34 -10.70 3.45 -7.75
CA GLY A 34 -9.36 3.10 -8.15
C GLY A 34 -8.97 1.69 -7.75
N GLU A 35 -8.03 1.58 -6.81
CA GLU A 35 -7.55 0.29 -6.33
C GLU A 35 -7.31 0.31 -4.82
N LEU A 36 -7.15 -0.88 -4.24
CA LEU A 36 -6.89 -1.01 -2.81
C LEU A 36 -5.53 -1.67 -2.59
N LEU A 37 -5.08 -1.69 -1.34
CA LEU A 37 -3.80 -2.30 -1.01
C LEU A 37 -3.96 -3.45 -0.03
N ALA A 38 -3.91 -4.68 -0.53
CA ALA A 38 -4.00 -5.86 0.32
C ALA A 38 -2.62 -6.23 0.82
N VAL A 39 -2.32 -5.83 2.05
CA VAL A 39 -1.02 -6.11 2.64
C VAL A 39 -1.10 -7.19 3.71
N LYS A 40 -0.11 -8.07 3.73
CA LYS A 40 -0.07 -9.16 4.69
C LYS A 40 0.45 -8.72 6.05
N ARG A 41 -0.48 -8.47 6.97
CA ARG A 41 -0.11 -8.04 8.32
C ARG A 41 0.71 -9.12 9.02
N ASP A 42 1.30 -8.78 10.16
CA ASP A 42 2.11 -9.72 10.91
C ASP A 42 1.36 -11.03 11.18
N SER A 43 0.12 -10.92 11.65
CA SER A 43 -0.67 -12.10 11.97
C SER A 43 -1.95 -12.16 11.13
N ASP A 44 -2.37 -11.02 10.60
CA ASP A 44 -3.58 -10.95 9.80
C ASP A 44 -3.30 -10.28 8.45
N GLU A 45 -4.32 -9.64 7.89
CA GLU A 45 -4.18 -8.95 6.61
C GLU A 45 -5.11 -7.75 6.55
N VAL A 46 -4.55 -6.58 6.27
CA VAL A 46 -5.34 -5.35 6.19
C VAL A 46 -5.32 -4.76 4.78
N LEU A 47 -6.29 -3.90 4.51
CA LEU A 47 -6.41 -3.26 3.21
C LEU A 47 -6.46 -1.73 3.33
N VAL A 48 -5.83 -1.05 2.37
CA VAL A 48 -5.83 0.42 2.37
C VAL A 48 -5.98 0.96 0.95
N PRO A 49 -6.82 2.00 0.75
CA PRO A 49 -7.05 2.57 -0.59
C PRO A 49 -5.79 3.18 -1.19
N PHE A 50 -5.40 2.67 -2.35
CA PHE A 50 -4.22 3.17 -3.05
C PHE A 50 -4.60 4.37 -3.90
N VAL A 51 -3.99 5.51 -3.59
CA VAL A 51 -4.26 6.74 -4.30
C VAL A 51 -2.97 7.52 -4.52
N ARG A 52 -2.91 8.26 -5.63
CA ARG A 52 -1.73 9.06 -5.94
C ARG A 52 -1.37 9.95 -4.77
N ALA A 53 -2.33 10.16 -3.87
CA ALA A 53 -2.12 11.00 -2.70
C ALA A 53 -1.61 10.17 -1.52
N ILE A 54 -2.26 9.04 -1.30
CA ILE A 54 -1.91 8.13 -0.22
C ILE A 54 -0.42 7.75 -0.28
N VAL A 55 0.02 7.26 -1.43
CA VAL A 55 1.42 6.85 -1.61
C VAL A 55 2.35 8.06 -1.52
N THR A 56 3.33 7.98 -0.61
CA THR A 56 4.30 9.06 -0.43
C THR A 56 5.61 8.74 -1.12
N SER A 57 6.15 7.55 -0.85
CA SER A 57 7.40 7.13 -1.45
C SER A 57 7.24 5.82 -2.21
N VAL A 58 8.26 5.48 -2.99
CA VAL A 58 8.22 4.26 -3.79
C VAL A 58 9.62 3.70 -4.02
N SER A 59 9.72 2.38 -4.01
CA SER A 59 10.99 1.70 -4.24
C SER A 59 10.83 0.67 -5.35
N LEU A 60 11.29 1.04 -6.54
CA LEU A 60 11.17 0.17 -7.70
C LEU A 60 12.20 -0.95 -7.67
N ASP A 61 13.45 -0.55 -7.48
CA ASP A 61 14.56 -1.50 -7.46
C ASP A 61 14.74 -2.18 -6.09
N ASP A 62 14.48 -1.44 -5.02
CA ASP A 62 14.64 -2.00 -3.68
C ASP A 62 13.48 -2.91 -3.29
N GLY A 63 12.44 -2.93 -4.12
CA GLY A 63 11.30 -3.78 -3.84
C GLY A 63 10.57 -3.37 -2.57
N ILE A 64 10.24 -2.09 -2.48
CA ILE A 64 9.55 -1.55 -1.31
C ILE A 64 8.53 -0.48 -1.70
N VAL A 65 7.59 -0.20 -0.79
CA VAL A 65 6.56 0.80 -1.04
C VAL A 65 6.22 1.57 0.24
N GLU A 66 5.80 2.82 0.08
CA GLU A 66 5.42 3.67 1.18
C GLU A 66 4.07 4.30 0.91
N ILE A 67 3.39 4.66 1.98
CA ILE A 67 2.06 5.25 1.88
C ILE A 67 1.74 6.06 3.12
N ASP A 68 0.58 6.70 3.10
CA ASP A 68 0.11 7.49 4.22
C ASP A 68 -1.37 7.24 4.42
N PRO A 69 -1.70 6.22 5.23
CA PRO A 69 -3.09 5.84 5.49
C PRO A 69 -3.83 6.87 6.33
N PRO A 70 -5.06 7.25 5.92
CA PRO A 70 -5.85 8.24 6.65
C PRO A 70 -6.30 7.70 8.01
N HIS A 71 -6.02 8.45 9.07
CA HIS A 71 -6.40 8.01 10.41
C HIS A 71 -5.96 6.57 10.66
N GLY A 72 -6.91 5.70 11.03
CA GLY A 72 -6.60 4.31 11.29
C GLY A 72 -6.98 3.41 10.12
N LEU A 73 -7.11 4.00 8.94
CA LEU A 73 -7.50 3.26 7.73
C LEU A 73 -6.46 2.20 7.35
N LEU A 74 -5.28 2.27 7.96
CA LEU A 74 -4.23 1.30 7.66
C LEU A 74 -4.67 -0.13 8.01
N ASN A 75 -5.94 -0.29 8.38
CA ASN A 75 -6.49 -1.59 8.72
C ASN A 75 -7.82 -1.84 8.01
N LEU A 76 -7.84 -2.84 7.13
CA LEU A 76 -9.03 -3.19 6.37
C LEU A 76 -9.50 -2.04 5.50
N GLU A 77 -10.32 -2.36 4.49
CA GLU A 77 -10.84 -1.35 3.58
C GLU A 77 -12.04 -0.61 4.18
N MET A 1 3.92 11.14 -5.47
CA MET A 1 4.18 11.80 -6.77
C MET A 1 4.28 10.78 -7.90
N ASP A 2 4.82 9.61 -7.58
CA ASP A 2 4.97 8.55 -8.55
C ASP A 2 3.84 7.54 -8.44
N THR A 3 3.15 7.29 -9.55
CA THR A 3 2.03 6.36 -9.57
C THR A 3 2.31 5.21 -10.56
N TYR A 4 2.95 4.16 -10.06
CA TYR A 4 3.29 3.00 -10.90
C TYR A 4 2.16 1.98 -10.92
N TYR A 5 2.30 0.99 -11.79
CA TYR A 5 1.31 -0.07 -11.94
C TYR A 5 1.05 -0.77 -10.60
N ASP A 6 -0.20 -1.18 -10.41
CA ASP A 6 -0.59 -1.86 -9.17
C ASP A 6 -0.12 -3.31 -9.19
N HIS A 7 -0.48 -4.03 -10.24
CA HIS A 7 -0.09 -5.43 -10.38
C HIS A 7 1.41 -5.60 -10.25
N GLN A 8 2.13 -4.49 -10.35
CA GLN A 8 3.59 -4.50 -10.26
C GLN A 8 4.04 -4.20 -8.82
N LEU A 9 3.30 -3.32 -8.15
CA LEU A 9 3.64 -2.92 -6.79
C LEU A 9 3.32 -4.04 -5.81
N VAL A 10 2.41 -4.94 -6.17
CA VAL A 10 2.08 -6.05 -5.30
C VAL A 10 3.32 -6.91 -5.07
N GLY A 11 3.59 -7.19 -3.79
CA GLY A 11 4.76 -7.98 -3.42
C GLY A 11 5.88 -7.14 -2.85
N LEU A 12 5.63 -5.83 -2.69
CA LEU A 12 6.61 -4.92 -2.14
C LEU A 12 6.35 -4.67 -0.66
N MET A 13 7.34 -4.15 0.04
CA MET A 13 7.18 -3.88 1.47
C MET A 13 6.49 -2.53 1.67
N VAL A 14 5.21 -2.58 2.02
CA VAL A 14 4.43 -1.36 2.22
C VAL A 14 4.57 -0.85 3.65
N GLN A 15 4.58 0.47 3.80
CA GLN A 15 4.68 1.09 5.12
C GLN A 15 4.02 2.47 5.09
N THR A 16 3.85 3.07 6.27
CA THR A 16 3.26 4.39 6.36
C THR A 16 4.33 5.47 6.43
N ALA A 17 3.93 6.70 6.15
CA ALA A 17 4.86 7.82 6.19
C ALA A 17 5.51 7.94 7.57
N THR A 18 4.73 7.64 8.61
CA THR A 18 5.23 7.71 9.98
C THR A 18 6.29 6.63 10.23
N GLY A 19 6.29 5.62 9.39
CA GLY A 19 7.26 4.54 9.53
C GLY A 19 6.66 3.26 10.06
N GLU A 20 5.34 3.09 9.88
CA GLU A 20 4.66 1.88 10.37
C GLU A 20 4.77 0.75 9.35
N GLY A 21 5.46 -0.31 9.74
CA GLY A 21 5.62 -1.45 8.85
C GLY A 21 4.36 -2.29 8.75
N VAL A 22 3.47 -1.90 7.85
CA VAL A 22 2.21 -2.63 7.67
C VAL A 22 2.48 -4.06 7.18
N GLY A 23 3.51 -4.22 6.36
CA GLY A 23 3.84 -5.53 5.85
C GLY A 23 4.19 -5.51 4.37
N VAL A 24 4.08 -6.66 3.72
CA VAL A 24 4.36 -6.76 2.30
C VAL A 24 3.06 -6.93 1.54
N VAL A 25 2.82 -6.06 0.56
CA VAL A 25 1.60 -6.13 -0.21
C VAL A 25 1.59 -7.39 -1.05
N THR A 26 0.42 -7.99 -1.22
CA THR A 26 0.32 -9.21 -2.01
C THR A 26 -0.62 -9.02 -3.19
N GLU A 27 -1.37 -7.93 -3.19
CA GLU A 27 -2.30 -7.65 -4.28
C GLU A 27 -3.04 -6.33 -4.07
N VAL A 28 -3.63 -5.82 -5.15
CA VAL A 28 -4.42 -4.60 -5.09
C VAL A 28 -5.86 -4.91 -5.46
N VAL A 29 -6.83 -4.20 -4.87
CA VAL A 29 -8.23 -4.43 -5.17
C VAL A 29 -8.80 -3.32 -6.05
N HIS A 30 -9.21 -3.67 -7.26
CA HIS A 30 -9.77 -2.69 -8.18
C HIS A 30 -11.12 -2.21 -7.66
N THR A 31 -11.11 -1.03 -7.04
CA THR A 31 -12.33 -0.46 -6.50
C THR A 31 -13.03 0.42 -7.53
N ALA A 32 -14.12 1.06 -7.12
CA ALA A 32 -14.87 1.92 -8.01
C ALA A 32 -14.10 3.20 -8.32
N ALA A 33 -13.49 3.78 -7.29
CA ALA A 33 -12.72 5.02 -7.45
C ALA A 33 -11.33 4.73 -7.98
N GLY A 34 -10.78 3.58 -7.61
CA GLY A 34 -9.45 3.22 -8.06
C GLY A 34 -9.06 1.80 -7.65
N GLU A 35 -8.08 1.70 -6.77
CA GLU A 35 -7.59 0.40 -6.29
C GLU A 35 -7.30 0.44 -4.79
N LEU A 36 -7.12 -0.74 -4.20
CA LEU A 36 -6.81 -0.86 -2.78
C LEU A 36 -5.45 -1.52 -2.58
N LEU A 37 -4.97 -1.54 -1.36
CA LEU A 37 -3.68 -2.15 -1.06
C LEU A 37 -3.84 -3.31 -0.09
N ALA A 38 -3.81 -4.53 -0.61
CA ALA A 38 -3.91 -5.71 0.22
C ALA A 38 -2.53 -6.09 0.74
N VAL A 39 -2.24 -5.71 1.98
CA VAL A 39 -0.95 -5.98 2.57
C VAL A 39 -1.04 -7.02 3.68
N LYS A 40 -0.07 -7.92 3.71
CA LYS A 40 -0.04 -8.98 4.71
C LYS A 40 0.50 -8.50 6.05
N ARG A 41 -0.41 -8.23 6.98
CA ARG A 41 -0.05 -7.78 8.31
C ARG A 41 0.81 -8.83 9.01
N ASP A 42 1.35 -8.47 10.17
CA ASP A 42 2.21 -9.38 10.93
C ASP A 42 1.55 -10.73 11.16
N SER A 43 0.28 -10.71 11.61
CA SER A 43 -0.43 -11.95 11.88
C SER A 43 -1.70 -12.07 11.03
N ASP A 44 -2.15 -10.95 10.46
CA ASP A 44 -3.35 -10.94 9.64
C ASP A 44 -3.09 -10.21 8.32
N GLU A 45 -4.15 -9.65 7.74
CA GLU A 45 -4.04 -8.92 6.48
C GLU A 45 -4.97 -7.72 6.48
N VAL A 46 -4.44 -6.56 6.09
CA VAL A 46 -5.22 -5.33 6.06
C VAL A 46 -5.23 -4.72 4.66
N LEU A 47 -6.19 -3.83 4.43
CA LEU A 47 -6.33 -3.18 3.14
C LEU A 47 -6.35 -1.65 3.28
N VAL A 48 -5.71 -0.95 2.34
CA VAL A 48 -5.68 0.50 2.37
C VAL A 48 -5.82 1.07 0.95
N PRO A 49 -6.68 2.10 0.75
CA PRO A 49 -6.91 2.69 -0.58
C PRO A 49 -5.63 3.16 -1.27
N PHE A 50 -5.38 2.58 -2.44
CA PHE A 50 -4.21 2.94 -3.23
C PHE A 50 -4.51 4.17 -4.05
N VAL A 51 -3.87 5.27 -3.70
CA VAL A 51 -4.07 6.53 -4.40
C VAL A 51 -2.74 7.27 -4.55
N ARG A 52 -2.60 7.97 -5.66
CA ARG A 52 -1.37 8.72 -5.92
C ARG A 52 -1.12 9.71 -4.78
N ALA A 53 -2.14 9.94 -3.98
CA ALA A 53 -2.04 10.85 -2.84
C ALA A 53 -1.59 10.10 -1.61
N ILE A 54 -2.25 8.98 -1.36
CA ILE A 54 -1.94 8.12 -0.22
C ILE A 54 -0.48 7.68 -0.26
N VAL A 55 -0.08 7.08 -1.38
CA VAL A 55 1.28 6.61 -1.56
C VAL A 55 2.27 7.78 -1.52
N THR A 56 3.21 7.72 -0.59
CA THR A 56 4.20 8.78 -0.46
C THR A 56 5.53 8.39 -1.10
N SER A 57 6.03 7.19 -0.76
CA SER A 57 7.28 6.70 -1.32
C SER A 57 7.04 5.45 -2.15
N VAL A 58 7.95 5.19 -3.09
CA VAL A 58 7.83 4.02 -3.93
C VAL A 58 9.20 3.51 -4.38
N SER A 59 9.65 2.43 -3.76
CA SER A 59 10.93 1.82 -4.10
C SER A 59 10.73 0.79 -5.21
N LEU A 60 11.25 1.10 -6.38
CA LEU A 60 11.11 0.22 -7.54
C LEU A 60 12.19 -0.85 -7.58
N ASP A 61 13.42 -0.41 -7.49
CA ASP A 61 14.58 -1.31 -7.54
C ASP A 61 14.79 -2.06 -6.22
N ASP A 62 14.54 -1.39 -5.10
CA ASP A 62 14.73 -1.99 -3.79
C ASP A 62 13.59 -2.95 -3.44
N GLY A 63 12.42 -2.72 -4.04
CA GLY A 63 11.27 -3.58 -3.78
C GLY A 63 10.53 -3.18 -2.51
N ILE A 64 10.23 -1.89 -2.37
CA ILE A 64 9.53 -1.39 -1.20
C ILE A 64 8.53 -0.29 -1.59
N VAL A 65 7.58 -0.02 -0.71
CA VAL A 65 6.57 1.01 -0.95
C VAL A 65 6.10 1.66 0.36
N GLU A 66 5.75 2.94 0.28
CA GLU A 66 5.25 3.67 1.44
C GLU A 66 3.91 4.31 1.11
N ILE A 67 3.17 4.64 2.15
CA ILE A 67 1.85 5.25 2.00
C ILE A 67 1.50 6.09 3.20
N ASP A 68 0.35 6.77 3.13
CA ASP A 68 -0.13 7.60 4.21
C ASP A 68 -1.61 7.34 4.44
N PRO A 69 -1.93 6.22 5.12
CA PRO A 69 -3.32 5.83 5.40
C PRO A 69 -4.03 6.89 6.24
N PRO A 70 -5.26 7.27 5.86
CA PRO A 70 -6.03 8.26 6.61
C PRO A 70 -6.44 7.71 7.97
N HIS A 71 -6.13 8.46 9.03
CA HIS A 71 -6.45 8.03 10.38
C HIS A 71 -5.94 6.60 10.62
N GLY A 72 -6.85 5.69 11.02
CA GLY A 72 -6.46 4.31 11.26
C GLY A 72 -6.83 3.39 10.11
N LEU A 73 -7.02 3.97 8.93
CA LEU A 73 -7.41 3.21 7.74
C LEU A 73 -6.35 2.16 7.36
N LEU A 74 -5.19 2.23 7.99
CA LEU A 74 -4.12 1.28 7.71
C LEU A 74 -4.55 -0.15 8.04
N ASN A 75 -5.83 -0.33 8.38
CA ASN A 75 -6.36 -1.64 8.70
C ASN A 75 -7.69 -1.87 7.99
N LEU A 76 -7.72 -2.85 7.09
CA LEU A 76 -8.93 -3.18 6.33
C LEU A 76 -9.40 -2.00 5.48
N GLU A 77 -10.23 -2.29 4.48
CA GLU A 77 -10.74 -1.26 3.59
C GLU A 77 -11.89 -0.49 4.23
N MET A 1 2.95 13.32 -10.56
CA MET A 1 1.86 12.34 -10.84
C MET A 1 2.43 10.96 -11.15
N ASP A 2 3.59 10.67 -10.57
CA ASP A 2 4.24 9.37 -10.77
C ASP A 2 3.51 8.27 -10.03
N THR A 3 2.77 7.46 -10.79
CA THR A 3 2.01 6.36 -10.22
C THR A 3 2.25 5.08 -11.03
N TYR A 4 3.11 4.20 -10.51
CA TYR A 4 3.42 2.96 -11.21
C TYR A 4 2.27 1.96 -11.16
N TYR A 5 2.40 0.89 -11.94
CA TYR A 5 1.39 -0.15 -12.02
C TYR A 5 1.17 -0.80 -10.65
N ASP A 6 -0.08 -1.17 -10.38
CA ASP A 6 -0.43 -1.80 -9.11
C ASP A 6 -0.03 -3.27 -9.11
N HIS A 7 -0.41 -3.97 -10.17
CA HIS A 7 -0.08 -5.40 -10.30
C HIS A 7 1.43 -5.62 -10.22
N GLN A 8 2.18 -4.52 -10.34
CA GLN A 8 3.63 -4.57 -10.28
C GLN A 8 4.13 -4.28 -8.86
N LEU A 9 3.43 -3.38 -8.19
CA LEU A 9 3.78 -2.98 -6.82
C LEU A 9 3.45 -4.07 -5.83
N VAL A 10 2.50 -4.95 -6.17
CA VAL A 10 2.14 -6.03 -5.29
C VAL A 10 3.37 -6.92 -5.04
N GLY A 11 3.58 -7.24 -3.77
CA GLY A 11 4.73 -8.05 -3.38
C GLY A 11 5.85 -7.21 -2.79
N LEU A 12 5.63 -5.90 -2.72
CA LEU A 12 6.62 -4.98 -2.16
C LEU A 12 6.30 -4.70 -0.70
N MET A 13 7.27 -4.17 0.04
CA MET A 13 7.08 -3.87 1.45
C MET A 13 6.40 -2.51 1.63
N VAL A 14 5.12 -2.54 1.97
CA VAL A 14 4.36 -1.31 2.16
C VAL A 14 4.51 -0.80 3.59
N GLN A 15 4.56 0.53 3.73
CA GLN A 15 4.68 1.15 5.05
C GLN A 15 4.00 2.50 5.06
N THR A 16 3.89 3.10 6.24
CA THR A 16 3.27 4.41 6.35
C THR A 16 4.33 5.51 6.36
N ALA A 17 3.91 6.73 6.08
CA ALA A 17 4.83 7.87 6.05
C ALA A 17 5.55 8.01 7.40
N THR A 18 4.84 7.68 8.47
CA THR A 18 5.41 7.78 9.81
C THR A 18 6.46 6.71 10.04
N GLY A 19 6.43 5.65 9.23
CA GLY A 19 7.39 4.57 9.35
C GLY A 19 6.79 3.30 9.91
N GLU A 20 5.48 3.14 9.79
CA GLU A 20 4.81 1.95 10.29
C GLU A 20 4.84 0.83 9.26
N GLY A 21 5.53 -0.26 9.58
CA GLY A 21 5.61 -1.38 8.67
C GLY A 21 4.32 -2.17 8.61
N VAL A 22 3.41 -1.76 7.73
CA VAL A 22 2.13 -2.44 7.60
C VAL A 22 2.33 -3.88 7.14
N GLY A 23 3.35 -4.09 6.30
CA GLY A 23 3.63 -5.41 5.80
C GLY A 23 3.99 -5.40 4.32
N VAL A 24 3.94 -6.57 3.70
CA VAL A 24 4.23 -6.69 2.28
C VAL A 24 2.94 -6.84 1.49
N VAL A 25 2.75 -5.99 0.50
CA VAL A 25 1.55 -6.07 -0.32
C VAL A 25 1.55 -7.37 -1.10
N THR A 26 0.37 -7.95 -1.29
CA THR A 26 0.26 -9.19 -2.02
C THR A 26 -0.68 -9.03 -3.20
N GLU A 27 -1.46 -7.95 -3.20
CA GLU A 27 -2.39 -7.68 -4.27
C GLU A 27 -3.14 -6.38 -4.04
N VAL A 28 -3.60 -5.77 -5.12
CA VAL A 28 -4.38 -4.54 -5.04
C VAL A 28 -5.83 -4.81 -5.44
N VAL A 29 -6.78 -4.21 -4.74
CA VAL A 29 -8.20 -4.42 -5.05
C VAL A 29 -8.77 -3.29 -5.88
N HIS A 30 -9.20 -3.61 -7.09
CA HIS A 30 -9.77 -2.61 -7.99
C HIS A 30 -11.11 -2.14 -7.45
N THR A 31 -11.11 -0.98 -6.79
CA THR A 31 -12.33 -0.44 -6.22
C THR A 31 -13.04 0.47 -7.22
N ALA A 32 -14.16 1.05 -6.80
CA ALA A 32 -14.93 1.93 -7.66
C ALA A 32 -14.20 3.26 -7.88
N ALA A 33 -13.59 3.77 -6.82
CA ALA A 33 -12.86 5.03 -6.89
C ALA A 33 -11.44 4.83 -7.41
N GLY A 34 -10.87 3.68 -7.09
CA GLY A 34 -9.51 3.36 -7.52
C GLY A 34 -9.10 1.95 -7.20
N GLU A 35 -8.13 1.80 -6.30
CA GLU A 35 -7.62 0.48 -5.91
C GLU A 35 -7.31 0.43 -4.42
N LEU A 36 -7.08 -0.77 -3.91
CA LEU A 36 -6.75 -0.98 -2.49
C LEU A 36 -5.40 -1.65 -2.35
N LEU A 37 -4.90 -1.72 -1.12
CA LEU A 37 -3.61 -2.33 -0.85
C LEU A 37 -3.74 -3.50 0.12
N ALA A 38 -3.70 -4.73 -0.40
CA ALA A 38 -3.78 -5.91 0.45
C ALA A 38 -2.43 -6.26 1.00
N VAL A 39 -2.23 -5.92 2.26
CA VAL A 39 -0.98 -6.16 2.94
C VAL A 39 -1.06 -7.38 3.85
N LYS A 40 0.02 -8.15 3.89
CA LYS A 40 0.08 -9.32 4.74
C LYS A 40 0.66 -8.97 6.10
N ARG A 41 -0.23 -8.76 7.07
CA ARG A 41 0.18 -8.42 8.42
C ARG A 41 0.85 -9.59 9.11
N ASP A 42 1.33 -9.37 10.32
CA ASP A 42 2.00 -10.42 11.08
C ASP A 42 1.13 -11.66 11.21
N SER A 43 -0.13 -11.46 11.58
CA SER A 43 -1.04 -12.59 11.75
C SER A 43 -2.28 -12.46 10.87
N ASP A 44 -2.57 -11.23 10.41
CA ASP A 44 -3.74 -11.00 9.56
C ASP A 44 -3.36 -10.27 8.27
N GLU A 45 -4.35 -9.66 7.63
CA GLU A 45 -4.15 -8.92 6.40
C GLU A 45 -5.07 -7.70 6.35
N VAL A 46 -4.49 -6.52 6.15
CA VAL A 46 -5.27 -5.28 6.09
C VAL A 46 -5.31 -4.72 4.67
N LEU A 47 -6.26 -3.81 4.43
CA LEU A 47 -6.43 -3.19 3.13
C LEU A 47 -6.41 -1.66 3.22
N VAL A 48 -5.67 -1.01 2.33
CA VAL A 48 -5.62 0.45 2.32
C VAL A 48 -5.67 0.98 0.87
N PRO A 49 -6.51 1.99 0.60
CA PRO A 49 -6.67 2.56 -0.75
C PRO A 49 -5.36 3.06 -1.35
N PHE A 50 -5.01 2.48 -2.49
CA PHE A 50 -3.81 2.87 -3.21
C PHE A 50 -4.11 4.04 -4.12
N VAL A 51 -3.51 5.18 -3.80
CA VAL A 51 -3.71 6.40 -4.57
C VAL A 51 -2.42 7.20 -4.64
N ARG A 52 -2.20 7.86 -5.77
CA ARG A 52 -1.01 8.68 -5.96
C ARG A 52 -0.90 9.72 -4.84
N ALA A 53 -2.01 9.92 -4.12
CA ALA A 53 -2.04 10.88 -3.02
C ALA A 53 -1.61 10.19 -1.72
N ILE A 54 -2.22 9.03 -1.48
CA ILE A 54 -1.91 8.24 -0.30
C ILE A 54 -0.43 7.86 -0.27
N VAL A 55 0.02 7.27 -1.37
CA VAL A 55 1.42 6.85 -1.50
C VAL A 55 2.36 8.05 -1.40
N THR A 56 3.32 7.96 -0.48
CA THR A 56 4.28 9.03 -0.29
C THR A 56 5.60 8.69 -0.98
N SER A 57 6.11 7.50 -0.70
CA SER A 57 7.36 7.04 -1.29
C SER A 57 7.15 5.73 -2.04
N VAL A 58 8.01 5.48 -3.01
CA VAL A 58 7.90 4.28 -3.82
C VAL A 58 9.27 3.77 -4.27
N SER A 59 9.71 2.66 -3.70
CA SER A 59 10.98 2.07 -4.06
C SER A 59 10.77 1.03 -5.16
N LEU A 60 11.35 1.29 -6.32
CA LEU A 60 11.19 0.40 -7.46
C LEU A 60 12.25 -0.70 -7.48
N ASP A 61 13.50 -0.28 -7.38
CA ASP A 61 14.63 -1.20 -7.40
C ASP A 61 14.84 -1.90 -6.06
N ASP A 62 14.54 -1.21 -4.97
CA ASP A 62 14.73 -1.77 -3.64
C ASP A 62 13.61 -2.75 -3.29
N GLY A 63 12.52 -2.70 -4.05
CA GLY A 63 11.40 -3.58 -3.80
C GLY A 63 10.63 -3.21 -2.56
N ILE A 64 10.28 -1.92 -2.44
CA ILE A 64 9.55 -1.43 -1.27
C ILE A 64 8.55 -0.34 -1.66
N VAL A 65 7.54 -0.14 -0.81
CA VAL A 65 6.51 0.87 -1.05
C VAL A 65 6.11 1.58 0.25
N GLU A 66 5.70 2.84 0.11
CA GLU A 66 5.27 3.63 1.25
C GLU A 66 3.93 4.27 0.96
N ILE A 67 3.23 4.64 2.03
CA ILE A 67 1.92 5.25 1.92
C ILE A 67 1.58 6.08 3.15
N ASP A 68 0.45 6.74 3.11
CA ASP A 68 -0.02 7.56 4.22
C ASP A 68 -1.49 7.29 4.46
N PRO A 69 -1.82 6.19 5.14
CA PRO A 69 -3.21 5.80 5.41
C PRO A 69 -3.95 6.88 6.21
N PRO A 70 -5.18 7.25 5.79
CA PRO A 70 -5.97 8.25 6.48
C PRO A 70 -6.49 7.72 7.81
N HIS A 71 -6.25 8.47 8.89
CA HIS A 71 -6.69 8.04 10.21
C HIS A 71 -6.25 6.61 10.49
N GLY A 72 -7.20 5.73 10.83
CA GLY A 72 -6.87 4.34 11.11
C GLY A 72 -7.19 3.42 9.95
N LEU A 73 -7.29 3.99 8.76
CA LEU A 73 -7.62 3.22 7.55
C LEU A 73 -6.56 2.19 7.21
N LEU A 74 -5.40 2.28 7.86
CA LEU A 74 -4.32 1.33 7.61
C LEU A 74 -4.74 -0.09 7.97
N ASN A 75 -6.01 -0.27 8.31
CA ASN A 75 -6.53 -1.59 8.67
C ASN A 75 -7.86 -1.88 7.96
N LEU A 76 -7.80 -2.81 7.00
CA LEU A 76 -9.00 -3.20 6.24
C LEU A 76 -9.55 -2.03 5.42
N GLU A 77 -10.32 -2.35 4.38
CA GLU A 77 -10.92 -1.34 3.53
C GLU A 77 -11.96 -0.51 4.29
N MET A 1 6.72 9.08 -5.56
CA MET A 1 6.90 10.28 -6.44
C MET A 1 6.29 10.03 -7.82
N ASP A 2 5.66 8.87 -7.98
CA ASP A 2 5.02 8.52 -9.25
C ASP A 2 4.06 7.36 -9.06
N THR A 3 2.82 7.56 -9.52
CA THR A 3 1.80 6.54 -9.42
C THR A 3 2.09 5.37 -10.35
N TYR A 4 2.83 4.38 -9.85
CA TYR A 4 3.19 3.22 -10.65
C TYR A 4 2.07 2.18 -10.68
N TYR A 5 2.26 1.17 -11.52
CA TYR A 5 1.29 0.10 -11.67
C TYR A 5 1.06 -0.64 -10.36
N ASP A 6 -0.17 -1.04 -10.12
CA ASP A 6 -0.53 -1.75 -8.90
C ASP A 6 -0.10 -3.22 -8.97
N HIS A 7 -0.50 -3.88 -10.05
CA HIS A 7 -0.16 -5.28 -10.26
C HIS A 7 1.35 -5.50 -10.17
N GLN A 8 2.09 -4.41 -10.27
CA GLN A 8 3.54 -4.44 -10.19
C GLN A 8 4.03 -4.19 -8.76
N LEU A 9 3.29 -3.34 -8.05
CA LEU A 9 3.64 -2.99 -6.68
C LEU A 9 3.32 -4.11 -5.71
N VAL A 10 2.39 -4.99 -6.09
CA VAL A 10 2.05 -6.12 -5.24
C VAL A 10 3.28 -6.99 -5.01
N GLY A 11 3.51 -7.31 -3.74
CA GLY A 11 4.68 -8.12 -3.38
C GLY A 11 5.80 -7.28 -2.79
N LEU A 12 5.55 -5.97 -2.65
CA LEU A 12 6.55 -5.07 -2.08
C LEU A 12 6.24 -4.80 -0.62
N MET A 13 7.23 -4.27 0.11
CA MET A 13 7.05 -3.98 1.53
C MET A 13 6.42 -2.60 1.70
N VAL A 14 5.13 -2.57 2.02
CA VAL A 14 4.42 -1.31 2.19
C VAL A 14 4.52 -0.82 3.63
N GLN A 15 4.60 0.50 3.79
CA GLN A 15 4.68 1.09 5.13
C GLN A 15 4.13 2.52 5.10
N THR A 16 3.86 3.06 6.28
CA THR A 16 3.34 4.42 6.37
C THR A 16 4.47 5.43 6.36
N ALA A 17 4.14 6.67 6.06
CA ALA A 17 5.13 7.74 6.02
C ALA A 17 5.79 7.93 7.38
N THR A 18 5.02 7.66 8.44
CA THR A 18 5.53 7.78 9.80
C THR A 18 6.57 6.72 10.09
N GLY A 19 6.57 5.66 9.28
CA GLY A 19 7.53 4.58 9.47
C GLY A 19 6.91 3.30 10.01
N GLU A 20 5.60 3.14 9.82
CA GLU A 20 4.92 1.94 10.30
C GLU A 20 4.93 0.85 9.25
N GLY A 21 5.60 -0.26 9.55
CA GLY A 21 5.67 -1.36 8.61
C GLY A 21 4.42 -2.23 8.64
N VAL A 22 3.48 -1.92 7.75
CA VAL A 22 2.24 -2.68 7.68
C VAL A 22 2.49 -4.11 7.22
N GLY A 23 3.50 -4.28 6.37
CA GLY A 23 3.85 -5.60 5.88
C GLY A 23 4.17 -5.60 4.39
N VAL A 24 4.03 -6.75 3.75
CA VAL A 24 4.29 -6.87 2.32
C VAL A 24 2.98 -7.03 1.58
N VAL A 25 2.74 -6.15 0.62
CA VAL A 25 1.52 -6.23 -0.14
C VAL A 25 1.52 -7.48 -1.00
N THR A 26 0.37 -8.11 -1.17
CA THR A 26 0.29 -9.32 -1.97
C THR A 26 -0.67 -9.16 -3.14
N GLU A 27 -1.45 -8.08 -3.14
CA GLU A 27 -2.40 -7.85 -4.22
C GLU A 27 -3.16 -6.54 -4.03
N VAL A 28 -3.67 -6.00 -5.13
CA VAL A 28 -4.46 -4.78 -5.10
C VAL A 28 -5.90 -5.08 -5.53
N VAL A 29 -6.86 -4.34 -4.98
CA VAL A 29 -8.27 -4.56 -5.32
C VAL A 29 -8.79 -3.44 -6.22
N HIS A 30 -9.21 -3.80 -7.43
CA HIS A 30 -9.75 -2.82 -8.37
C HIS A 30 -11.07 -2.27 -7.86
N THR A 31 -11.02 -1.08 -7.26
CA THR A 31 -12.22 -0.46 -6.72
C THR A 31 -12.90 0.41 -7.77
N ALA A 32 -13.97 1.09 -7.36
CA ALA A 32 -14.70 1.95 -8.27
C ALA A 32 -13.92 3.21 -8.61
N ALA A 33 -13.29 3.80 -7.59
CA ALA A 33 -12.50 5.02 -7.78
C ALA A 33 -11.09 4.70 -8.24
N GLY A 34 -10.56 3.57 -7.77
CA GLY A 34 -9.21 3.17 -8.13
C GLY A 34 -8.89 1.75 -7.73
N GLU A 35 -7.95 1.59 -6.80
CA GLU A 35 -7.53 0.28 -6.33
C GLU A 35 -7.26 0.30 -4.82
N LEU A 36 -7.14 -0.89 -4.23
CA LEU A 36 -6.86 -1.03 -2.81
C LEU A 36 -5.51 -1.70 -2.60
N LEU A 37 -5.05 -1.73 -1.35
CA LEU A 37 -3.76 -2.35 -1.05
C LEU A 37 -3.92 -3.48 -0.05
N ALA A 38 -3.88 -4.72 -0.54
CA ALA A 38 -3.97 -5.87 0.33
C ALA A 38 -2.59 -6.23 0.85
N VAL A 39 -2.30 -5.80 2.08
CA VAL A 39 -1.00 -6.05 2.67
C VAL A 39 -1.07 -7.11 3.77
N LYS A 40 -0.12 -8.04 3.75
CA LYS A 40 -0.07 -9.11 4.73
C LYS A 40 0.49 -8.65 6.07
N ARG A 41 -0.39 -8.51 7.04
CA ARG A 41 0.01 -8.07 8.38
C ARG A 41 0.85 -9.15 9.08
N ASP A 42 1.33 -8.83 10.27
CA ASP A 42 2.15 -9.75 11.03
C ASP A 42 1.43 -11.07 11.28
N SER A 43 0.19 -11.00 11.71
CA SER A 43 -0.59 -12.20 12.00
C SER A 43 -1.84 -12.30 11.14
N ASP A 44 -2.22 -11.18 10.53
CA ASP A 44 -3.42 -11.17 9.68
C ASP A 44 -3.16 -10.41 8.38
N GLU A 45 -4.17 -9.69 7.91
CA GLU A 45 -4.06 -8.93 6.67
C GLU A 45 -5.02 -7.74 6.66
N VAL A 46 -4.57 -6.62 6.10
CA VAL A 46 -5.39 -5.42 6.03
C VAL A 46 -5.37 -4.79 4.64
N LEU A 47 -6.31 -3.89 4.39
CA LEU A 47 -6.42 -3.24 3.09
C LEU A 47 -6.41 -1.70 3.22
N VAL A 48 -5.77 -1.03 2.27
CA VAL A 48 -5.71 0.43 2.26
C VAL A 48 -5.84 0.96 0.83
N PRO A 49 -6.64 2.02 0.61
CA PRO A 49 -6.85 2.58 -0.73
C PRO A 49 -5.58 3.12 -1.37
N PHE A 50 -5.23 2.56 -2.52
CA PHE A 50 -4.04 2.99 -3.25
C PHE A 50 -4.37 4.20 -4.11
N VAL A 51 -3.80 5.33 -3.73
CA VAL A 51 -4.05 6.58 -4.44
C VAL A 51 -2.78 7.43 -4.46
N ARG A 52 -2.58 8.15 -5.56
CA ARG A 52 -1.41 9.01 -5.71
C ARG A 52 -1.33 10.00 -4.55
N ALA A 53 -2.44 10.15 -3.82
CA ALA A 53 -2.50 11.07 -2.69
C ALA A 53 -2.03 10.38 -1.41
N ILE A 54 -2.52 9.16 -1.23
CA ILE A 54 -2.17 8.35 -0.07
C ILE A 54 -0.70 7.96 -0.11
N VAL A 55 -0.29 7.36 -1.22
CA VAL A 55 1.09 6.95 -1.40
C VAL A 55 2.06 8.13 -1.30
N THR A 56 3.10 7.97 -0.50
CA THR A 56 4.10 9.01 -0.31
C THR A 56 5.33 8.76 -1.17
N SER A 57 5.85 7.55 -1.07
CA SER A 57 7.03 7.15 -1.83
C SER A 57 6.86 5.76 -2.41
N VAL A 58 7.60 5.47 -3.47
CA VAL A 58 7.52 4.17 -4.11
C VAL A 58 8.90 3.68 -4.53
N SER A 59 9.37 2.62 -3.88
CA SER A 59 10.66 2.03 -4.19
C SER A 59 10.49 0.94 -5.25
N LEU A 60 11.05 1.18 -6.43
CA LEU A 60 10.93 0.25 -7.53
C LEU A 60 12.02 -0.81 -7.51
N ASP A 61 13.26 -0.34 -7.43
CA ASP A 61 14.42 -1.22 -7.43
C ASP A 61 14.66 -1.87 -6.06
N ASP A 62 14.35 -1.15 -4.99
CA ASP A 62 14.54 -1.68 -3.65
C ASP A 62 13.45 -2.67 -3.26
N GLY A 63 12.38 -2.71 -4.06
CA GLY A 63 11.29 -3.63 -3.77
C GLY A 63 10.54 -3.26 -2.52
N ILE A 64 10.19 -1.98 -2.38
CA ILE A 64 9.49 -1.50 -1.20
C ILE A 64 8.48 -0.40 -1.57
N VAL A 65 7.52 -0.16 -0.68
CA VAL A 65 6.49 0.86 -0.91
C VAL A 65 6.23 1.69 0.35
N GLU A 66 5.86 2.95 0.14
CA GLU A 66 5.55 3.88 1.21
C GLU A 66 4.17 4.48 0.97
N ILE A 67 3.42 4.71 2.05
CA ILE A 67 2.07 5.25 1.93
C ILE A 67 1.73 6.12 3.13
N ASP A 68 0.57 6.74 3.07
CA ASP A 68 0.09 7.58 4.16
C ASP A 68 -1.40 7.35 4.37
N PRO A 69 -1.74 6.36 5.20
CA PRO A 69 -3.14 6.00 5.47
C PRO A 69 -3.82 7.01 6.38
N PRO A 70 -5.06 7.41 6.06
CA PRO A 70 -5.81 8.37 6.86
C PRO A 70 -6.25 7.77 8.18
N HIS A 71 -5.93 8.45 9.28
CA HIS A 71 -6.29 7.97 10.61
C HIS A 71 -5.87 6.50 10.78
N GLY A 72 -6.85 5.63 11.08
CA GLY A 72 -6.54 4.21 11.25
C GLY A 72 -6.93 3.37 10.05
N LEU A 73 -7.06 4.00 8.89
CA LEU A 73 -7.44 3.29 7.67
C LEU A 73 -6.40 2.24 7.28
N LEU A 74 -5.22 2.31 7.88
CA LEU A 74 -4.16 1.34 7.59
C LEU A 74 -4.60 -0.09 7.92
N ASN A 75 -5.87 -0.25 8.28
CA ASN A 75 -6.41 -1.56 8.61
C ASN A 75 -7.76 -1.79 7.93
N LEU A 76 -7.80 -2.75 6.99
CA LEU A 76 -9.02 -3.08 6.27
C LEU A 76 -9.48 -1.91 5.40
N GLU A 77 -10.19 -2.21 4.32
CA GLU A 77 -10.68 -1.19 3.40
C GLU A 77 -11.77 -0.35 4.06
N MET A 1 3.59 12.14 -9.09
CA MET A 1 4.80 12.21 -9.94
C MET A 1 5.10 10.87 -10.58
N ASP A 2 5.26 9.84 -9.75
CA ASP A 2 5.55 8.49 -10.25
C ASP A 2 4.27 7.69 -10.43
N THR A 3 3.73 7.18 -9.33
CA THR A 3 2.51 6.38 -9.37
C THR A 3 2.65 5.22 -10.36
N TYR A 4 3.49 4.25 -10.00
CA TYR A 4 3.73 3.09 -10.84
C TYR A 4 2.54 2.13 -10.84
N TYR A 5 2.59 1.14 -11.72
CA TYR A 5 1.54 0.16 -11.84
C TYR A 5 1.30 -0.54 -10.51
N ASP A 6 0.04 -0.88 -10.24
CA ASP A 6 -0.32 -1.56 -9.00
C ASP A 6 0.05 -3.04 -9.06
N HIS A 7 -0.35 -3.69 -10.16
CA HIS A 7 -0.07 -5.10 -10.34
C HIS A 7 1.43 -5.36 -10.24
N GLN A 8 2.22 -4.30 -10.29
CA GLN A 8 3.66 -4.38 -10.20
C GLN A 8 4.13 -4.12 -8.77
N LEU A 9 3.42 -3.23 -8.07
CA LEU A 9 3.75 -2.88 -6.70
C LEU A 9 3.41 -4.02 -5.74
N VAL A 10 2.49 -4.87 -6.15
CA VAL A 10 2.10 -6.00 -5.31
C VAL A 10 3.32 -6.91 -5.10
N GLY A 11 3.56 -7.25 -3.84
CA GLY A 11 4.70 -8.08 -3.48
C GLY A 11 5.84 -7.29 -2.87
N LEU A 12 5.65 -5.97 -2.76
CA LEU A 12 6.65 -5.09 -2.18
C LEU A 12 6.34 -4.84 -0.71
N MET A 13 7.33 -4.35 0.03
CA MET A 13 7.15 -4.08 1.44
C MET A 13 6.56 -2.68 1.60
N VAL A 14 5.28 -2.59 1.88
CA VAL A 14 4.61 -1.31 2.02
C VAL A 14 4.55 -0.89 3.49
N GLN A 15 4.67 0.41 3.73
CA GLN A 15 4.61 0.94 5.09
C GLN A 15 4.02 2.34 5.09
N THR A 16 3.85 2.91 6.28
CA THR A 16 3.32 4.26 6.40
C THR A 16 4.45 5.27 6.42
N ALA A 17 4.13 6.51 6.06
CA ALA A 17 5.12 7.58 6.04
C ALA A 17 5.68 7.80 7.44
N THR A 18 4.87 7.52 8.45
CA THR A 18 5.30 7.69 9.84
C THR A 18 6.34 6.64 10.22
N GLY A 19 6.40 5.56 9.43
CA GLY A 19 7.35 4.51 9.70
C GLY A 19 6.72 3.23 10.22
N GLU A 20 5.43 3.04 9.94
CA GLU A 20 4.73 1.84 10.39
C GLU A 20 4.78 0.76 9.32
N GLY A 21 5.44 -0.35 9.62
CA GLY A 21 5.55 -1.43 8.67
C GLY A 21 4.30 -2.29 8.62
N VAL A 22 3.38 -1.95 7.72
CA VAL A 22 2.14 -2.70 7.58
C VAL A 22 2.41 -4.13 7.11
N GLY A 23 3.43 -4.28 6.26
CA GLY A 23 3.77 -5.60 5.77
C GLY A 23 4.10 -5.61 4.29
N VAL A 24 4.03 -6.78 3.67
CA VAL A 24 4.29 -6.92 2.24
C VAL A 24 2.98 -7.03 1.48
N VAL A 25 2.78 -6.15 0.52
CA VAL A 25 1.55 -6.17 -0.26
C VAL A 25 1.51 -7.42 -1.13
N THR A 26 0.33 -7.99 -1.32
CA THR A 26 0.19 -9.19 -2.13
C THR A 26 -0.72 -8.97 -3.32
N GLU A 27 -1.48 -7.88 -3.29
CA GLU A 27 -2.38 -7.57 -4.38
C GLU A 27 -3.13 -6.27 -4.14
N VAL A 28 -3.59 -5.65 -5.22
CA VAL A 28 -4.37 -4.43 -5.14
C VAL A 28 -5.80 -4.72 -5.57
N VAL A 29 -6.78 -4.16 -4.87
CA VAL A 29 -8.19 -4.39 -5.22
C VAL A 29 -8.76 -3.27 -6.04
N HIS A 30 -9.10 -3.56 -7.29
CA HIS A 30 -9.67 -2.56 -8.17
C HIS A 30 -11.07 -2.20 -7.71
N THR A 31 -11.19 -1.06 -7.03
CA THR A 31 -12.48 -0.62 -6.52
C THR A 31 -13.21 0.24 -7.55
N ALA A 32 -14.37 0.75 -7.17
CA ALA A 32 -15.17 1.58 -8.06
C ALA A 32 -14.51 2.93 -8.30
N ALA A 33 -13.86 3.46 -7.26
CA ALA A 33 -13.20 4.76 -7.36
C ALA A 33 -11.75 4.62 -7.78
N GLY A 34 -11.11 3.54 -7.36
CA GLY A 34 -9.71 3.32 -7.71
C GLY A 34 -9.23 1.91 -7.40
N GLU A 35 -8.35 1.80 -6.41
CA GLU A 35 -7.81 0.50 -6.01
C GLU A 35 -7.49 0.46 -4.51
N LEU A 36 -7.25 -0.74 -4.00
CA LEU A 36 -6.94 -0.94 -2.59
C LEU A 36 -5.58 -1.61 -2.42
N LEU A 37 -5.10 -1.68 -1.18
CA LEU A 37 -3.82 -2.30 -0.89
C LEU A 37 -3.96 -3.49 0.04
N ALA A 38 -3.90 -4.69 -0.52
CA ALA A 38 -3.97 -5.90 0.28
C ALA A 38 -2.56 -6.27 0.76
N VAL A 39 -2.26 -5.94 2.00
CA VAL A 39 -0.93 -6.18 2.54
C VAL A 39 -0.95 -7.16 3.72
N LYS A 40 0.11 -7.99 3.79
CA LYS A 40 0.23 -8.97 4.86
C LYS A 40 0.52 -8.29 6.19
N ARG A 41 -0.48 -8.23 7.05
CA ARG A 41 -0.32 -7.59 8.35
C ARG A 41 0.33 -8.53 9.35
N ASP A 42 0.94 -7.96 10.39
CA ASP A 42 1.61 -8.74 11.42
C ASP A 42 0.71 -9.82 11.99
N SER A 43 -0.54 -9.46 12.28
CA SER A 43 -1.48 -10.41 12.87
C SER A 43 -2.32 -11.13 11.81
N ASP A 44 -2.40 -10.54 10.61
CA ASP A 44 -3.18 -11.16 9.53
C ASP A 44 -3.00 -10.41 8.21
N GLU A 45 -4.02 -9.66 7.81
CA GLU A 45 -3.97 -8.91 6.56
C GLU A 45 -4.89 -7.70 6.61
N VAL A 46 -4.46 -6.59 6.02
CA VAL A 46 -5.26 -5.37 6.01
C VAL A 46 -5.38 -4.79 4.60
N LEU A 47 -6.33 -3.88 4.44
CA LEU A 47 -6.57 -3.24 3.15
C LEU A 47 -6.56 -1.72 3.28
N VAL A 48 -5.87 -1.05 2.35
CA VAL A 48 -5.81 0.42 2.37
C VAL A 48 -5.89 0.98 0.95
N PRO A 49 -6.76 1.98 0.72
CA PRO A 49 -6.94 2.60 -0.61
C PRO A 49 -5.64 3.16 -1.19
N PHE A 50 -5.28 2.67 -2.37
CA PHE A 50 -4.08 3.13 -3.06
C PHE A 50 -4.42 4.27 -3.99
N VAL A 51 -3.87 5.44 -3.69
CA VAL A 51 -4.12 6.63 -4.48
C VAL A 51 -2.83 7.43 -4.64
N ARG A 52 -2.59 7.92 -5.85
CA ARG A 52 -1.39 8.70 -6.14
C ARG A 52 -1.24 9.87 -5.16
N ALA A 53 -2.30 10.17 -4.43
CA ALA A 53 -2.27 11.26 -3.47
C ALA A 53 -1.79 10.79 -2.11
N ILE A 54 -2.15 9.55 -1.76
CA ILE A 54 -1.76 8.96 -0.50
C ILE A 54 -0.34 8.39 -0.56
N VAL A 55 0.10 8.04 -1.76
CA VAL A 55 1.44 7.49 -1.94
C VAL A 55 2.51 8.54 -1.64
N THR A 56 3.44 8.19 -0.77
CA THR A 56 4.52 9.09 -0.39
C THR A 56 5.80 8.76 -1.13
N SER A 57 6.16 7.47 -1.11
CA SER A 57 7.38 7.02 -1.77
C SER A 57 7.17 5.66 -2.42
N VAL A 58 7.99 5.35 -3.42
CA VAL A 58 7.89 4.08 -4.12
C VAL A 58 9.26 3.57 -4.53
N SER A 59 9.70 2.49 -3.87
CA SER A 59 10.99 1.89 -4.18
C SER A 59 10.83 0.84 -5.27
N LEU A 60 11.43 1.10 -6.42
CA LEU A 60 11.33 0.19 -7.56
C LEU A 60 12.42 -0.88 -7.52
N ASP A 61 13.65 -0.41 -7.40
CA ASP A 61 14.81 -1.30 -7.38
C ASP A 61 14.96 -2.01 -6.02
N ASP A 62 14.63 -1.30 -4.95
CA ASP A 62 14.75 -1.86 -3.61
C ASP A 62 13.61 -2.84 -3.30
N GLY A 63 12.52 -2.73 -4.05
CA GLY A 63 11.38 -3.61 -3.82
C GLY A 63 10.63 -3.24 -2.57
N ILE A 64 10.27 -1.97 -2.43
CA ILE A 64 9.55 -1.48 -1.26
C ILE A 64 8.54 -0.40 -1.63
N VAL A 65 7.53 -0.22 -0.77
CA VAL A 65 6.50 0.79 -1.00
C VAL A 65 6.22 1.61 0.27
N GLU A 66 5.82 2.87 0.06
CA GLU A 66 5.50 3.78 1.15
C GLU A 66 4.12 4.38 0.91
N ILE A 67 3.35 4.53 1.99
CA ILE A 67 2.00 5.09 1.89
C ILE A 67 1.66 5.92 3.13
N ASP A 68 0.50 6.56 3.09
CA ASP A 68 0.04 7.37 4.21
C ASP A 68 -1.44 7.14 4.46
N PRO A 69 -1.78 6.01 5.10
CA PRO A 69 -3.17 5.65 5.40
C PRO A 69 -3.87 6.69 6.27
N PRO A 70 -5.12 7.07 5.94
CA PRO A 70 -5.87 8.05 6.71
C PRO A 70 -6.32 7.50 8.05
N HIS A 71 -6.03 8.22 9.12
CA HIS A 71 -6.40 7.78 10.47
C HIS A 71 -6.01 6.31 10.71
N GLY A 72 -6.98 5.47 11.06
CA GLY A 72 -6.71 4.07 11.30
C GLY A 72 -7.10 3.18 10.13
N LEU A 73 -7.22 3.79 8.96
CA LEU A 73 -7.61 3.06 7.75
C LEU A 73 -6.55 2.04 7.34
N LEU A 74 -5.37 2.14 7.93
CA LEU A 74 -4.27 1.21 7.63
C LEU A 74 -4.65 -0.22 8.03
N ASN A 75 -5.90 -0.42 8.42
CA ASN A 75 -6.37 -1.75 8.83
C ASN A 75 -7.69 -2.11 8.16
N LEU A 76 -7.65 -3.09 7.26
CA LEU A 76 -8.83 -3.57 6.55
C LEU A 76 -9.49 -2.45 5.75
N GLU A 77 -10.39 -2.84 4.85
CA GLU A 77 -11.10 -1.89 4.02
C GLU A 77 -12.38 -1.42 4.72
N MET A 1 1.47 13.92 -9.05
CA MET A 1 2.62 13.89 -10.00
C MET A 1 3.01 12.46 -10.33
N ASP A 2 2.63 12.00 -11.52
CA ASP A 2 2.94 10.65 -11.96
C ASP A 2 2.31 9.60 -11.04
N THR A 3 2.40 8.34 -11.44
CA THR A 3 1.85 7.24 -10.66
C THR A 3 2.62 5.96 -10.92
N TYR A 4 2.38 4.97 -10.09
CA TYR A 4 3.07 3.68 -10.22
C TYR A 4 2.06 2.55 -10.45
N TYR A 5 2.49 1.52 -11.18
CA TYR A 5 1.65 0.39 -11.48
C TYR A 5 1.28 -0.39 -10.22
N ASP A 6 0.04 -0.84 -10.15
CA ASP A 6 -0.44 -1.60 -9.00
C ASP A 6 0.07 -3.03 -9.04
N HIS A 7 -0.19 -3.71 -10.15
CA HIS A 7 0.24 -5.09 -10.32
C HIS A 7 1.75 -5.22 -10.14
N GLN A 8 2.44 -4.09 -10.16
CA GLN A 8 3.88 -4.06 -10.00
C GLN A 8 4.26 -3.82 -8.54
N LEU A 9 3.46 -3.00 -7.86
CA LEU A 9 3.72 -2.67 -6.46
C LEU A 9 3.39 -3.84 -5.55
N VAL A 10 2.51 -4.73 -6.01
CA VAL A 10 2.16 -5.89 -5.21
C VAL A 10 3.39 -6.79 -5.01
N GLY A 11 3.57 -7.23 -3.77
CA GLY A 11 4.72 -8.06 -3.43
C GLY A 11 5.84 -7.26 -2.81
N LEU A 12 5.63 -5.95 -2.67
CA LEU A 12 6.63 -5.08 -2.06
C LEU A 12 6.32 -4.85 -0.59
N MET A 13 7.30 -4.35 0.16
CA MET A 13 7.10 -4.10 1.58
C MET A 13 6.51 -2.71 1.77
N VAL A 14 5.22 -2.66 2.06
CA VAL A 14 4.53 -1.39 2.24
C VAL A 14 4.65 -0.89 3.68
N GLN A 15 4.75 0.42 3.83
CA GLN A 15 4.84 1.03 5.14
C GLN A 15 4.33 2.46 5.10
N THR A 16 4.04 3.02 6.27
CA THR A 16 3.55 4.39 6.34
C THR A 16 4.71 5.38 6.36
N ALA A 17 4.44 6.60 5.97
CA ALA A 17 5.44 7.66 5.94
C ALA A 17 6.00 7.88 7.35
N THR A 18 5.17 7.62 8.35
CA THR A 18 5.59 7.78 9.74
C THR A 18 6.60 6.71 10.14
N GLY A 19 6.64 5.63 9.36
CA GLY A 19 7.59 4.57 9.64
C GLY A 19 6.92 3.30 10.16
N GLU A 20 5.64 3.12 9.88
CA GLU A 20 4.92 1.95 10.33
C GLU A 20 4.94 0.84 9.28
N GLY A 21 5.58 -0.27 9.61
CA GLY A 21 5.66 -1.38 8.66
C GLY A 21 4.40 -2.22 8.66
N VAL A 22 3.52 -1.94 7.70
CA VAL A 22 2.26 -2.68 7.59
C VAL A 22 2.51 -4.11 7.13
N GLY A 23 3.50 -4.30 6.27
CA GLY A 23 3.81 -5.64 5.79
C GLY A 23 4.11 -5.67 4.30
N VAL A 24 4.02 -6.85 3.69
CA VAL A 24 4.26 -7.00 2.27
C VAL A 24 2.95 -7.10 1.50
N VAL A 25 2.75 -6.19 0.56
CA VAL A 25 1.53 -6.19 -0.24
C VAL A 25 1.48 -7.44 -1.11
N THR A 26 0.29 -7.97 -1.34
CA THR A 26 0.13 -9.17 -2.15
C THR A 26 -0.76 -8.94 -3.36
N GLU A 27 -1.55 -7.87 -3.34
CA GLU A 27 -2.44 -7.57 -4.43
C GLU A 27 -3.22 -6.28 -4.20
N VAL A 28 -3.66 -5.67 -5.30
CA VAL A 28 -4.47 -4.46 -5.23
C VAL A 28 -5.90 -4.77 -5.65
N VAL A 29 -6.89 -4.18 -4.98
CA VAL A 29 -8.28 -4.43 -5.33
C VAL A 29 -8.88 -3.29 -6.13
N HIS A 30 -9.26 -3.58 -7.36
CA HIS A 30 -9.86 -2.57 -8.24
C HIS A 30 -11.24 -2.19 -7.73
N THR A 31 -11.32 -1.06 -7.03
CA THR A 31 -12.58 -0.60 -6.48
C THR A 31 -13.31 0.30 -7.48
N ALA A 32 -14.46 0.82 -7.06
CA ALA A 32 -15.24 1.71 -7.93
C ALA A 32 -14.57 3.07 -8.08
N ALA A 33 -13.99 3.56 -7.01
CA ALA A 33 -13.32 4.86 -7.02
C ALA A 33 -11.88 4.74 -7.49
N GLY A 34 -11.25 3.62 -7.17
CA GLY A 34 -9.88 3.39 -7.57
C GLY A 34 -9.40 1.98 -7.31
N GLU A 35 -8.51 1.82 -6.32
CA GLU A 35 -7.97 0.51 -5.98
C GLU A 35 -7.63 0.43 -4.48
N LEU A 36 -7.37 -0.79 -4.01
CA LEU A 36 -7.03 -1.03 -2.61
C LEU A 36 -5.66 -1.66 -2.48
N LEU A 37 -5.18 -1.77 -1.25
CA LEU A 37 -3.87 -2.36 -0.98
C LEU A 37 -3.96 -3.53 0.00
N ALA A 38 -3.90 -4.75 -0.53
CA ALA A 38 -3.94 -5.95 0.30
C ALA A 38 -2.53 -6.26 0.80
N VAL A 39 -2.24 -5.89 2.05
CA VAL A 39 -0.91 -6.12 2.60
C VAL A 39 -0.91 -7.10 3.77
N LYS A 40 0.12 -7.95 3.80
CA LYS A 40 0.25 -8.97 4.84
C LYS A 40 0.61 -8.34 6.18
N ARG A 41 -0.32 -8.37 7.13
CA ARG A 41 -0.06 -7.82 8.45
C ARG A 41 0.76 -8.78 9.28
N ASP A 42 1.14 -8.35 10.49
CA ASP A 42 1.92 -9.19 11.38
C ASP A 42 1.05 -10.27 12.01
N SER A 43 -0.22 -9.96 12.20
CA SER A 43 -1.15 -10.90 12.81
C SER A 43 -2.13 -11.47 11.78
N ASP A 44 -2.28 -10.78 10.65
CA ASP A 44 -3.19 -11.23 9.60
C ASP A 44 -2.98 -10.45 8.30
N GLU A 45 -3.99 -9.69 7.88
CA GLU A 45 -3.90 -8.91 6.64
C GLU A 45 -4.85 -7.71 6.69
N VAL A 46 -4.57 -6.70 5.87
CA VAL A 46 -5.41 -5.50 5.83
C VAL A 46 -5.48 -4.90 4.43
N LEU A 47 -6.42 -3.99 4.24
CA LEU A 47 -6.62 -3.33 2.96
C LEU A 47 -6.61 -1.81 3.09
N VAL A 48 -5.92 -1.12 2.18
CA VAL A 48 -5.87 0.33 2.21
C VAL A 48 -5.98 0.90 0.79
N PRO A 49 -6.88 1.89 0.57
CA PRO A 49 -7.08 2.49 -0.75
C PRO A 49 -5.80 3.05 -1.35
N PHE A 50 -5.42 2.52 -2.51
CA PHE A 50 -4.23 2.99 -3.21
C PHE A 50 -4.58 4.15 -4.12
N VAL A 51 -4.02 5.31 -3.81
CA VAL A 51 -4.28 6.51 -4.59
C VAL A 51 -3.00 7.30 -4.76
N ARG A 52 -2.80 7.81 -5.97
CA ARG A 52 -1.59 8.59 -6.29
C ARG A 52 -1.39 9.73 -5.30
N ALA A 53 -2.43 10.04 -4.52
CA ALA A 53 -2.37 11.13 -3.56
C ALA A 53 -1.86 10.65 -2.20
N ILE A 54 -2.17 9.40 -1.88
CA ILE A 54 -1.76 8.80 -0.60
C ILE A 54 -0.34 8.25 -0.65
N VAL A 55 0.11 7.89 -1.85
CA VAL A 55 1.46 7.34 -2.02
C VAL A 55 2.51 8.40 -1.70
N THR A 56 3.40 8.08 -0.76
CA THR A 56 4.45 9.01 -0.37
C THR A 56 5.76 8.68 -1.08
N SER A 57 6.13 7.41 -1.08
CA SER A 57 7.37 6.98 -1.70
C SER A 57 7.23 5.59 -2.31
N VAL A 58 8.17 5.24 -3.18
CA VAL A 58 8.16 3.94 -3.83
C VAL A 58 9.58 3.42 -4.04
N SER A 59 9.73 2.11 -3.98
CA SER A 59 11.03 1.48 -4.17
C SER A 59 10.93 0.37 -5.22
N LEU A 60 11.15 0.73 -6.47
CA LEU A 60 11.07 -0.22 -7.57
C LEU A 60 12.27 -1.16 -7.58
N ASP A 61 13.43 -0.65 -7.17
CA ASP A 61 14.66 -1.44 -7.16
C ASP A 61 14.87 -2.17 -5.83
N ASP A 62 14.59 -1.49 -4.72
CA ASP A 62 14.77 -2.09 -3.40
C ASP A 62 13.64 -3.05 -3.06
N GLY A 63 12.51 -2.90 -3.74
CA GLY A 63 11.37 -3.76 -3.49
C GLY A 63 10.60 -3.36 -2.24
N ILE A 64 10.25 -2.07 -2.15
CA ILE A 64 9.51 -1.57 -0.99
C ILE A 64 8.52 -0.48 -1.40
N VAL A 65 7.53 -0.24 -0.54
CA VAL A 65 6.51 0.78 -0.79
C VAL A 65 6.23 1.62 0.45
N GLU A 66 5.88 2.87 0.23
CA GLU A 66 5.55 3.80 1.29
C GLU A 66 4.16 4.41 1.04
N ILE A 67 3.43 4.67 2.12
CA ILE A 67 2.09 5.24 2.01
C ILE A 67 1.75 6.13 3.19
N ASP A 68 0.60 6.77 3.11
CA ASP A 68 0.14 7.64 4.17
C ASP A 68 -1.35 7.40 4.40
N PRO A 69 -1.70 6.22 4.91
CA PRO A 69 -3.09 5.83 5.17
C PRO A 69 -3.80 6.83 6.08
N PRO A 70 -5.07 7.14 5.80
CA PRO A 70 -5.85 8.08 6.59
C PRO A 70 -6.28 7.48 7.92
N HIS A 71 -6.01 8.19 9.02
CA HIS A 71 -6.37 7.71 10.34
C HIS A 71 -5.96 6.24 10.54
N GLY A 72 -6.91 5.39 10.90
CA GLY A 72 -6.61 3.97 11.09
C GLY A 72 -7.05 3.13 9.92
N LEU A 73 -7.21 3.76 8.76
CA LEU A 73 -7.64 3.06 7.55
C LEU A 73 -6.60 2.02 7.11
N LEU A 74 -5.41 2.08 7.67
CA LEU A 74 -4.35 1.13 7.33
C LEU A 74 -4.76 -0.30 7.71
N ASN A 75 -6.01 -0.46 8.14
CA ASN A 75 -6.51 -1.77 8.53
C ASN A 75 -7.85 -2.09 7.88
N LEU A 76 -7.84 -3.07 6.98
CA LEU A 76 -9.05 -3.50 6.27
C LEU A 76 -9.65 -2.37 5.44
N GLU A 77 -10.52 -2.74 4.51
CA GLU A 77 -11.18 -1.78 3.63
C GLU A 77 -12.41 -1.20 4.32
N MET A 1 5.69 10.80 -7.35
CA MET A 1 4.27 11.05 -7.67
C MET A 1 3.93 10.54 -9.07
N ASP A 2 4.69 9.57 -9.54
CA ASP A 2 4.48 8.99 -10.86
C ASP A 2 3.37 7.94 -10.83
N THR A 3 3.19 7.33 -9.66
CA THR A 3 2.15 6.30 -9.50
C THR A 3 2.38 5.14 -10.47
N TYR A 4 3.19 4.18 -10.06
CA TYR A 4 3.47 3.03 -10.91
C TYR A 4 2.34 2.01 -10.87
N TYR A 5 2.42 1.02 -11.76
CA TYR A 5 1.41 -0.02 -11.84
C TYR A 5 1.20 -0.70 -10.49
N ASP A 6 -0.05 -1.05 -10.20
CA ASP A 6 -0.39 -1.71 -8.94
C ASP A 6 -0.01 -3.18 -8.98
N HIS A 7 -0.41 -3.85 -10.06
CA HIS A 7 -0.11 -5.27 -10.25
C HIS A 7 1.40 -5.51 -10.15
N GLN A 8 2.16 -4.43 -10.24
CA GLN A 8 3.61 -4.51 -10.15
C GLN A 8 4.08 -4.25 -8.72
N LEU A 9 3.36 -3.35 -8.03
CA LEU A 9 3.71 -2.99 -6.66
C LEU A 9 3.38 -4.11 -5.69
N VAL A 10 2.45 -4.98 -6.07
CA VAL A 10 2.09 -6.10 -5.21
C VAL A 10 3.31 -6.99 -4.99
N GLY A 11 3.55 -7.32 -3.73
CA GLY A 11 4.70 -8.14 -3.36
C GLY A 11 5.84 -7.31 -2.80
N LEU A 12 5.61 -6.01 -2.64
CA LEU A 12 6.61 -5.10 -2.09
C LEU A 12 6.33 -4.82 -0.63
N MET A 13 7.31 -4.31 0.09
CA MET A 13 7.14 -4.01 1.51
C MET A 13 6.47 -2.65 1.68
N VAL A 14 5.20 -2.66 2.01
CA VAL A 14 4.44 -1.43 2.19
C VAL A 14 4.56 -0.90 3.62
N GLN A 15 4.61 0.41 3.76
CA GLN A 15 4.69 1.04 5.07
C GLN A 15 4.03 2.42 5.05
N THR A 16 3.84 2.99 6.23
CA THR A 16 3.23 4.31 6.32
C THR A 16 4.30 5.39 6.37
N ALA A 17 3.90 6.63 6.07
CA ALA A 17 4.83 7.75 6.09
C ALA A 17 5.48 7.91 7.46
N THR A 18 4.71 7.65 8.50
CA THR A 18 5.21 7.77 9.87
C THR A 18 6.29 6.72 10.15
N GLY A 19 6.30 5.66 9.34
CA GLY A 19 7.29 4.61 9.51
C GLY A 19 6.71 3.32 10.05
N GLU A 20 5.41 3.13 9.85
CA GLU A 20 4.74 1.93 10.33
C GLU A 20 4.83 0.82 9.28
N GLY A 21 5.53 -0.26 9.63
CA GLY A 21 5.67 -1.38 8.71
C GLY A 21 4.42 -2.23 8.66
N VAL A 22 3.49 -1.88 7.77
CA VAL A 22 2.25 -2.63 7.65
C VAL A 22 2.53 -4.06 7.19
N GLY A 23 3.54 -4.23 6.36
CA GLY A 23 3.90 -5.56 5.87
C GLY A 23 4.22 -5.57 4.39
N VAL A 24 4.10 -6.73 3.76
CA VAL A 24 4.36 -6.87 2.34
C VAL A 24 3.05 -7.02 1.58
N VAL A 25 2.81 -6.14 0.63
CA VAL A 25 1.58 -6.19 -0.14
C VAL A 25 1.56 -7.45 -0.99
N THR A 26 0.39 -8.04 -1.16
CA THR A 26 0.27 -9.26 -1.96
C THR A 26 -0.67 -9.08 -3.13
N GLU A 27 -1.44 -7.99 -3.13
CA GLU A 27 -2.37 -7.72 -4.21
C GLU A 27 -3.12 -6.40 -4.00
N VAL A 28 -3.61 -5.84 -5.09
CA VAL A 28 -4.39 -4.61 -5.04
C VAL A 28 -5.83 -4.88 -5.48
N VAL A 29 -6.79 -4.21 -4.87
CA VAL A 29 -8.20 -4.41 -5.23
C VAL A 29 -8.73 -3.26 -6.07
N HIS A 30 -9.14 -3.57 -7.30
CA HIS A 30 -9.67 -2.57 -8.20
C HIS A 30 -11.00 -2.03 -7.69
N THR A 31 -10.97 -0.87 -7.05
CA THR A 31 -12.18 -0.27 -6.50
C THR A 31 -12.84 0.64 -7.52
N ALA A 32 -13.91 1.31 -7.11
CA ALA A 32 -14.64 2.21 -7.98
C ALA A 32 -13.82 3.47 -8.27
N ALA A 33 -13.15 3.99 -7.25
CA ALA A 33 -12.34 5.19 -7.39
C ALA A 33 -10.96 4.87 -7.92
N GLY A 34 -10.44 3.70 -7.55
CA GLY A 34 -9.13 3.29 -8.00
C GLY A 34 -8.79 1.87 -7.59
N GLU A 35 -7.85 1.73 -6.67
CA GLU A 35 -7.42 0.41 -6.20
C GLU A 35 -7.16 0.42 -4.68
N LEU A 36 -7.03 -0.77 -4.11
CA LEU A 36 -6.76 -0.94 -2.68
C LEU A 36 -5.41 -1.60 -2.48
N LEU A 37 -4.94 -1.66 -1.24
CA LEU A 37 -3.67 -2.27 -0.94
C LEU A 37 -3.82 -3.42 0.04
N ALA A 38 -3.81 -4.65 -0.47
CA ALA A 38 -3.91 -5.82 0.38
C ALA A 38 -2.52 -6.18 0.89
N VAL A 39 -2.23 -5.79 2.11
CA VAL A 39 -0.92 -6.05 2.70
C VAL A 39 -0.98 -7.11 3.79
N LYS A 40 -0.02 -8.03 3.75
CA LYS A 40 0.06 -9.10 4.72
C LYS A 40 0.61 -8.63 6.05
N ARG A 41 -0.30 -8.36 7.00
CA ARG A 41 0.10 -7.90 8.32
C ARG A 41 0.97 -8.95 9.01
N ASP A 42 1.48 -8.62 10.19
CA ASP A 42 2.34 -9.53 10.93
C ASP A 42 1.65 -10.86 11.19
N SER A 43 0.41 -10.80 11.66
CA SER A 43 -0.34 -12.01 11.97
C SER A 43 -1.63 -12.11 11.14
N ASP A 44 -2.08 -10.97 10.61
CA ASP A 44 -3.30 -10.93 9.81
C ASP A 44 -3.05 -10.23 8.47
N GLU A 45 -4.09 -9.58 7.95
CA GLU A 45 -3.98 -8.86 6.69
C GLU A 45 -4.96 -7.69 6.64
N VAL A 46 -4.54 -6.58 6.03
CA VAL A 46 -5.38 -5.39 5.94
C VAL A 46 -5.39 -4.81 4.53
N LEU A 47 -6.37 -3.95 4.27
CA LEU A 47 -6.52 -3.32 2.97
C LEU A 47 -6.58 -1.79 3.08
N VAL A 48 -5.72 -1.11 2.32
CA VAL A 48 -5.70 0.36 2.35
C VAL A 48 -5.75 0.94 0.92
N PRO A 49 -6.62 1.93 0.68
CA PRO A 49 -6.78 2.55 -0.64
C PRO A 49 -5.48 3.11 -1.22
N PHE A 50 -5.14 2.64 -2.42
CA PHE A 50 -3.95 3.10 -3.12
C PHE A 50 -4.30 4.29 -3.99
N VAL A 51 -3.76 5.44 -3.63
CA VAL A 51 -4.01 6.66 -4.36
C VAL A 51 -2.74 7.50 -4.45
N ARG A 52 -2.51 8.08 -5.63
CA ARG A 52 -1.34 8.91 -5.85
C ARG A 52 -1.29 10.06 -4.85
N ALA A 53 -2.40 10.27 -4.15
CA ALA A 53 -2.48 11.36 -3.17
C ALA A 53 -2.00 10.91 -1.80
N ILE A 54 -2.29 9.66 -1.47
CA ILE A 54 -1.89 9.08 -0.20
C ILE A 54 -0.48 8.53 -0.26
N VAL A 55 -0.19 7.75 -1.31
CA VAL A 55 1.13 7.17 -1.49
C VAL A 55 2.20 8.26 -1.46
N THR A 56 3.19 8.09 -0.60
CA THR A 56 4.27 9.07 -0.47
C THR A 56 5.52 8.65 -1.21
N SER A 57 5.97 7.42 -0.95
CA SER A 57 7.18 6.91 -1.59
C SER A 57 6.91 5.58 -2.28
N VAL A 58 7.75 5.25 -3.26
CA VAL A 58 7.62 4.02 -4.00
C VAL A 58 8.98 3.48 -4.46
N SER A 59 9.42 2.41 -3.83
CA SER A 59 10.69 1.79 -4.16
C SER A 59 10.51 0.77 -5.28
N LEU A 60 11.08 1.06 -6.45
CA LEU A 60 10.95 0.18 -7.60
C LEU A 60 12.04 -0.89 -7.63
N ASP A 61 13.27 -0.44 -7.54
CA ASP A 61 14.43 -1.33 -7.60
C ASP A 61 14.71 -1.98 -6.25
N ASP A 62 14.39 -1.28 -5.17
CA ASP A 62 14.63 -1.81 -3.82
C ASP A 62 13.58 -2.83 -3.44
N GLY A 63 12.40 -2.74 -4.06
CA GLY A 63 11.33 -3.67 -3.76
C GLY A 63 10.56 -3.28 -2.50
N ILE A 64 10.17 -2.01 -2.42
CA ILE A 64 9.44 -1.50 -1.26
C ILE A 64 8.37 -0.48 -1.68
N VAL A 65 7.41 -0.25 -0.79
CA VAL A 65 6.33 0.71 -1.04
C VAL A 65 6.00 1.50 0.23
N GLU A 66 5.56 2.73 0.05
CA GLU A 66 5.19 3.59 1.15
C GLU A 66 3.84 4.24 0.90
N ILE A 67 3.18 4.60 1.98
CA ILE A 67 1.85 5.21 1.90
C ILE A 67 1.54 6.03 3.15
N ASP A 68 0.41 6.69 3.12
CA ASP A 68 -0.05 7.49 4.25
C ASP A 68 -1.54 7.24 4.48
N PRO A 69 -1.86 6.12 5.17
CA PRO A 69 -3.25 5.75 5.44
C PRO A 69 -3.98 6.82 6.27
N PRO A 70 -5.21 7.18 5.87
CA PRO A 70 -5.98 8.19 6.59
C PRO A 70 -6.40 7.67 7.95
N HIS A 71 -6.11 8.43 9.01
CA HIS A 71 -6.46 8.02 10.36
C HIS A 71 -6.05 6.57 10.63
N GLY A 72 -7.01 5.71 10.96
CA GLY A 72 -6.72 4.31 11.22
C GLY A 72 -7.07 3.39 10.06
N LEU A 73 -7.16 3.96 8.87
CA LEU A 73 -7.51 3.20 7.67
C LEU A 73 -6.44 2.16 7.31
N LEU A 74 -5.28 2.22 7.96
CA LEU A 74 -4.20 1.27 7.69
C LEU A 74 -4.67 -0.16 7.92
N ASN A 75 -5.95 -0.32 8.27
CA ASN A 75 -6.51 -1.64 8.50
C ASN A 75 -7.40 -2.06 7.32
N LEU A 76 -8.20 -3.11 7.50
CA LEU A 76 -9.09 -3.61 6.45
C LEU A 76 -9.88 -2.46 5.82
N GLU A 77 -10.43 -2.72 4.64
CA GLU A 77 -11.21 -1.72 3.91
C GLU A 77 -12.33 -1.15 4.78
N MET A 1 5.78 13.53 -7.20
CA MET A 1 5.55 12.13 -6.76
C MET A 1 5.39 11.20 -7.96
N ASP A 2 5.66 9.91 -7.74
CA ASP A 2 5.55 8.92 -8.81
C ASP A 2 4.34 8.02 -8.60
N THR A 3 3.97 7.30 -9.65
CA THR A 3 2.83 6.38 -9.58
C THR A 3 3.01 5.21 -10.55
N TYR A 4 3.51 4.09 -10.04
CA TYR A 4 3.72 2.91 -10.88
C TYR A 4 2.52 1.98 -10.86
N TYR A 5 2.55 0.97 -11.73
CA TYR A 5 1.46 0.00 -11.82
C TYR A 5 1.24 -0.70 -10.50
N ASP A 6 -0.02 -1.03 -10.22
CA ASP A 6 -0.38 -1.71 -8.98
C ASP A 6 -0.02 -3.19 -9.03
N HIS A 7 -0.38 -3.84 -10.13
CA HIS A 7 -0.08 -5.26 -10.31
C HIS A 7 1.42 -5.51 -10.17
N GLN A 8 2.18 -4.42 -10.24
CA GLN A 8 3.63 -4.48 -10.12
C GLN A 8 4.05 -4.19 -8.69
N LEU A 9 3.29 -3.31 -8.03
CA LEU A 9 3.58 -2.93 -6.67
C LEU A 9 3.26 -4.06 -5.69
N VAL A 10 2.38 -4.97 -6.11
CA VAL A 10 2.04 -6.10 -5.26
C VAL A 10 3.27 -6.98 -5.04
N GLY A 11 3.54 -7.28 -3.78
CA GLY A 11 4.70 -8.08 -3.43
C GLY A 11 5.82 -7.24 -2.84
N LEU A 12 5.58 -5.94 -2.71
CA LEU A 12 6.57 -5.03 -2.14
C LEU A 12 6.28 -4.78 -0.67
N MET A 13 7.27 -4.26 0.05
CA MET A 13 7.10 -4.00 1.47
C MET A 13 6.45 -2.64 1.66
N VAL A 14 5.16 -2.63 1.97
CA VAL A 14 4.43 -1.38 2.15
C VAL A 14 4.51 -0.91 3.59
N GLN A 15 4.57 0.40 3.77
CA GLN A 15 4.62 1.00 5.10
C GLN A 15 4.03 2.40 5.08
N THR A 16 3.77 2.96 6.24
CA THR A 16 3.21 4.29 6.34
C THR A 16 4.32 5.33 6.40
N ALA A 17 3.99 6.57 6.05
CA ALA A 17 4.97 7.64 6.08
C ALA A 17 5.51 7.85 7.49
N THR A 18 4.67 7.56 8.48
CA THR A 18 5.06 7.71 9.87
C THR A 18 6.13 6.70 10.25
N GLY A 19 6.23 5.63 9.45
CA GLY A 19 7.22 4.60 9.71
C GLY A 19 6.62 3.30 10.22
N GLU A 20 5.34 3.08 9.93
CA GLU A 20 4.67 1.85 10.36
C GLU A 20 4.78 0.76 9.31
N GLY A 21 5.47 -0.32 9.65
CA GLY A 21 5.65 -1.41 8.71
C GLY A 21 4.43 -2.32 8.67
N VAL A 22 3.49 -2.01 7.80
CA VAL A 22 2.27 -2.80 7.68
C VAL A 22 2.58 -4.21 7.20
N GLY A 23 3.59 -4.33 6.33
CA GLY A 23 3.96 -5.64 5.82
C GLY A 23 4.25 -5.62 4.33
N VAL A 24 4.16 -6.79 3.70
CA VAL A 24 4.39 -6.90 2.26
C VAL A 24 3.06 -7.06 1.54
N VAL A 25 2.80 -6.16 0.61
CA VAL A 25 1.56 -6.22 -0.14
C VAL A 25 1.54 -7.46 -1.01
N THR A 26 0.37 -8.07 -1.16
CA THR A 26 0.24 -9.27 -1.97
C THR A 26 -0.70 -9.06 -3.15
N GLU A 27 -1.45 -7.96 -3.13
CA GLU A 27 -2.38 -7.67 -4.20
C GLU A 27 -3.12 -6.35 -3.98
N VAL A 28 -3.60 -5.77 -5.08
CA VAL A 28 -4.37 -4.53 -5.01
C VAL A 28 -5.82 -4.83 -5.43
N VAL A 29 -6.78 -4.18 -4.78
CA VAL A 29 -8.19 -4.41 -5.12
C VAL A 29 -8.76 -3.29 -5.97
N HIS A 30 -9.14 -3.62 -7.20
CA HIS A 30 -9.72 -2.65 -8.11
C HIS A 30 -11.09 -2.19 -7.61
N THR A 31 -11.13 -1.03 -6.98
CA THR A 31 -12.37 -0.49 -6.44
C THR A 31 -13.08 0.38 -7.46
N ALA A 32 -14.20 0.97 -7.06
CA ALA A 32 -14.97 1.83 -7.95
C ALA A 32 -14.25 3.15 -8.20
N ALA A 33 -13.64 3.71 -7.16
CA ALA A 33 -12.93 4.97 -7.28
C ALA A 33 -11.50 4.77 -7.76
N GLY A 34 -10.90 3.65 -7.35
CA GLY A 34 -9.54 3.35 -7.74
C GLY A 34 -9.11 1.93 -7.40
N GLU A 35 -8.23 1.80 -6.42
CA GLU A 35 -7.73 0.50 -6.00
C GLU A 35 -7.41 0.48 -4.51
N LEU A 36 -7.21 -0.73 -3.97
CA LEU A 36 -6.88 -0.91 -2.56
C LEU A 36 -5.52 -1.56 -2.40
N LEU A 37 -5.04 -1.62 -1.16
CA LEU A 37 -3.74 -2.23 -0.88
C LEU A 37 -3.87 -3.39 0.09
N ALA A 38 -3.85 -4.61 -0.43
CA ALA A 38 -3.95 -5.79 0.40
C ALA A 38 -2.55 -6.19 0.87
N VAL A 39 -2.23 -5.82 2.11
CA VAL A 39 -0.91 -6.11 2.66
C VAL A 39 -0.99 -7.19 3.75
N LYS A 40 0.00 -8.07 3.75
CA LYS A 40 0.06 -9.15 4.72
C LYS A 40 0.64 -8.68 6.04
N ARG A 41 -0.25 -8.39 6.99
CA ARG A 41 0.16 -7.93 8.31
C ARG A 41 1.00 -8.98 9.02
N ASP A 42 1.50 -8.64 10.19
CA ASP A 42 2.32 -9.56 10.97
C ASP A 42 1.61 -10.89 11.21
N SER A 43 0.35 -10.82 11.64
CA SER A 43 -0.42 -12.02 11.92
C SER A 43 -1.70 -12.08 11.11
N ASP A 44 -2.03 -10.98 10.42
CA ASP A 44 -3.24 -10.92 9.61
C ASP A 44 -2.99 -10.21 8.29
N GLU A 45 -4.05 -9.58 7.75
CA GLU A 45 -3.94 -8.85 6.48
C GLU A 45 -4.94 -7.69 6.47
N VAL A 46 -4.55 -6.58 5.83
CA VAL A 46 -5.42 -5.42 5.77
C VAL A 46 -5.48 -4.82 4.37
N LEU A 47 -6.45 -3.92 4.17
CA LEU A 47 -6.64 -3.26 2.89
C LEU A 47 -6.68 -1.74 3.02
N VAL A 48 -5.81 -1.04 2.29
CA VAL A 48 -5.78 0.42 2.33
C VAL A 48 -5.85 1.01 0.92
N PRO A 49 -6.73 2.01 0.71
CA PRO A 49 -6.91 2.64 -0.62
C PRO A 49 -5.62 3.19 -1.20
N PHE A 50 -5.26 2.67 -2.37
CA PHE A 50 -4.06 3.10 -3.08
C PHE A 50 -4.39 4.28 -3.98
N VAL A 51 -3.77 5.41 -3.69
CA VAL A 51 -3.99 6.62 -4.46
C VAL A 51 -2.67 7.33 -4.70
N ARG A 52 -2.47 7.82 -5.92
CA ARG A 52 -1.24 8.52 -6.28
C ARG A 52 -1.00 9.69 -5.32
N ALA A 53 -2.05 10.06 -4.58
CA ALA A 53 -1.96 11.16 -3.63
C ALA A 53 -1.52 10.67 -2.26
N ILE A 54 -2.12 9.57 -1.82
CA ILE A 54 -1.81 8.99 -0.53
C ILE A 54 -0.40 8.39 -0.50
N VAL A 55 0.08 7.94 -1.65
CA VAL A 55 1.42 7.38 -1.76
C VAL A 55 2.48 8.44 -1.54
N THR A 56 3.41 8.16 -0.63
CA THR A 56 4.47 9.10 -0.31
C THR A 56 5.76 8.76 -1.05
N SER A 57 6.12 7.48 -1.00
CA SER A 57 7.35 7.01 -1.64
C SER A 57 7.13 5.65 -2.29
N VAL A 58 7.85 5.39 -3.37
CA VAL A 58 7.74 4.12 -4.08
C VAL A 58 9.09 3.63 -4.59
N SER A 59 9.62 2.61 -3.93
CA SER A 59 10.90 2.03 -4.31
C SER A 59 10.69 0.86 -5.26
N LEU A 60 11.16 1.01 -6.50
CA LEU A 60 10.99 -0.03 -7.50
C LEU A 60 12.13 -1.04 -7.47
N ASP A 61 13.34 -0.52 -7.52
CA ASP A 61 14.54 -1.36 -7.51
C ASP A 61 14.75 -2.03 -6.16
N ASP A 62 14.43 -1.31 -5.09
CA ASP A 62 14.60 -1.83 -3.74
C ASP A 62 13.48 -2.81 -3.39
N GLY A 63 12.35 -2.69 -4.08
CA GLY A 63 11.23 -3.57 -3.81
C GLY A 63 10.48 -3.19 -2.55
N ILE A 64 10.13 -1.91 -2.42
CA ILE A 64 9.44 -1.42 -1.23
C ILE A 64 8.42 -0.33 -1.59
N VAL A 65 7.44 -0.13 -0.71
CA VAL A 65 6.40 0.87 -0.93
C VAL A 65 6.10 1.67 0.34
N GLU A 66 5.71 2.92 0.14
CA GLU A 66 5.37 3.84 1.22
C GLU A 66 3.98 4.45 0.97
N ILE A 67 3.23 4.66 2.03
CA ILE A 67 1.89 5.23 1.91
C ILE A 67 1.52 6.05 3.13
N ASP A 68 0.36 6.70 3.08
CA ASP A 68 -0.12 7.51 4.19
C ASP A 68 -1.59 7.24 4.42
N PRO A 69 -1.93 6.13 5.10
CA PRO A 69 -3.31 5.75 5.39
C PRO A 69 -4.04 6.82 6.19
N PRO A 70 -5.27 7.19 5.79
CA PRO A 70 -6.04 8.20 6.50
C PRO A 70 -6.45 7.70 7.89
N HIS A 71 -6.16 8.47 8.92
CA HIS A 71 -6.48 8.08 10.28
C HIS A 71 -6.01 6.64 10.56
N GLY A 72 -6.92 5.76 10.95
CA GLY A 72 -6.56 4.38 11.22
C GLY A 72 -6.93 3.44 10.08
N LEU A 73 -7.08 4.00 8.90
CA LEU A 73 -7.45 3.22 7.71
C LEU A 73 -6.38 2.21 7.33
N LEU A 74 -5.19 2.30 7.92
CA LEU A 74 -4.11 1.37 7.61
C LEU A 74 -4.55 -0.08 7.84
N ASN A 75 -5.81 -0.26 8.27
CA ASN A 75 -6.34 -1.59 8.51
C ASN A 75 -7.20 -2.05 7.33
N LEU A 76 -8.04 -3.05 7.55
CA LEU A 76 -8.90 -3.59 6.51
C LEU A 76 -9.73 -2.48 5.85
N GLU A 77 -10.53 -2.86 4.86
CA GLU A 77 -11.37 -1.92 4.14
C GLU A 77 -12.70 -1.71 4.87
N MET A 1 3.14 14.09 -8.42
CA MET A 1 2.53 13.71 -9.71
C MET A 1 2.92 12.28 -10.09
N ASP A 2 2.42 11.82 -11.24
CA ASP A 2 2.70 10.47 -11.72
C ASP A 2 2.17 9.42 -10.76
N THR A 3 2.22 8.16 -11.18
CA THR A 3 1.75 7.06 -10.37
C THR A 3 2.53 5.78 -10.71
N TYR A 4 2.29 4.74 -9.93
CA TYR A 4 2.95 3.47 -10.13
C TYR A 4 1.95 2.34 -10.37
N TYR A 5 2.34 1.36 -11.18
CA TYR A 5 1.48 0.23 -11.50
C TYR A 5 1.15 -0.55 -10.23
N ASP A 6 -0.10 -0.97 -10.11
CA ASP A 6 -0.56 -1.72 -8.94
C ASP A 6 -0.09 -3.17 -9.01
N HIS A 7 -0.39 -3.83 -10.12
CA HIS A 7 0.00 -5.21 -10.32
C HIS A 7 1.50 -5.39 -10.17
N GLN A 8 2.23 -4.28 -10.20
CA GLN A 8 3.68 -4.30 -10.07
C GLN A 8 4.10 -4.07 -8.62
N LEU A 9 3.37 -3.21 -7.93
CA LEU A 9 3.68 -2.89 -6.54
C LEU A 9 3.34 -4.05 -5.61
N VAL A 10 2.41 -4.90 -6.03
CA VAL A 10 2.04 -6.06 -5.22
C VAL A 10 3.26 -6.95 -5.01
N GLY A 11 3.52 -7.27 -3.75
CA GLY A 11 4.67 -8.10 -3.39
C GLY A 11 5.82 -7.28 -2.83
N LEU A 12 5.58 -5.98 -2.64
CA LEU A 12 6.60 -5.08 -2.09
C LEU A 12 6.30 -4.79 -0.63
N MET A 13 7.30 -4.29 0.08
CA MET A 13 7.12 -3.97 1.50
C MET A 13 6.53 -2.57 1.64
N VAL A 14 5.25 -2.50 1.95
CA VAL A 14 4.57 -1.22 2.09
C VAL A 14 4.51 -0.78 3.55
N GLN A 15 4.63 0.52 3.78
CA GLN A 15 4.58 1.06 5.15
C GLN A 15 4.04 2.47 5.14
N THR A 16 3.80 3.03 6.33
CA THR A 16 3.28 4.38 6.44
C THR A 16 4.41 5.39 6.51
N ALA A 17 4.09 6.64 6.21
CA ALA A 17 5.09 7.72 6.25
C ALA A 17 5.65 7.88 7.66
N THR A 18 4.81 7.63 8.66
CA THR A 18 5.23 7.75 10.05
C THR A 18 6.27 6.70 10.40
N GLY A 19 6.35 5.65 9.58
CA GLY A 19 7.32 4.59 9.81
C GLY A 19 6.69 3.30 10.30
N GLU A 20 5.41 3.11 10.02
CA GLU A 20 4.71 1.90 10.44
C GLU A 20 4.79 0.84 9.37
N GLY A 21 5.47 -0.26 9.68
CA GLY A 21 5.60 -1.35 8.73
C GLY A 21 4.38 -2.24 8.70
N VAL A 22 3.41 -1.90 7.84
CA VAL A 22 2.19 -2.68 7.74
C VAL A 22 2.49 -4.10 7.24
N GLY A 23 3.49 -4.22 6.37
CA GLY A 23 3.86 -5.53 5.86
C GLY A 23 4.16 -5.51 4.38
N VAL A 24 4.07 -6.69 3.76
CA VAL A 24 4.32 -6.82 2.32
C VAL A 24 3.01 -6.95 1.59
N VAL A 25 2.77 -6.09 0.62
CA VAL A 25 1.54 -6.13 -0.13
C VAL A 25 1.52 -7.40 -0.98
N THR A 26 0.36 -8.00 -1.16
CA THR A 26 0.26 -9.21 -1.95
C THR A 26 -0.69 -9.06 -3.13
N GLU A 27 -1.47 -7.99 -3.13
CA GLU A 27 -2.41 -7.76 -4.22
C GLU A 27 -3.18 -6.46 -4.04
N VAL A 28 -3.67 -5.91 -5.15
CA VAL A 28 -4.47 -4.69 -5.13
C VAL A 28 -5.92 -5.01 -5.51
N VAL A 29 -6.88 -4.35 -4.85
CA VAL A 29 -8.30 -4.60 -5.16
C VAL A 29 -8.88 -3.49 -6.01
N HIS A 30 -9.28 -3.83 -7.23
CA HIS A 30 -9.87 -2.86 -8.14
C HIS A 30 -11.23 -2.41 -7.63
N THR A 31 -11.26 -1.25 -6.99
CA THR A 31 -12.50 -0.72 -6.45
C THR A 31 -13.21 0.15 -7.47
N ALA A 32 -14.33 0.74 -7.06
CA ALA A 32 -15.11 1.60 -7.94
C ALA A 32 -14.37 2.91 -8.24
N ALA A 33 -13.71 3.45 -7.21
CA ALA A 33 -12.97 4.69 -7.35
C ALA A 33 -11.58 4.45 -7.93
N GLY A 34 -11.00 3.31 -7.58
CA GLY A 34 -9.67 2.97 -8.07
C GLY A 34 -9.23 1.58 -7.67
N GLU A 35 -8.24 1.50 -6.79
CA GLU A 35 -7.72 0.22 -6.31
C GLU A 35 -7.40 0.27 -4.81
N LEU A 36 -7.19 -0.91 -4.23
CA LEU A 36 -6.88 -1.02 -2.80
C LEU A 36 -5.51 -1.67 -2.63
N LEU A 37 -5.02 -1.69 -1.39
CA LEU A 37 -3.73 -2.28 -1.09
C LEU A 37 -3.86 -3.40 -0.07
N ALA A 38 -3.83 -4.64 -0.55
CA ALA A 38 -3.93 -5.79 0.33
C ALA A 38 -2.56 -6.16 0.86
N VAL A 39 -2.28 -5.76 2.09
CA VAL A 39 -0.98 -6.04 2.70
C VAL A 39 -1.10 -7.13 3.75
N LYS A 40 -0.11 -8.02 3.77
CA LYS A 40 -0.09 -9.13 4.72
C LYS A 40 0.50 -8.74 6.05
N ARG A 41 -0.36 -8.50 7.04
CA ARG A 41 0.08 -8.12 8.37
C ARG A 41 0.87 -9.26 9.01
N ASP A 42 1.40 -9.01 10.20
CA ASP A 42 2.18 -10.02 10.90
C ASP A 42 1.38 -11.29 11.15
N SER A 43 0.15 -11.13 11.64
CA SER A 43 -0.70 -12.28 11.93
C SER A 43 -2.01 -12.21 11.14
N ASP A 44 -2.29 -11.07 10.54
CA ASP A 44 -3.52 -10.88 9.78
C ASP A 44 -3.24 -10.23 8.43
N GLU A 45 -4.25 -9.57 7.87
CA GLU A 45 -4.11 -8.91 6.58
C GLU A 45 -5.07 -7.73 6.48
N VAL A 46 -4.53 -6.54 6.21
CA VAL A 46 -5.35 -5.33 6.10
C VAL A 46 -5.29 -4.74 4.70
N LEU A 47 -6.23 -3.85 4.40
CA LEU A 47 -6.32 -3.22 3.09
C LEU A 47 -6.34 -1.70 3.20
N VAL A 48 -5.71 -1.02 2.25
CA VAL A 48 -5.69 0.46 2.23
C VAL A 48 -5.81 0.98 0.80
N PRO A 49 -6.65 2.01 0.57
CA PRO A 49 -6.86 2.59 -0.77
C PRO A 49 -5.59 3.15 -1.40
N PHE A 50 -5.23 2.63 -2.56
CA PHE A 50 -4.05 3.09 -3.28
C PHE A 50 -4.39 4.33 -4.09
N VAL A 51 -3.81 5.45 -3.71
CA VAL A 51 -4.06 6.71 -4.38
C VAL A 51 -2.76 7.49 -4.57
N ARG A 52 -2.72 8.34 -5.59
CA ARG A 52 -1.53 9.13 -5.87
C ARG A 52 -1.19 10.01 -4.67
N ALA A 53 -2.15 10.18 -3.77
CA ALA A 53 -1.96 11.01 -2.59
C ALA A 53 -1.44 10.16 -1.43
N ILE A 54 -2.12 9.04 -1.20
CA ILE A 54 -1.75 8.12 -0.13
C ILE A 54 -0.28 7.72 -0.21
N VAL A 55 0.14 7.22 -1.37
CA VAL A 55 1.53 6.81 -1.57
C VAL A 55 2.47 8.01 -1.50
N THR A 56 3.45 7.94 -0.59
CA THR A 56 4.41 9.02 -0.42
C THR A 56 5.75 8.68 -1.09
N SER A 57 6.27 7.50 -0.78
CA SER A 57 7.55 7.07 -1.34
C SER A 57 7.38 5.76 -2.09
N VAL A 58 8.39 5.41 -2.88
CA VAL A 58 8.35 4.18 -3.66
C VAL A 58 9.75 3.61 -3.91
N SER A 59 9.83 2.29 -3.98
CA SER A 59 11.08 1.61 -4.23
C SER A 59 10.91 0.61 -5.37
N LEU A 60 11.20 1.06 -6.59
CA LEU A 60 11.04 0.22 -7.77
C LEU A 60 12.09 -0.89 -7.84
N ASP A 61 13.35 -0.49 -7.72
CA ASP A 61 14.46 -1.43 -7.78
C ASP A 61 14.77 -2.06 -6.43
N ASP A 62 14.47 -1.33 -5.36
CA ASP A 62 14.73 -1.82 -4.01
C ASP A 62 13.66 -2.84 -3.57
N GLY A 63 12.48 -2.76 -4.18
CA GLY A 63 11.41 -3.68 -3.85
C GLY A 63 10.68 -3.30 -2.57
N ILE A 64 10.29 -2.03 -2.47
CA ILE A 64 9.60 -1.53 -1.29
C ILE A 64 8.58 -0.44 -1.67
N VAL A 65 7.63 -0.19 -0.78
CA VAL A 65 6.60 0.82 -1.01
C VAL A 65 6.27 1.59 0.27
N GLU A 66 5.85 2.84 0.11
CA GLU A 66 5.48 3.69 1.24
C GLU A 66 4.14 4.34 0.96
N ILE A 67 3.45 4.69 2.03
CA ILE A 67 2.14 5.29 1.94
C ILE A 67 1.81 6.11 3.17
N ASP A 68 0.65 6.77 3.12
CA ASP A 68 0.18 7.57 4.24
C ASP A 68 -1.32 7.37 4.39
N PRO A 69 -1.71 6.35 5.17
CA PRO A 69 -3.12 6.00 5.37
C PRO A 69 -3.85 7.00 6.24
N PRO A 70 -5.08 7.39 5.86
CA PRO A 70 -5.86 8.35 6.62
C PRO A 70 -6.34 7.79 7.95
N HIS A 71 -6.07 8.50 9.04
CA HIS A 71 -6.46 8.04 10.37
C HIS A 71 -6.07 6.58 10.58
N GLY A 72 -7.05 5.72 10.88
CA GLY A 72 -6.78 4.31 11.09
C GLY A 72 -7.13 3.44 9.91
N LEU A 73 -7.21 4.05 8.73
CA LEU A 73 -7.56 3.33 7.50
C LEU A 73 -6.51 2.28 7.12
N LEU A 74 -5.33 2.36 7.73
CA LEU A 74 -4.26 1.40 7.45
C LEU A 74 -4.70 -0.02 7.83
N ASN A 75 -5.97 -0.18 8.20
CA ASN A 75 -6.50 -1.48 8.57
C ASN A 75 -7.83 -1.75 7.87
N LEU A 76 -7.83 -2.72 6.95
CA LEU A 76 -9.03 -3.10 6.21
C LEU A 76 -9.51 -1.95 5.31
N GLU A 77 -10.22 -2.30 4.25
CA GLU A 77 -10.73 -1.31 3.31
C GLU A 77 -11.78 -0.43 3.96
N MET A 1 1.15 12.52 -10.02
CA MET A 1 2.40 12.92 -10.72
C MET A 1 2.98 11.75 -11.51
N ASP A 2 2.97 10.57 -10.90
CA ASP A 2 3.50 9.37 -11.54
C ASP A 2 2.56 8.18 -11.33
N THR A 3 2.50 7.71 -10.09
CA THR A 3 1.64 6.59 -9.74
C THR A 3 2.02 5.35 -10.57
N TYR A 4 2.89 4.51 -10.02
CA TYR A 4 3.33 3.30 -10.72
C TYR A 4 2.23 2.25 -10.78
N TYR A 5 2.47 1.21 -11.57
CA TYR A 5 1.52 0.12 -11.72
C TYR A 5 1.27 -0.59 -10.40
N ASP A 6 0.02 -0.99 -10.19
CA ASP A 6 -0.37 -1.68 -8.97
C ASP A 6 0.07 -3.14 -9.01
N HIS A 7 -0.24 -3.80 -10.12
CA HIS A 7 0.13 -5.20 -10.30
C HIS A 7 1.63 -5.39 -10.13
N GLN A 8 2.36 -4.29 -10.18
CA GLN A 8 3.80 -4.30 -10.03
C GLN A 8 4.20 -4.04 -8.58
N LEU A 9 3.41 -3.21 -7.90
CA LEU A 9 3.69 -2.86 -6.52
C LEU A 9 3.35 -4.00 -5.58
N VAL A 10 2.45 -4.89 -6.01
CA VAL A 10 2.09 -6.03 -5.18
C VAL A 10 3.31 -6.92 -4.96
N GLY A 11 3.53 -7.29 -3.70
CA GLY A 11 4.69 -8.12 -3.34
C GLY A 11 5.83 -7.30 -2.78
N LEU A 12 5.58 -6.01 -2.56
CA LEU A 12 6.59 -5.10 -2.02
C LEU A 12 6.31 -4.83 -0.54
N MET A 13 7.30 -4.30 0.16
CA MET A 13 7.15 -4.00 1.58
C MET A 13 6.47 -2.64 1.75
N VAL A 14 5.19 -2.67 2.10
CA VAL A 14 4.43 -1.44 2.28
C VAL A 14 4.53 -0.93 3.71
N GLN A 15 4.55 0.38 3.86
CA GLN A 15 4.63 1.01 5.18
C GLN A 15 4.02 2.41 5.13
N THR A 16 3.81 3.00 6.29
CA THR A 16 3.25 4.34 6.37
C THR A 16 4.36 5.39 6.39
N ALA A 17 3.98 6.64 6.13
CA ALA A 17 4.93 7.74 6.13
C ALA A 17 5.59 7.89 7.50
N THR A 18 4.84 7.53 8.54
CA THR A 18 5.36 7.62 9.90
C THR A 18 6.42 6.55 10.15
N GLY A 19 6.42 5.52 9.30
CA GLY A 19 7.38 4.46 9.44
C GLY A 19 6.78 3.18 9.99
N GLU A 20 5.46 3.02 9.83
CA GLU A 20 4.79 1.83 10.33
C GLU A 20 4.84 0.70 9.31
N GLY A 21 5.52 -0.38 9.66
CA GLY A 21 5.64 -1.51 8.76
C GLY A 21 4.37 -2.33 8.73
N VAL A 22 3.45 -1.96 7.85
CA VAL A 22 2.18 -2.67 7.73
C VAL A 22 2.41 -4.11 7.26
N GLY A 23 3.43 -4.30 6.42
CA GLY A 23 3.75 -5.63 5.91
C GLY A 23 4.08 -5.61 4.44
N VAL A 24 4.01 -6.79 3.81
CA VAL A 24 4.29 -6.91 2.38
C VAL A 24 2.98 -7.04 1.62
N VAL A 25 2.76 -6.16 0.67
CA VAL A 25 1.53 -6.20 -0.11
C VAL A 25 1.52 -7.46 -0.97
N THR A 26 0.33 -8.03 -1.16
CA THR A 26 0.21 -9.24 -1.96
C THR A 26 -0.73 -9.03 -3.14
N GLU A 27 -1.47 -7.93 -3.13
CA GLU A 27 -2.41 -7.64 -4.20
C GLU A 27 -3.14 -6.32 -4.00
N VAL A 28 -3.58 -5.73 -5.09
CA VAL A 28 -4.35 -4.50 -5.05
C VAL A 28 -5.80 -4.80 -5.44
N VAL A 29 -6.77 -4.15 -4.79
CA VAL A 29 -8.17 -4.40 -5.09
C VAL A 29 -8.77 -3.30 -5.97
N HIS A 30 -9.17 -3.66 -7.17
CA HIS A 30 -9.77 -2.70 -8.09
C HIS A 30 -11.13 -2.25 -7.58
N THR A 31 -11.16 -1.07 -6.95
CA THR A 31 -12.41 -0.54 -6.41
C THR A 31 -13.14 0.29 -7.44
N ALA A 32 -14.26 0.88 -7.02
CA ALA A 32 -15.06 1.71 -7.91
C ALA A 32 -14.36 3.02 -8.25
N ALA A 33 -13.69 3.61 -7.26
CA ALA A 33 -12.99 4.88 -7.46
C ALA A 33 -11.56 4.66 -7.92
N GLY A 34 -10.95 3.58 -7.46
CA GLY A 34 -9.58 3.28 -7.85
C GLY A 34 -9.15 1.87 -7.49
N GLU A 35 -8.25 1.76 -6.51
CA GLU A 35 -7.74 0.46 -6.07
C GLU A 35 -7.39 0.47 -4.59
N LEU A 36 -7.18 -0.72 -4.03
CA LEU A 36 -6.83 -0.88 -2.63
C LEU A 36 -5.47 -1.53 -2.47
N LEU A 37 -4.98 -1.57 -1.23
CA LEU A 37 -3.68 -2.17 -0.95
C LEU A 37 -3.81 -3.31 0.06
N ALA A 38 -3.77 -4.54 -0.44
CA ALA A 38 -3.85 -5.71 0.43
C ALA A 38 -2.47 -6.06 0.93
N VAL A 39 -2.17 -5.64 2.16
CA VAL A 39 -0.87 -5.89 2.75
C VAL A 39 -0.94 -6.99 3.81
N LYS A 40 -0.01 -7.93 3.71
CA LYS A 40 0.05 -9.05 4.65
C LYS A 40 0.85 -8.74 5.90
N ARG A 41 0.14 -8.44 6.98
CA ARG A 41 0.80 -8.15 8.26
C ARG A 41 1.61 -9.38 8.70
N ASP A 42 2.32 -9.24 9.80
CA ASP A 42 3.11 -10.35 10.33
C ASP A 42 2.25 -11.59 10.45
N SER A 43 1.06 -11.43 11.02
CA SER A 43 0.16 -12.55 11.22
C SER A 43 -1.20 -12.33 10.56
N ASP A 44 -1.53 -11.08 10.20
CA ASP A 44 -2.81 -10.78 9.58
C ASP A 44 -2.64 -10.06 8.24
N GLU A 45 -3.72 -9.42 7.76
CA GLU A 45 -3.71 -8.69 6.49
C GLU A 45 -4.76 -7.59 6.48
N VAL A 46 -4.40 -6.42 5.93
CA VAL A 46 -5.32 -5.28 5.85
C VAL A 46 -5.35 -4.67 4.46
N LEU A 47 -6.33 -3.79 4.24
CA LEU A 47 -6.49 -3.13 2.94
C LEU A 47 -6.51 -1.62 3.09
N VAL A 48 -5.80 -0.91 2.21
CA VAL A 48 -5.76 0.54 2.24
C VAL A 48 -5.83 1.12 0.82
N PRO A 49 -6.70 2.12 0.58
CA PRO A 49 -6.87 2.72 -0.76
C PRO A 49 -5.57 3.25 -1.33
N PHE A 50 -5.19 2.72 -2.49
CA PHE A 50 -3.98 3.16 -3.17
C PHE A 50 -4.29 4.35 -4.05
N VAL A 51 -3.72 5.48 -3.70
CA VAL A 51 -3.91 6.72 -4.44
C VAL A 51 -2.61 7.50 -4.51
N ARG A 52 -2.40 8.19 -5.63
CA ARG A 52 -1.19 8.98 -5.81
C ARG A 52 -0.99 9.93 -4.62
N ALA A 53 -2.06 10.16 -3.87
CA ALA A 53 -2.01 11.04 -2.72
C ALA A 53 -1.63 10.25 -1.48
N ILE A 54 -2.16 9.03 -1.40
CA ILE A 54 -1.88 8.13 -0.29
C ILE A 54 -0.41 7.72 -0.28
N VAL A 55 0.06 7.20 -1.41
CA VAL A 55 1.44 6.76 -1.53
C VAL A 55 2.40 7.94 -1.46
N THR A 56 3.36 7.86 -0.55
CA THR A 56 4.35 8.92 -0.39
C THR A 56 5.65 8.54 -1.08
N SER A 57 6.13 7.33 -0.79
CA SER A 57 7.36 6.83 -1.39
C SER A 57 7.11 5.53 -2.11
N VAL A 58 7.90 5.26 -3.14
CA VAL A 58 7.77 4.06 -3.92
C VAL A 58 9.11 3.58 -4.48
N SER A 59 9.61 2.49 -3.92
CA SER A 59 10.87 1.92 -4.36
C SER A 59 10.64 0.70 -5.26
N LEU A 60 10.97 0.85 -6.54
CA LEU A 60 10.77 -0.22 -7.50
C LEU A 60 11.93 -1.20 -7.52
N ASP A 61 13.14 -0.69 -7.32
CA ASP A 61 14.34 -1.52 -7.34
C ASP A 61 14.60 -2.15 -5.97
N ASP A 62 14.30 -1.41 -4.90
CA ASP A 62 14.51 -1.90 -3.55
C ASP A 62 13.41 -2.86 -3.13
N GLY A 63 12.37 -2.96 -3.95
CA GLY A 63 11.27 -3.85 -3.64
C GLY A 63 10.53 -3.41 -2.39
N ILE A 64 10.17 -2.12 -2.34
CA ILE A 64 9.48 -1.57 -1.18
C ILE A 64 8.44 -0.51 -1.59
N VAL A 65 7.48 -0.26 -0.71
CA VAL A 65 6.43 0.72 -0.94
C VAL A 65 6.06 1.46 0.35
N GLU A 66 5.63 2.71 0.20
CA GLU A 66 5.24 3.53 1.32
C GLU A 66 3.89 4.19 1.04
N ILE A 67 3.22 4.59 2.10
CA ILE A 67 1.89 5.20 1.99
C ILE A 67 1.58 6.07 3.19
N ASP A 68 0.44 6.74 3.12
CA ASP A 68 -0.03 7.60 4.20
C ASP A 68 -1.52 7.36 4.42
N PRO A 69 -1.86 6.26 5.10
CA PRO A 69 -3.26 5.90 5.37
C PRO A 69 -4.00 6.98 6.15
N PRO A 70 -5.22 7.35 5.71
CA PRO A 70 -6.01 8.37 6.40
C PRO A 70 -6.51 7.85 7.75
N HIS A 71 -6.25 8.60 8.81
CA HIS A 71 -6.66 8.19 10.14
C HIS A 71 -6.21 6.75 10.42
N GLY A 72 -7.15 5.88 10.79
CA GLY A 72 -6.81 4.49 11.05
C GLY A 72 -7.17 3.57 9.90
N LEU A 73 -7.29 4.14 8.71
CA LEU A 73 -7.65 3.38 7.52
C LEU A 73 -6.61 2.32 7.15
N LEU A 74 -5.44 2.37 7.78
CA LEU A 74 -4.39 1.39 7.51
C LEU A 74 -4.85 -0.02 7.88
N ASN A 75 -6.13 -0.16 8.23
CA ASN A 75 -6.68 -1.46 8.60
C ASN A 75 -7.98 -1.76 7.85
N LEU A 76 -7.93 -2.78 6.99
CA LEU A 76 -9.09 -3.19 6.21
C LEU A 76 -9.66 -2.05 5.36
N GLU A 77 -10.61 -2.41 4.49
CA GLU A 77 -11.24 -1.44 3.60
C GLU A 77 -12.52 -0.92 4.23
#